data_2BMJ
# 
_entry.id   2BMJ 
# 
_audit_conform.dict_name       mmcif_pdbx.dic 
_audit_conform.dict_version    5.382 
_audit_conform.dict_location   http://mmcif.pdb.org/dictionaries/ascii/mmcif_pdbx.dic 
# 
loop_
_database_2.database_id 
_database_2.database_code 
_database_2.pdbx_database_accession 
_database_2.pdbx_DOI 
PDB   2BMJ         pdb_00002bmj 10.2210/pdb2bmj/pdb 
PDBE  EBI-23306    ?            ?                   
WWPDB D_1290023306 ?            ?                   
# 
_pdbx_database_status.status_code                     REL 
_pdbx_database_status.entry_id                        2BMJ 
_pdbx_database_status.deposit_site                    PDBE 
_pdbx_database_status.process_site                    PDBE 
_pdbx_database_status.SG_entry                        . 
_pdbx_database_status.recvd_initial_deposition_date   2005-03-14 
_pdbx_database_status.pdb_format_compatible           Y 
_pdbx_database_status.status_code_sf                  REL 
_pdbx_database_status.status_code_mr                  ? 
_pdbx_database_status.status_code_cs                  ? 
_pdbx_database_status.methods_development_category    ? 
_pdbx_database_status.status_code_nmr_data            ? 
# 
loop_
_audit_author.name 
_audit_author.pdbx_ordinal 
'Yang, X.'                             1 
'Elkins, J.M.'                         2 
'Soundararajan, M.'                    3 
'Arrowsmith, C.'                       4 
'Edwards, A.'                          5 
'Sundstrom, M.'                        6 
'Doyle, D.A.'                          7 
'Structural Genomics Consortium (SGC)' 8 
# 
_citation.id                        primary 
_citation.title                     'The Centaurin Gamma-1 Gtpase-Like Domain Functions as an Ntpase.' 
_citation.journal_abbrev            Biochem.J. 
_citation.journal_volume            401 
_citation.page_first                679 
_citation.page_last                 ? 
_citation.year                      2007 
_citation.journal_id_ASTM           BIJOAK 
_citation.country                   UK 
_citation.journal_id_ISSN           0264-6021 
_citation.journal_id_CSD            0043 
_citation.book_publisher            ? 
_citation.pdbx_database_id_PubMed   17037982 
_citation.pdbx_database_id_DOI      10.1042/BJ20060555 
# 
loop_
_citation_author.citation_id 
_citation_author.name 
_citation_author.ordinal 
_citation_author.identifier_ORCID 
primary 'Soundararajan, M.' 1 ? 
primary 'Yang, X.'          2 ? 
primary 'Elkins, J.M.'      3 ? 
primary 'Sobott, F.'        4 ? 
primary 'Doyle, D.A.'       5 ? 
# 
_cell.entry_id           2BMJ 
_cell.length_a           62.151 
_cell.length_b           31.104 
_cell.length_c           81.928 
_cell.angle_alpha        90.00 
_cell.angle_beta         102.22 
_cell.angle_gamma        90.00 
_cell.Z_PDB              4 
_cell.pdbx_unique_axis   ? 
# 
_symmetry.entry_id                         2BMJ 
_symmetry.space_group_name_H-M             'C 1 2 1' 
_symmetry.pdbx_full_space_group_name_H-M   ? 
_symmetry.cell_setting                     ? 
_symmetry.Int_Tables_number                5 
# 
loop_
_entity.id 
_entity.type 
_entity.src_method 
_entity.pdbx_description 
_entity.formula_weight 
_entity.pdbx_number_of_molecules 
_entity.pdbx_ec 
_entity.pdbx_mutation 
_entity.pdbx_fragment 
_entity.details 
1 polymer man 'CENTAURIN GAMMA 1' 19607.291 1   ? ? 'GTPASE LIKE DOMAIN, RESIDUES 66-241' ? 
2 water   nat water               18.015    122 ? ? ?                                     ? 
# 
_entity_poly.entity_id                      1 
_entity_poly.type                           'polypeptide(L)' 
_entity_poly.nstd_linkage                   no 
_entity_poly.nstd_monomer                   no 
_entity_poly.pdbx_seq_one_letter_code       
;SMRSIPELRLGVLGDARSGKSSLIHRFLTGSYQVLEKTESEQYKKEMLVDGQTHLVLIREEAGAPDAKFSGWADAVIFVF
SLEDENSFQAVSRLHGQLSSLRGEGRGGLALALVGTQDRISASSPRVVGDARARALCADMKRCSYYETCATYGLNVDRVF
QEVAQKVVTLRKQQQLLA
;
_entity_poly.pdbx_seq_one_letter_code_can   
;SMRSIPELRLGVLGDARSGKSSLIHRFLTGSYQVLEKTESEQYKKEMLVDGQTHLVLIREEAGAPDAKFSGWADAVIFVF
SLEDENSFQAVSRLHGQLSSLRGEGRGGLALALVGTQDRISASSPRVVGDARARALCADMKRCSYYETCATYGLNVDRVF
QEVAQKVVTLRKQQQLLA
;
_entity_poly.pdbx_strand_id                 A 
_entity_poly.pdbx_target_identifier         ? 
# 
loop_
_entity_poly_seq.entity_id 
_entity_poly_seq.num 
_entity_poly_seq.mon_id 
_entity_poly_seq.hetero 
1 1   SER n 
1 2   MET n 
1 3   ARG n 
1 4   SER n 
1 5   ILE n 
1 6   PRO n 
1 7   GLU n 
1 8   LEU n 
1 9   ARG n 
1 10  LEU n 
1 11  GLY n 
1 12  VAL n 
1 13  LEU n 
1 14  GLY n 
1 15  ASP n 
1 16  ALA n 
1 17  ARG n 
1 18  SER n 
1 19  GLY n 
1 20  LYS n 
1 21  SER n 
1 22  SER n 
1 23  LEU n 
1 24  ILE n 
1 25  HIS n 
1 26  ARG n 
1 27  PHE n 
1 28  LEU n 
1 29  THR n 
1 30  GLY n 
1 31  SER n 
1 32  TYR n 
1 33  GLN n 
1 34  VAL n 
1 35  LEU n 
1 36  GLU n 
1 37  LYS n 
1 38  THR n 
1 39  GLU n 
1 40  SER n 
1 41  GLU n 
1 42  GLN n 
1 43  TYR n 
1 44  LYS n 
1 45  LYS n 
1 46  GLU n 
1 47  MET n 
1 48  LEU n 
1 49  VAL n 
1 50  ASP n 
1 51  GLY n 
1 52  GLN n 
1 53  THR n 
1 54  HIS n 
1 55  LEU n 
1 56  VAL n 
1 57  LEU n 
1 58  ILE n 
1 59  ARG n 
1 60  GLU n 
1 61  GLU n 
1 62  ALA n 
1 63  GLY n 
1 64  ALA n 
1 65  PRO n 
1 66  ASP n 
1 67  ALA n 
1 68  LYS n 
1 69  PHE n 
1 70  SER n 
1 71  GLY n 
1 72  TRP n 
1 73  ALA n 
1 74  ASP n 
1 75  ALA n 
1 76  VAL n 
1 77  ILE n 
1 78  PHE n 
1 79  VAL n 
1 80  PHE n 
1 81  SER n 
1 82  LEU n 
1 83  GLU n 
1 84  ASP n 
1 85  GLU n 
1 86  ASN n 
1 87  SER n 
1 88  PHE n 
1 89  GLN n 
1 90  ALA n 
1 91  VAL n 
1 92  SER n 
1 93  ARG n 
1 94  LEU n 
1 95  HIS n 
1 96  GLY n 
1 97  GLN n 
1 98  LEU n 
1 99  SER n 
1 100 SER n 
1 101 LEU n 
1 102 ARG n 
1 103 GLY n 
1 104 GLU n 
1 105 GLY n 
1 106 ARG n 
1 107 GLY n 
1 108 GLY n 
1 109 LEU n 
1 110 ALA n 
1 111 LEU n 
1 112 ALA n 
1 113 LEU n 
1 114 VAL n 
1 115 GLY n 
1 116 THR n 
1 117 GLN n 
1 118 ASP n 
1 119 ARG n 
1 120 ILE n 
1 121 SER n 
1 122 ALA n 
1 123 SER n 
1 124 SER n 
1 125 PRO n 
1 126 ARG n 
1 127 VAL n 
1 128 VAL n 
1 129 GLY n 
1 130 ASP n 
1 131 ALA n 
1 132 ARG n 
1 133 ALA n 
1 134 ARG n 
1 135 ALA n 
1 136 LEU n 
1 137 CYS n 
1 138 ALA n 
1 139 ASP n 
1 140 MET n 
1 141 LYS n 
1 142 ARG n 
1 143 CYS n 
1 144 SER n 
1 145 TYR n 
1 146 TYR n 
1 147 GLU n 
1 148 THR n 
1 149 CYS n 
1 150 ALA n 
1 151 THR n 
1 152 TYR n 
1 153 GLY n 
1 154 LEU n 
1 155 ASN n 
1 156 VAL n 
1 157 ASP n 
1 158 ARG n 
1 159 VAL n 
1 160 PHE n 
1 161 GLN n 
1 162 GLU n 
1 163 VAL n 
1 164 ALA n 
1 165 GLN n 
1 166 LYS n 
1 167 VAL n 
1 168 VAL n 
1 169 THR n 
1 170 LEU n 
1 171 ARG n 
1 172 LYS n 
1 173 GLN n 
1 174 GLN n 
1 175 GLN n 
1 176 LEU n 
1 177 LEU n 
1 178 ALA n 
# 
_entity_src_gen.entity_id                          1 
_entity_src_gen.pdbx_src_id                        1 
_entity_src_gen.pdbx_alt_source_flag               sample 
_entity_src_gen.pdbx_seq_type                      ? 
_entity_src_gen.pdbx_beg_seq_num                   ? 
_entity_src_gen.pdbx_end_seq_num                   ? 
_entity_src_gen.gene_src_common_name               HUMAN 
_entity_src_gen.gene_src_genus                     ? 
_entity_src_gen.pdbx_gene_src_gene                 ? 
_entity_src_gen.gene_src_species                   ? 
_entity_src_gen.gene_src_strain                    ? 
_entity_src_gen.gene_src_tissue                    ? 
_entity_src_gen.gene_src_tissue_fraction           ? 
_entity_src_gen.gene_src_details                   ? 
_entity_src_gen.pdbx_gene_src_fragment             ? 
_entity_src_gen.pdbx_gene_src_scientific_name      'HOMO SAPIENS' 
_entity_src_gen.pdbx_gene_src_ncbi_taxonomy_id     9606 
_entity_src_gen.pdbx_gene_src_variant              ? 
_entity_src_gen.pdbx_gene_src_cell_line            ? 
_entity_src_gen.pdbx_gene_src_atcc                 ? 
_entity_src_gen.pdbx_gene_src_organ                ? 
_entity_src_gen.pdbx_gene_src_organelle            ? 
_entity_src_gen.pdbx_gene_src_cell                 ? 
_entity_src_gen.pdbx_gene_src_cellular_location    ? 
_entity_src_gen.host_org_common_name               ? 
_entity_src_gen.pdbx_host_org_scientific_name      'ESCHERICHIA COLI' 
_entity_src_gen.pdbx_host_org_ncbi_taxonomy_id     469008 
_entity_src_gen.host_org_genus                     ? 
_entity_src_gen.pdbx_host_org_gene                 ? 
_entity_src_gen.pdbx_host_org_organ                ? 
_entity_src_gen.host_org_species                   ? 
_entity_src_gen.pdbx_host_org_tissue               ? 
_entity_src_gen.pdbx_host_org_tissue_fraction      ? 
_entity_src_gen.pdbx_host_org_strain               'BL21(DE3)' 
_entity_src_gen.pdbx_host_org_variant              ? 
_entity_src_gen.pdbx_host_org_cell_line            ? 
_entity_src_gen.pdbx_host_org_atcc                 ? 
_entity_src_gen.pdbx_host_org_culture_collection   ? 
_entity_src_gen.pdbx_host_org_cell                 ? 
_entity_src_gen.pdbx_host_org_organelle            ? 
_entity_src_gen.pdbx_host_org_cellular_location    ? 
_entity_src_gen.pdbx_host_org_vector_type          ? 
_entity_src_gen.pdbx_host_org_vector               PLIC-SGC 
_entity_src_gen.host_org_details                   ? 
_entity_src_gen.expression_system_id               ? 
_entity_src_gen.plasmid_name                       ? 
_entity_src_gen.plasmid_details                    ? 
_entity_src_gen.pdbx_description                   ? 
# 
_struct_ref.id                         1 
_struct_ref.db_name                    UNP 
_struct_ref.db_code                    CENG1_HUMAN 
_struct_ref.entity_id                  1 
_struct_ref.pdbx_seq_one_letter_code   ? 
_struct_ref.pdbx_align_begin           ? 
_struct_ref.pdbx_db_accession          Q99490 
_struct_ref.pdbx_db_isoform            ? 
# 
loop_
_struct_ref_seq.align_id 
_struct_ref_seq.ref_id 
_struct_ref_seq.pdbx_PDB_id_code 
_struct_ref_seq.pdbx_strand_id 
_struct_ref_seq.seq_align_beg 
_struct_ref_seq.pdbx_seq_align_beg_ins_code 
_struct_ref_seq.seq_align_end 
_struct_ref_seq.pdbx_seq_align_end_ins_code 
_struct_ref_seq.pdbx_db_accession 
_struct_ref_seq.db_align_beg 
_struct_ref_seq.pdbx_db_align_beg_ins_code 
_struct_ref_seq.db_align_end 
_struct_ref_seq.pdbx_db_align_end_ins_code 
_struct_ref_seq.pdbx_auth_seq_align_beg 
_struct_ref_seq.pdbx_auth_seq_align_end 
1 1 2BMJ A 1 ? 2   ? Q99490 64 ? 65  ? 64 65  
2 1 2BMJ A 3 ? 178 ? Q99490 66 ? 241 ? 66 241 
# 
loop_
_chem_comp.id 
_chem_comp.type 
_chem_comp.mon_nstd_flag 
_chem_comp.name 
_chem_comp.pdbx_synonyms 
_chem_comp.formula 
_chem_comp.formula_weight 
ALA 'L-peptide linking' y ALANINE         ? 'C3 H7 N O2'     89.093  
ARG 'L-peptide linking' y ARGININE        ? 'C6 H15 N4 O2 1' 175.209 
ASN 'L-peptide linking' y ASPARAGINE      ? 'C4 H8 N2 O3'    132.118 
ASP 'L-peptide linking' y 'ASPARTIC ACID' ? 'C4 H7 N O4'     133.103 
CYS 'L-peptide linking' y CYSTEINE        ? 'C3 H7 N O2 S'   121.158 
GLN 'L-peptide linking' y GLUTAMINE       ? 'C5 H10 N2 O3'   146.144 
GLU 'L-peptide linking' y 'GLUTAMIC ACID' ? 'C5 H9 N O4'     147.129 
GLY 'peptide linking'   y GLYCINE         ? 'C2 H5 N O2'     75.067  
HIS 'L-peptide linking' y HISTIDINE       ? 'C6 H10 N3 O2 1' 156.162 
HOH non-polymer         . WATER           ? 'H2 O'           18.015  
ILE 'L-peptide linking' y ISOLEUCINE      ? 'C6 H13 N O2'    131.173 
LEU 'L-peptide linking' y LEUCINE         ? 'C6 H13 N O2'    131.173 
LYS 'L-peptide linking' y LYSINE          ? 'C6 H15 N2 O2 1' 147.195 
MET 'L-peptide linking' y METHIONINE      ? 'C5 H11 N O2 S'  149.211 
PHE 'L-peptide linking' y PHENYLALANINE   ? 'C9 H11 N O2'    165.189 
PRO 'L-peptide linking' y PROLINE         ? 'C5 H9 N O2'     115.130 
SER 'L-peptide linking' y SERINE          ? 'C3 H7 N O3'     105.093 
THR 'L-peptide linking' y THREONINE       ? 'C4 H9 N O3'     119.119 
TRP 'L-peptide linking' y TRYPTOPHAN      ? 'C11 H12 N2 O2'  204.225 
TYR 'L-peptide linking' y TYROSINE        ? 'C9 H11 N O3'    181.189 
VAL 'L-peptide linking' y VALINE          ? 'C5 H11 N O2'    117.146 
# 
_exptl.entry_id          2BMJ 
_exptl.method            'X-RAY DIFFRACTION' 
_exptl.crystals_number   1 
# 
_exptl_crystal.id                    1 
_exptl_crystal.density_meas          ? 
_exptl_crystal.density_Matthews      1.98 
_exptl_crystal.density_percent_sol   37 
_exptl_crystal.description           NONE 
# 
_exptl_crystal_grow.crystal_id      1 
_exptl_crystal_grow.method          ? 
_exptl_crystal_grow.temp            ? 
_exptl_crystal_grow.temp_details    ? 
_exptl_crystal_grow.pH              7.5 
_exptl_crystal_grow.pdbx_pH_range   ? 
_exptl_crystal_grow.pdbx_details    '0.1M SPG PH 7.0; 30.0% PEG1000; 0.5% DMSO' 
# 
_diffrn.id                     1 
_diffrn.ambient_temp           100 
_diffrn.ambient_temp_details   ? 
_diffrn.crystal_id             1 
# 
_diffrn_detector.diffrn_id              1 
_diffrn_detector.detector               'IMAGE PLATE' 
_diffrn_detector.type                   RIGAKU/MSC 
_diffrn_detector.pdbx_collection_date   2005-02-09 
_diffrn_detector.details                ? 
# 
_diffrn_radiation.diffrn_id                        1 
_diffrn_radiation.wavelength_id                    1 
_diffrn_radiation.pdbx_monochromatic_or_laue_m_l   M 
_diffrn_radiation.monochromator                    ? 
_diffrn_radiation.pdbx_diffrn_protocol             'SINGLE WAVELENGTH' 
_diffrn_radiation.pdbx_scattering_type             x-ray 
# 
_diffrn_radiation_wavelength.id           1 
_diffrn_radiation_wavelength.wavelength   1.5418 
_diffrn_radiation_wavelength.wt           1.0 
# 
_diffrn_source.diffrn_id                   1 
_diffrn_source.source                      'ROTATING ANODE' 
_diffrn_source.type                        'RIGAKU FR-E' 
_diffrn_source.pdbx_synchrotron_site       ? 
_diffrn_source.pdbx_synchrotron_beamline   ? 
_diffrn_source.pdbx_wavelength             1.5418 
_diffrn_source.pdbx_wavelength_list        ? 
# 
_reflns.pdbx_diffrn_id               1 
_reflns.pdbx_ordinal                 1 
_reflns.entry_id                     2BMJ 
_reflns.observed_criterion_sigma_I   . 
_reflns.observed_criterion_sigma_F   ? 
_reflns.d_resolution_low             30.60 
_reflns.d_resolution_high            2.10 
_reflns.number_obs                   43169 
_reflns.number_all                   ? 
_reflns.percent_possible_obs         95.1 
_reflns.pdbx_Rmerge_I_obs            0.07 
_reflns.pdbx_Rsym_value              ? 
_reflns.pdbx_netI_over_sigmaI        7.50 
_reflns.B_iso_Wilson_estimate        ? 
_reflns.pdbx_redundancy              5.0 
# 
_reflns_shell.pdbx_diffrn_id         1 
_reflns_shell.pdbx_ordinal           1 
_reflns_shell.d_res_high             2.10 
_reflns_shell.d_res_low              2.21 
_reflns_shell.percent_possible_all   89.9 
_reflns_shell.Rmerge_I_obs           0.22 
_reflns_shell.pdbx_Rsym_value        ? 
_reflns_shell.meanI_over_sigI_obs    2.90 
_reflns_shell.pdbx_redundancy        4.3 
# 
_refine.pdbx_refine_id                           'X-RAY DIFFRACTION' 
_refine.entry_id                                 2BMJ 
_refine.pdbx_diffrn_id                           1 
_refine.pdbx_TLS_residual_ADP_flag               'LIKELY RESIDUAL' 
_refine.ls_number_reflns_obs                     8240 
_refine.ls_number_reflns_all                     ? 
_refine.pdbx_ls_sigma_I                          ? 
_refine.pdbx_ls_sigma_F                          ? 
_refine.pdbx_data_cutoff_high_absF               ? 
_refine.pdbx_data_cutoff_low_absF                ? 
_refine.pdbx_data_cutoff_high_rms_absF           ? 
_refine.ls_d_res_low                             80.06 
_refine.ls_d_res_high                            2.10 
_refine.ls_percent_reflns_obs                    94.1 
_refine.ls_R_factor_obs                          0.166 
_refine.ls_R_factor_all                          ? 
_refine.ls_R_factor_R_work                       0.163 
_refine.ls_R_factor_R_free                       0.225 
_refine.ls_R_factor_R_free_error                 ? 
_refine.ls_R_factor_R_free_error_details         ? 
_refine.ls_percent_reflns_R_free                 4.800 
_refine.ls_number_reflns_R_free                  413 
_refine.ls_number_parameters                     ? 
_refine.ls_number_restraints                     ? 
_refine.occupancy_min                            ? 
_refine.occupancy_max                            ? 
_refine.correlation_coeff_Fo_to_Fc               0.964 
_refine.correlation_coeff_Fo_to_Fc_free          0.922 
_refine.B_iso_mean                               34.07 
_refine.aniso_B[1][1]                            -1.11000 
_refine.aniso_B[2][2]                            1.40000 
_refine.aniso_B[3][3]                            -0.41000 
_refine.aniso_B[1][2]                            0.00000 
_refine.aniso_B[1][3]                            -0.28000 
_refine.aniso_B[2][3]                            0.00000 
_refine.solvent_model_details                    MASK 
_refine.solvent_model_param_ksol                 ? 
_refine.solvent_model_param_bsol                 ? 
_refine.pdbx_solvent_vdw_probe_radii             1.20 
_refine.pdbx_solvent_ion_probe_radii             0.80 
_refine.pdbx_solvent_shrinkage_radii             0.80 
_refine.pdbx_ls_cross_valid_method               THROUGHOUT 
_refine.details                                  'HYDROGENS HAVE BEEN ADDED IN THE RIDING POSITIONS.' 
_refine.pdbx_starting_model                      'PDB ENTRY 2RAP' 
_refine.pdbx_method_to_determine_struct          'MOLECULAR REPLACEMENT' 
_refine.pdbx_isotropic_thermal_model             ? 
_refine.pdbx_stereochemistry_target_values       'MAXIMUM LIKELIHOOD' 
_refine.pdbx_stereochem_target_val_spec_case     ? 
_refine.pdbx_R_Free_selection_details            RANDOM 
_refine.pdbx_overall_ESU_R                       0.274 
_refine.pdbx_overall_ESU_R_Free                  0.205 
_refine.overall_SU_ML                            0.144 
_refine.pdbx_overall_phase_error                 ? 
_refine.overall_SU_B                             10.489 
_refine.overall_SU_R_Cruickshank_DPI             ? 
_refine.pdbx_overall_SU_R_free_Cruickshank_DPI   ? 
_refine.pdbx_overall_SU_R_Blow_DPI               ? 
_refine.pdbx_overall_SU_R_free_Blow_DPI          ? 
# 
_refine_hist.pdbx_refine_id                   'X-RAY DIFFRACTION' 
_refine_hist.cycle_id                         LAST 
_refine_hist.pdbx_number_atoms_protein        1329 
_refine_hist.pdbx_number_atoms_nucleic_acid   0 
_refine_hist.pdbx_number_atoms_ligand         0 
_refine_hist.number_atoms_solvent             122 
_refine_hist.number_atoms_total               1451 
_refine_hist.d_res_high                       2.10 
_refine_hist.d_res_low                        80.06 
# 
loop_
_refine_ls_restr.type 
_refine_ls_restr.dev_ideal 
_refine_ls_restr.dev_ideal_target 
_refine_ls_restr.weight 
_refine_ls_restr.number 
_refine_ls_restr.pdbx_refine_id 
_refine_ls_restr.pdbx_restraint_function 
r_bond_refined_d             0.014  0.022  ? 1346 'X-RAY DIFFRACTION' ? 
r_bond_other_d               0.001  0.020  ? 1261 'X-RAY DIFFRACTION' ? 
r_angle_refined_deg          1.528  1.966  ? 1812 'X-RAY DIFFRACTION' ? 
r_angle_other_deg            0.857  3.000  ? 2914 'X-RAY DIFFRACTION' ? 
r_dihedral_angle_1_deg       6.684  5.000  ? 172  'X-RAY DIFFRACTION' ? 
r_dihedral_angle_2_deg       31.621 23.390 ? 59   'X-RAY DIFFRACTION' ? 
r_dihedral_angle_3_deg       13.784 15.000 ? 239  'X-RAY DIFFRACTION' ? 
r_dihedral_angle_4_deg       16.889 15.000 ? 12   'X-RAY DIFFRACTION' ? 
r_chiral_restr               0.087  0.200  ? 208  'X-RAY DIFFRACTION' ? 
r_gen_planes_refined         0.005  0.020  ? 1505 'X-RAY DIFFRACTION' ? 
r_gen_planes_other           0.001  0.020  ? 278  'X-RAY DIFFRACTION' ? 
r_nbd_refined                0.196  0.200  ? 232  'X-RAY DIFFRACTION' ? 
r_nbd_other                  0.193  0.200  ? 1216 'X-RAY DIFFRACTION' ? 
r_nbtor_refined              0.176  0.200  ? 614  'X-RAY DIFFRACTION' ? 
r_nbtor_other                0.084  0.200  ? 862  'X-RAY DIFFRACTION' ? 
r_xyhbond_nbd_refined        0.208  0.200  ? 91   'X-RAY DIFFRACTION' ? 
r_xyhbond_nbd_other          ?      ?      ? ?    'X-RAY DIFFRACTION' ? 
r_metal_ion_refined          ?      ?      ? ?    'X-RAY DIFFRACTION' ? 
r_metal_ion_other            ?      ?      ? ?    'X-RAY DIFFRACTION' ? 
r_symmetry_vdw_refined       0.135  0.200  ? 15   'X-RAY DIFFRACTION' ? 
r_symmetry_vdw_other         0.177  0.200  ? 56   'X-RAY DIFFRACTION' ? 
r_symmetry_hbond_refined     0.296  0.200  ? 15   'X-RAY DIFFRACTION' ? 
r_symmetry_hbond_other       ?      ?      ? ?    'X-RAY DIFFRACTION' ? 
r_symmetry_metal_ion_refined ?      ?      ? ?    'X-RAY DIFFRACTION' ? 
r_symmetry_metal_ion_other   ?      ?      ? ?    'X-RAY DIFFRACTION' ? 
r_mcbond_it                  1.068  1.500  ? 1107 'X-RAY DIFFRACTION' ? 
r_mcbond_other               ?      ?      ? ?    'X-RAY DIFFRACTION' ? 
r_mcangle_it                 1.314  2.000  ? 1361 'X-RAY DIFFRACTION' ? 
r_mcangle_other              ?      ?      ? ?    'X-RAY DIFFRACTION' ? 
r_scbond_it                  2.153  3.000  ? 560  'X-RAY DIFFRACTION' ? 
r_scbond_other               ?      ?      ? ?    'X-RAY DIFFRACTION' ? 
r_scangle_it                 3.172  4.500  ? 451  'X-RAY DIFFRACTION' ? 
r_scangle_other              ?      ?      ? ?    'X-RAY DIFFRACTION' ? 
r_long_range_B_refined       ?      ?      ? ?    'X-RAY DIFFRACTION' ? 
r_long_range_B_other         ?      ?      ? ?    'X-RAY DIFFRACTION' ? 
r_rigid_bond_restr           ?      ?      ? ?    'X-RAY DIFFRACTION' ? 
r_sphericity_free            ?      ?      ? ?    'X-RAY DIFFRACTION' ? 
r_sphericity_bonded          ?      ?      ? ?    'X-RAY DIFFRACTION' ? 
# 
_refine_ls_shell.pdbx_refine_id                   'X-RAY DIFFRACTION' 
_refine_ls_shell.pdbx_total_number_of_bins_used   20 
_refine_ls_shell.d_res_high                       2.10 
_refine_ls_shell.d_res_low                        2.15 
_refine_ls_shell.number_reflns_R_work             545 
_refine_ls_shell.R_factor_R_work                  0.1720 
_refine_ls_shell.percent_reflns_obs               ? 
_refine_ls_shell.R_factor_R_free                  0.2830 
_refine_ls_shell.R_factor_R_free_error            ? 
_refine_ls_shell.percent_reflns_R_free            ? 
_refine_ls_shell.number_reflns_R_free             29 
_refine_ls_shell.number_reflns_all                ? 
_refine_ls_shell.R_factor_all                     ? 
# 
_struct.entry_id                  2BMJ 
_struct.title                     'GTPase like domain of Centaurin Gamma 1 (Human)' 
_struct.pdbx_model_details        ? 
_struct.pdbx_CASP_flag            ? 
_struct.pdbx_model_type_details   ? 
# 
_struct_keywords.entry_id        2BMJ 
_struct_keywords.pdbx_keywords   HYDROLASE 
_struct_keywords.text            'GTPASE, STRUCTURAL GENOMICS CONSORTIUM, SGC, CENTAURIN ANK REPEAT, GTP-BINDING, HYDROLASE' 
# 
loop_
_struct_asym.id 
_struct_asym.pdbx_blank_PDB_chainid_flag 
_struct_asym.pdbx_modified 
_struct_asym.entity_id 
_struct_asym.details 
A N N 1 ? 
B N N 2 ? 
# 
_struct_biol.id   1 
# 
loop_
_struct_conf.conf_type_id 
_struct_conf.id 
_struct_conf.pdbx_PDB_helix_id 
_struct_conf.beg_label_comp_id 
_struct_conf.beg_label_asym_id 
_struct_conf.beg_label_seq_id 
_struct_conf.pdbx_beg_PDB_ins_code 
_struct_conf.end_label_comp_id 
_struct_conf.end_label_asym_id 
_struct_conf.end_label_seq_id 
_struct_conf.pdbx_end_PDB_ins_code 
_struct_conf.beg_auth_comp_id 
_struct_conf.beg_auth_asym_id 
_struct_conf.beg_auth_seq_id 
_struct_conf.end_auth_comp_id 
_struct_conf.end_auth_asym_id 
_struct_conf.end_auth_seq_id 
_struct_conf.pdbx_PDB_helix_class 
_struct_conf.details 
_struct_conf.pdbx_PDB_helix_length 
HELX_P HELX_P1 1 GLY A 19  ? GLY A 30  ? GLY A 82  GLY A 93  1 ? 12 
HELX_P HELX_P2 2 ASP A 66  ? ALA A 73  ? ASP A 129 ALA A 136 1 ? 8  
HELX_P HELX_P3 3 ASP A 84  ? ARG A 102 ? ASP A 147 ARG A 165 1 ? 19 
HELX_P HELX_P4 4 GLY A 129 ? ASP A 139 ? GLY A 192 ASP A 202 1 ? 11 
HELX_P HELX_P5 5 ASN A 155 ? LEU A 177 ? ASN A 218 LEU A 240 1 ? 23 
# 
_struct_conf_type.id          HELX_P 
_struct_conf_type.criteria    ? 
_struct_conf_type.reference   ? 
# 
_struct_sheet.id               AA 
_struct_sheet.type             ? 
_struct_sheet.number_strands   6 
_struct_sheet.details          ? 
# 
loop_
_struct_sheet_order.sheet_id 
_struct_sheet_order.range_id_1 
_struct_sheet_order.range_id_2 
_struct_sheet_order.offset 
_struct_sheet_order.sense 
AA 1 2 ? anti-parallel 
AA 2 3 ? parallel      
AA 3 4 ? parallel      
AA 4 5 ? parallel      
AA 5 6 ? parallel      
# 
loop_
_struct_sheet_range.sheet_id 
_struct_sheet_range.id 
_struct_sheet_range.beg_label_comp_id 
_struct_sheet_range.beg_label_asym_id 
_struct_sheet_range.beg_label_seq_id 
_struct_sheet_range.pdbx_beg_PDB_ins_code 
_struct_sheet_range.end_label_comp_id 
_struct_sheet_range.end_label_asym_id 
_struct_sheet_range.end_label_seq_id 
_struct_sheet_range.pdbx_end_PDB_ins_code 
_struct_sheet_range.beg_auth_comp_id 
_struct_sheet_range.beg_auth_asym_id 
_struct_sheet_range.beg_auth_seq_id 
_struct_sheet_range.end_auth_comp_id 
_struct_sheet_range.end_auth_asym_id 
_struct_sheet_range.end_auth_seq_id 
AA 1 GLU A 41  ? VAL A 49  ? GLU A 104 VAL A 112 
AA 2 GLN A 52  ? GLU A 60  ? GLN A 115 GLU A 123 
AA 3 GLU A 7   ? LEU A 13  ? GLU A 70  LEU A 76  
AA 4 ALA A 75  ? SER A 81  ? ALA A 138 SER A 144 
AA 5 ALA A 110 ? THR A 116 ? ALA A 173 THR A 179 
AA 6 CYS A 143 ? THR A 148 ? CYS A 206 THR A 211 
# 
loop_
_pdbx_struct_sheet_hbond.sheet_id 
_pdbx_struct_sheet_hbond.range_id_1 
_pdbx_struct_sheet_hbond.range_id_2 
_pdbx_struct_sheet_hbond.range_1_label_atom_id 
_pdbx_struct_sheet_hbond.range_1_label_comp_id 
_pdbx_struct_sheet_hbond.range_1_label_asym_id 
_pdbx_struct_sheet_hbond.range_1_label_seq_id 
_pdbx_struct_sheet_hbond.range_1_PDB_ins_code 
_pdbx_struct_sheet_hbond.range_1_auth_atom_id 
_pdbx_struct_sheet_hbond.range_1_auth_comp_id 
_pdbx_struct_sheet_hbond.range_1_auth_asym_id 
_pdbx_struct_sheet_hbond.range_1_auth_seq_id 
_pdbx_struct_sheet_hbond.range_2_label_atom_id 
_pdbx_struct_sheet_hbond.range_2_label_comp_id 
_pdbx_struct_sheet_hbond.range_2_label_asym_id 
_pdbx_struct_sheet_hbond.range_2_label_seq_id 
_pdbx_struct_sheet_hbond.range_2_PDB_ins_code 
_pdbx_struct_sheet_hbond.range_2_auth_atom_id 
_pdbx_struct_sheet_hbond.range_2_auth_comp_id 
_pdbx_struct_sheet_hbond.range_2_auth_asym_id 
_pdbx_struct_sheet_hbond.range_2_auth_seq_id 
AA 1 2 N VAL A 49  ? N VAL A 112 O GLN A 52  ? O GLN A 115 
AA 2 3 N LEU A 57  ? N LEU A 120 O LEU A 8   ? O LEU A 71  
AA 3 4 N GLY A 11  ? N GLY A 74  O ALA A 75  ? O ALA A 138 
AA 4 5 N VAL A 76  ? N VAL A 139 O ALA A 110 ? O ALA A 173 
AA 5 6 N LEU A 113 ? N LEU A 176 O SER A 144 ? O SER A 207 
# 
_atom_sites.entry_id                    2BMJ 
_atom_sites.fract_transf_matrix[1][1]   0.00761926 
_atom_sites.fract_transf_matrix[1][2]   -0.01387783 
_atom_sites.fract_transf_matrix[1][3]   -0.00451431 
_atom_sites.fract_transf_matrix[2][1]   -0.01716896 
_atom_sites.fract_transf_matrix[2][2]   -0.00058627 
_atom_sites.fract_transf_matrix[2][3]   -0.02717546 
_atom_sites.fract_transf_matrix[3][1]   0.00985960 
_atom_sites.fract_transf_matrix[3][2]   0.00433450 
_atom_sites.fract_transf_matrix[3][3]   -0.00632263 
_atom_sites.fract_transf_vector[1]      0.208104 
_atom_sites.fract_transf_vector[2]      0.416766 
_atom_sites.fract_transf_vector[3]      0.261355 
# 
loop_
_atom_type.symbol 
C 
N 
O 
S 
# 
loop_
_atom_site.group_PDB 
_atom_site.id 
_atom_site.type_symbol 
_atom_site.label_atom_id 
_atom_site.label_alt_id 
_atom_site.label_comp_id 
_atom_site.label_asym_id 
_atom_site.label_entity_id 
_atom_site.label_seq_id 
_atom_site.pdbx_PDB_ins_code 
_atom_site.Cartn_x 
_atom_site.Cartn_y 
_atom_site.Cartn_z 
_atom_site.occupancy 
_atom_site.B_iso_or_equiv 
_atom_site.pdbx_formal_charge 
_atom_site.auth_seq_id 
_atom_site.auth_comp_id 
_atom_site.auth_asym_id 
_atom_site.auth_atom_id 
_atom_site.pdbx_PDB_model_num 
ATOM   1    N N   . MET A 1 2   ? 20.122  19.890  -16.082 1.00 39.02 ? 65   MET A N   1 
ATOM   2    C CA  . MET A 1 2   ? 18.737  19.845  -15.487 1.00 39.12 ? 65   MET A CA  1 
ATOM   3    C C   . MET A 1 2   ? 18.698  19.050  -14.169 1.00 38.25 ? 65   MET A C   1 
ATOM   4    O O   . MET A 1 2   ? 19.008  17.852  -14.146 1.00 37.81 ? 65   MET A O   1 
ATOM   5    C CB  . MET A 1 2   ? 17.766  19.179  -16.471 1.00 40.07 ? 65   MET A CB  1 
ATOM   6    C CG  . MET A 1 2   ? 17.167  20.067  -17.585 1.00 41.96 ? 65   MET A CG  1 
ATOM   7    S SD  . MET A 1 2   ? 15.508  19.434  -18.005 1.00 42.80 ? 65   MET A SD  1 
ATOM   8    C CE  . MET A 1 2   ? 14.541  20.146  -16.666 1.00 44.86 ? 65   MET A CE  1 
ATOM   9    N N   . ARG A 1 3   ? 18.296  19.674  -13.072 1.00 36.96 ? 66   ARG A N   1 
ATOM   10   C CA  . ARG A 1 3   ? 18.261  18.931  -11.811 1.00 36.38 ? 66   ARG A CA  1 
ATOM   11   C C   . ARG A 1 3   ? 17.325  17.705  -11.858 1.00 35.20 ? 66   ARG A C   1 
ATOM   12   O O   . ARG A 1 3   ? 16.180  17.802  -12.296 1.00 32.84 ? 66   ARG A O   1 
ATOM   13   C CB  . ARG A 1 3   ? 17.882  19.853  -10.675 1.00 36.34 ? 66   ARG A CB  1 
ATOM   14   C CG  . ARG A 1 3   ? 17.897  19.188  -9.314  1.00 38.33 ? 66   ARG A CG  1 
ATOM   15   C CD  . ARG A 1 3   ? 18.338  20.198  -8.272  1.00 43.31 ? 66   ARG A CD  1 
ATOM   16   N NE  . ARG A 1 3   ? 17.342  20.395  -7.228  1.00 45.36 ? 66   ARG A NE  1 
ATOM   17   C CZ  . ARG A 1 3   ? 17.349  21.418  -6.376  1.00 45.25 ? 66   ARG A CZ  1 
ATOM   18   N NH1 . ARG A 1 3   ? 18.310  22.331  -6.418  1.00 43.78 ? 66   ARG A NH1 1 
ATOM   19   N NH2 . ARG A 1 3   ? 16.389  21.517  -5.467  1.00 45.26 ? 66   ARG A NH2 1 
ATOM   20   N N   . SER A 1 4   ? 17.836  16.551  -11.412 1.00 35.04 ? 67   SER A N   1 
ATOM   21   C CA  . SER A 1 4   ? 17.059  15.308  -11.427 1.00 35.21 ? 67   SER A CA  1 
ATOM   22   C C   . SER A 1 4   ? 15.932  15.351  -10.421 1.00 34.97 ? 67   SER A C   1 
ATOM   23   O O   . SER A 1 4   ? 16.027  16.015  -9.392  1.00 34.93 ? 67   SER A O   1 
ATOM   24   C CB  . SER A 1 4   ? 17.916  14.062  -11.160 1.00 34.89 ? 67   SER A CB  1 
ATOM   25   O OG  . SER A 1 4   ? 18.736  13.772  -12.277 1.00 37.52 ? 67   SER A OG  1 
ATOM   26   N N   . ILE A 1 5   ? 14.873  14.626  -10.766 1.00 35.12 ? 68   ILE A N   1 
ATOM   27   C CA  . ILE A 1 5   ? 13.689  14.456  -9.943  1.00 35.30 ? 68   ILE A CA  1 
ATOM   28   C C   . ILE A 1 5   ? 13.551  12.949  -9.723  1.00 35.16 ? 68   ILE A C   1 
ATOM   29   O O   . ILE A 1 5   ? 12.997  12.240  -10.582 1.00 34.57 ? 68   ILE A O   1 
ATOM   30   C CB  . ILE A 1 5   ? 12.441  15.043  -10.660 1.00 35.10 ? 68   ILE A CB  1 
ATOM   31   C CG1 . ILE A 1 5   ? 12.558  16.562  -10.753 1.00 35.79 ? 68   ILE A CG1 1 
ATOM   32   C CG2 . ILE A 1 5   ? 11.124  14.675  -9.913  1.00 36.28 ? 68   ILE A CG2 1 
ATOM   33   C CD1 . ILE A 1 5   ? 11.813  17.174  -11.932 1.00 36.29 ? 68   ILE A CD1 1 
ATOM   34   N N   . PRO A 1 6   ? 14.124  12.446  -8.607  1.00 35.06 ? 69   PRO A N   1 
ATOM   35   C CA  . PRO A 1 6   ? 13.993  11.024  -8.317  1.00 35.37 ? 69   PRO A CA  1 
ATOM   36   C C   . PRO A 1 6   ? 12.531  10.689  -7.993  1.00 35.20 ? 69   PRO A C   1 
ATOM   37   O O   . PRO A 1 6   ? 11.837  11.464  -7.349  1.00 34.45 ? 69   PRO A O   1 
ATOM   38   C CB  . PRO A 1 6   ? 14.939  10.776  -7.126  1.00 34.81 ? 69   PRO A CB  1 
ATOM   39   C CG  . PRO A 1 6   ? 15.436  12.103  -6.677  1.00 35.68 ? 69   PRO A CG  1 
ATOM   40   C CD  . PRO A 1 6   ? 14.925  13.178  -7.603  1.00 35.28 ? 69   PRO A CD  1 
ATOM   41   N N   . GLU A 1 7   ? 12.069  9.564   -8.500  1.00 35.92 ? 70   GLU A N   1 
ATOM   42   C CA  . GLU A 1 7   ? 10.645  9.266   -8.483  1.00 36.47 ? 70   GLU A CA  1 
ATOM   43   C C   . GLU A 1 7   ? 10.392  7.879   -7.878  1.00 36.08 ? 70   GLU A C   1 
ATOM   44   O O   . GLU A 1 7   ? 11.141  6.955   -8.158  1.00 36.35 ? 70   GLU A O   1 
ATOM   45   C CB  . GLU A 1 7   ? 10.082  9.411   -9.905  1.00 36.30 ? 70   GLU A CB  1 
ATOM   46   C CG  . GLU A 1 7   ? 8.806   8.671   -10.175 1.00 38.25 ? 70   GLU A CG  1 
ATOM   47   C CD  . GLU A 1 7   ? 8.425   8.726   -11.648 1.00 40.18 ? 70   GLU A CD  1 
ATOM   48   O OE1 . GLU A 1 7   ? 8.341   7.656   -12.300 1.00 44.75 ? 70   GLU A OE1 1 
ATOM   49   O OE2 . GLU A 1 7   ? 8.218   9.850   -12.148 1.00 46.46 ? 70   GLU A OE2 1 
ATOM   50   N N   . LEU A 1 8   ? 9.367   7.772   -7.034  1.00 35.58 ? 71   LEU A N   1 
ATOM   51   C CA  . LEU A 1 8   ? 8.930   6.514   -6.479  1.00 35.73 ? 71   LEU A CA  1 
ATOM   52   C C   . LEU A 1 8   ? 7.498   6.256   -6.922  1.00 35.12 ? 71   LEU A C   1 
ATOM   53   O O   . LEU A 1 8   ? 6.641   7.106   -6.794  1.00 33.66 ? 71   LEU A O   1 
ATOM   54   C CB  . LEU A 1 8   ? 8.989   6.560   -4.968  1.00 36.18 ? 71   LEU A CB  1 
ATOM   55   C CG  . LEU A 1 8   ? 10.326  6.981   -4.344  1.00 38.00 ? 71   LEU A CG  1 
ATOM   56   C CD1 . LEU A 1 8   ? 10.187  7.057   -2.844  1.00 38.94 ? 71   LEU A CD1 1 
ATOM   57   C CD2 . LEU A 1 8   ? 11.465  6.023   -4.696  1.00 38.85 ? 71   LEU A CD2 1 
ATOM   58   N N   . ARG A 1 9   ? 7.261   5.072   -7.476  1.00 34.74 ? 72   ARG A N   1 
ATOM   59   C CA  . ARG A 1 9   ? 5.976   4.729   -8.020  1.00 35.35 ? 72   ARG A CA  1 
ATOM   60   C C   . ARG A 1 9   ? 5.339   3.730   -7.077  1.00 35.01 ? 72   ARG A C   1 
ATOM   61   O O   . ARG A 1 9   ? 5.844   2.621   -6.935  1.00 35.43 ? 72   ARG A O   1 
ATOM   62   C CB  . ARG A 1 9   ? 6.141   4.145   -9.393  1.00 35.76 ? 72   ARG A CB  1 
ATOM   63   C CG  . ARG A 1 9   ? 6.807   5.056   -10.393 1.00 36.37 ? 72   ARG A CG  1 
ATOM   64   C CD  . ARG A 1 9   ? 7.007   4.265   -11.692 1.00 37.96 ? 72   ARG A CD  1 
ATOM   65   N NE  . ARG A 1 9   ? 7.394   5.089   -12.847 1.00 40.23 ? 72   ARG A NE  1 
ATOM   66   C CZ  . ARG A 1 9   ? 7.663   4.596   -14.061 1.00 41.58 ? 72   ARG A CZ  1 
ATOM   67   N NH1 . ARG A 1 9   ? 7.548   3.289   -14.320 1.00 43.28 ? 72   ARG A NH1 1 
ATOM   68   N NH2 . ARG A 1 9   ? 8.020   5.417   -15.030 1.00 41.86 ? 72   ARG A NH2 1 
ATOM   69   N N   . LEU A 1 10  ? 4.277   4.142   -6.400  1.00 34.19 ? 73   LEU A N   1 
ATOM   70   C CA  . LEU A 1 10  ? 3.625   3.291   -5.387  1.00 35.41 ? 73   LEU A CA  1 
ATOM   71   C C   . LEU A 1 10  ? 2.203   2.978   -5.785  1.00 34.00 ? 73   LEU A C   1 
ATOM   72   O O   . LEU A 1 10  ? 1.388   3.888   -5.979  1.00 32.52 ? 73   LEU A O   1 
ATOM   73   C CB  . LEU A 1 10  ? 3.561   3.950   -3.998  1.00 35.68 ? 73   LEU A CB  1 
ATOM   74   C CG  . LEU A 1 10  ? 4.776   4.661   -3.423  1.00 39.63 ? 73   LEU A CG  1 
ATOM   75   C CD1 . LEU A 1 10  ? 4.450   5.213   -2.000  1.00 41.93 ? 73   LEU A CD1 1 
ATOM   76   C CD2 . LEU A 1 10  ? 5.991   3.806   -3.405  1.00 39.90 ? 73   LEU A CD2 1 
ATOM   77   N N   . GLY A 1 11  ? 1.920   1.693   -5.913  1.00 32.81 ? 74   GLY A N   1 
ATOM   78   C CA  . GLY A 1 11  ? 0.590   1.272   -6.197  1.00 32.49 ? 74   GLY A CA  1 
ATOM   79   C C   . GLY A 1 11  ? -0.109  0.897   -4.907  1.00 32.26 ? 74   GLY A C   1 
ATOM   80   O O   . GLY A 1 11  ? 0.552   0.532   -3.894  1.00 31.83 ? 74   GLY A O   1 
ATOM   81   N N   . VAL A 1 12  ? -1.445  0.945   -4.949  1.00 32.43 ? 75   VAL A N   1 
ATOM   82   C CA  . VAL A 1 12  ? -2.276  0.626   -3.768  1.00 32.24 ? 75   VAL A CA  1 
ATOM   83   C C   . VAL A 1 12  ? -3.454  -0.218  -4.207  1.00 32.39 ? 75   VAL A C   1 
ATOM   84   O O   . VAL A 1 12  ? -4.186  0.164   -5.103  1.00 31.83 ? 75   VAL A O   1 
ATOM   85   C CB  . VAL A 1 12  ? -2.762  1.870   -3.019  1.00 32.43 ? 75   VAL A CB  1 
ATOM   86   C CG1 . VAL A 1 12  ? -3.547  1.417   -1.729  1.00 33.10 ? 75   VAL A CG1 1 
ATOM   87   C CG2 . VAL A 1 12  ? -1.576  2.787   -2.655  1.00 32.40 ? 75   VAL A CG2 1 
ATOM   88   N N   . LEU A 1 13  ? -3.584  -1.396  -3.596  1.00 31.87 ? 76   LEU A N   1 
ATOM   89   C CA  . LEU A 1 13  ? -4.605  -2.346  -3.951  1.00 32.12 ? 76   LEU A CA  1 
ATOM   90   C C   . LEU A 1 13  ? -5.426  -2.722  -2.727  1.00 31.81 ? 76   LEU A C   1 
ATOM   91   O O   . LEU A 1 13  ? -4.931  -2.746  -1.626  1.00 32.28 ? 76   LEU A O   1 
ATOM   92   C CB  . LEU A 1 13  ? -3.940  -3.609  -4.542  1.00 31.38 ? 76   LEU A CB  1 
ATOM   93   C CG  . LEU A 1 13  ? -3.179  -3.466  -5.872  1.00 31.71 ? 76   LEU A CG  1 
ATOM   94   C CD1 . LEU A 1 13  ? -2.498  -4.777  -6.297  1.00 31.24 ? 76   LEU A CD1 1 
ATOM   95   C CD2 . LEU A 1 13  ? -4.105  -2.991  -6.977  1.00 32.03 ? 76   LEU A CD2 1 
ATOM   96   N N   . GLY A 1 14  ? -6.681  -3.060  -2.944  1.00 33.11 ? 77   GLY A N   1 
ATOM   97   C CA  . GLY A 1 14  ? -7.617  -3.358  -1.856  1.00 33.83 ? 77   GLY A CA  1 
ATOM   98   C C   . GLY A 1 14  ? -9.022  -3.308  -2.392  1.00 34.24 ? 77   GLY A C   1 
ATOM   99   O O   . GLY A 1 14  ? -9.301  -2.597  -3.351  1.00 34.19 ? 77   GLY A O   1 
ATOM   100  N N   . ASP A 1 15  ? -9.933  -4.047  -1.781  1.00 35.92 ? 78   ASP A N   1 
ATOM   101  C CA  . ASP A 1 15  ? -11.347 -3.933  -2.181  1.00 36.47 ? 78   ASP A CA  1 
ATOM   102  C C   . ASP A 1 15  ? -12.042 -2.722  -1.602  1.00 36.91 ? 78   ASP A C   1 
ATOM   103  O O   . ASP A 1 15  ? -11.444 -1.925  -0.864  1.00 36.77 ? 78   ASP A O   1 
ATOM   104  C CB  . ASP A 1 15  ? -12.106 -5.237  -1.930  1.00 38.06 ? 78   ASP A CB  1 
ATOM   105  C CG  . ASP A 1 15  ? -12.537 -5.444  -0.496  1.00 40.72 ? 78   ASP A CG  1 
ATOM   106  O OD1 . ASP A 1 15  ? -12.237 -4.622  0.406   1.00 46.69 ? 78   ASP A OD1 1 
ATOM   107  O OD2 . ASP A 1 15  ? -13.232 -6.467  -0.290  1.00 48.06 ? 78   ASP A OD2 1 
ATOM   108  N N   . ALA A 1 16  ? -13.305 -2.551  -1.971  1.00 37.74 ? 79   ALA A N   1 
ATOM   109  C CA  . ALA A 1 16  ? -14.042 -1.322  -1.635  1.00 37.76 ? 79   ALA A CA  1 
ATOM   110  C C   . ALA A 1 16  ? -14.343 -1.186  -0.131  1.00 38.31 ? 79   ALA A C   1 
ATOM   111  O O   . ALA A 1 16  ? -14.654 -0.102  0.344   1.00 39.60 ? 79   ALA A O   1 
ATOM   112  C CB  . ALA A 1 16  ? -15.322 -1.255  -2.440  1.00 38.61 ? 79   ALA A CB  1 
ATOM   113  N N   . ARG A 1 17  ? -14.199 -2.269  0.626   1.00 37.32 ? 80   ARG A N   1 
ATOM   114  C CA  . ARG A 1 17  ? -14.399 -2.225  2.040   1.00 36.43 ? 80   ARG A CA  1 
ATOM   115  C C   . ARG A 1 17  ? -13.086 -2.058  2.785   1.00 36.67 ? 80   ARG A C   1 
ATOM   116  O O   . ARG A 1 17  ? -13.089 -1.979  4.023   1.00 36.37 ? 80   ARG A O   1 
ATOM   117  C CB  . ARG A 1 17  ? -15.067 -3.506  2.479   1.00 36.38 ? 80   ARG A CB  1 
ATOM   118  N N   . SER A 1 18  ? -11.961 -2.019  2.053   1.00 35.83 ? 81   SER A N   1 
ATOM   119  C CA  . SER A 1 18  ? -10.637 -2.095  2.694   1.00 34.36 ? 81   SER A CA  1 
ATOM   120  C C   . SER A 1 18  ? -10.268 -0.862  3.511   1.00 34.26 ? 81   SER A C   1 
ATOM   121  O O   . SER A 1 18  ? -9.503  -0.956  4.475   1.00 32.98 ? 81   SER A O   1 
ATOM   122  C CB  . SER A 1 18  ? -9.551  -2.370  1.661   1.00 33.95 ? 81   SER A CB  1 
ATOM   123  O OG  . SER A 1 18  ? -9.434  -1.319  0.756   1.00 31.57 ? 81   SER A OG  1 
ATOM   124  N N   . GLY A 1 19  ? -10.801 0.288   3.122   1.00 33.72 ? 82   GLY A N   1 
ATOM   125  C CA  . GLY A 1 19  ? -10.377 1.560   3.686   1.00 34.54 ? 82   GLY A CA  1 
ATOM   126  C C   . GLY A 1 19  ? -9.215  2.193   2.898   1.00 34.83 ? 82   GLY A C   1 
ATOM   127  O O   . GLY A 1 19  ? -8.607  3.149   3.372   1.00 35.11 ? 82   GLY A O   1 
ATOM   128  N N   . LYS A 1 20  ? -8.891  1.672   1.715   1.00 34.59 ? 83   LYS A N   1 
ATOM   129  C CA  . LYS A 1 20  ? -7.702  2.162   0.971   1.00 35.36 ? 83   LYS A CA  1 
ATOM   130  C C   . LYS A 1 20  ? -7.795  3.616   0.531   1.00 34.84 ? 83   LYS A C   1 
ATOM   131  O O   . LYS A 1 20  ? -6.793  4.302   0.463   1.00 33.84 ? 83   LYS A O   1 
ATOM   132  C CB  . LYS A 1 20  ? -7.349  1.284   -0.254  1.00 35.36 ? 83   LYS A CB  1 
ATOM   133  C CG  . LYS A 1 20  ? -8.407  1.189   -1.325  1.00 37.27 ? 83   LYS A CG  1 
ATOM   134  C CD  . LYS A 1 20  ? -7.877  0.502   -2.620  1.00 36.91 ? 83   LYS A CD  1 
ATOM   135  C CE  . LYS A 1 20  ? -8.835  0.712   -3.793  1.00 36.81 ? 83   LYS A CE  1 
ATOM   136  N NZ  . LYS A 1 20  ? -10.156 0.107   -3.514  1.00 43.23 ? 83   LYS A NZ  1 
ATOM   137  N N   . SER A 1 21  ? -8.996  4.075   0.193   1.00 34.98 ? 84   SER A N   1 
ATOM   138  C CA  . SER A 1 21  ? -9.138  5.430   -0.329  1.00 34.58 ? 84   SER A CA  1 
ATOM   139  C C   . SER A 1 21  ? -8.924  6.422   0.767   1.00 34.13 ? 84   SER A C   1 
ATOM   140  O O   . SER A 1 21  ? -8.250  7.455   0.582   1.00 34.24 ? 84   SER A O   1 
ATOM   141  C CB  . SER A 1 21  ? -10.529 5.627   -0.932  1.00 34.72 ? 84   SER A CB  1 
ATOM   142  O OG  . SER A 1 21  ? -10.715 4.715   -1.987  1.00 34.44 ? 84   SER A OG  1 
ATOM   143  N N   . SER A 1 22  ? -9.535  6.130   1.908   1.00 32.99 ? 85   SER A N   1 
ATOM   144  C CA  . SER A 1 22  ? -9.380  6.989   3.089   1.00 33.55 ? 85   SER A CA  1 
ATOM   145  C C   . SER A 1 22  ? -7.933  7.025   3.574   1.00 32.61 ? 85   SER A C   1 
ATOM   146  O O   . SER A 1 22  ? -7.476  8.054   4.068   1.00 31.20 ? 85   SER A O   1 
ATOM   147  C CB  . SER A 1 22  ? -10.328 6.533   4.207   1.00 33.27 ? 85   SER A CB  1 
ATOM   148  O OG  . SER A 1 22  ? -11.666 6.724   3.748   1.00 34.87 ? 85   SER A OG  1 
ATOM   149  N N   . LEU A 1 23  ? -7.256  5.883   3.480   1.00 32.27 ? 86   LEU A N   1 
ATOM   150  C CA  . LEU A 1 23  ? -5.856  5.766   3.859   1.00 32.94 ? 86   LEU A CA  1 
ATOM   151  C C   . LEU A 1 23  ? -4.943  6.658   2.958   1.00 32.83 ? 86   LEU A C   1 
ATOM   152  O O   . LEU A 1 23  ? -4.038  7.324   3.453   1.00 32.18 ? 86   LEU A O   1 
ATOM   153  C CB  . LEU A 1 23  ? -5.392  4.314   3.724   1.00 32.24 ? 86   LEU A CB  1 
ATOM   154  C CG  . LEU A 1 23  ? -3.913  4.029   4.045   1.00 33.53 ? 86   LEU A CG  1 
ATOM   155  C CD1 . LEU A 1 23  ? -3.604  4.090   5.564   1.00 35.13 ? 86   LEU A CD1 1 
ATOM   156  C CD2 . LEU A 1 23  ? -3.444  2.682   3.464   1.00 33.12 ? 86   LEU A CD2 1 
ATOM   157  N N   . ILE A 1 24  ? -5.163  6.590   1.643   1.00 32.49 ? 87   ILE A N   1 
ATOM   158  C CA  . ILE A 1 24  ? -4.388  7.387   0.690   1.00 32.41 ? 87   ILE A CA  1 
ATOM   159  C C   . ILE A 1 24  ? -4.703  8.850   0.960   1.00 31.45 ? 87   ILE A C   1 
ATOM   160  O O   . ILE A 1 24  ? -3.824  9.678   0.979   1.00 31.64 ? 87   ILE A O   1 
ATOM   161  C CB  . ILE A 1 24  ? -4.684  7.030   -0.814  1.00 31.71 ? 87   ILE A CB  1 
ATOM   162  C CG1 . ILE A 1 24  ? -4.141  5.645   -1.155  1.00 32.84 ? 87   ILE A CG1 1 
ATOM   163  C CG2 . ILE A 1 24  ? -4.020  8.006   -1.740  1.00 32.03 ? 87   ILE A CG2 1 
ATOM   164  C CD1 . ILE A 1 24  ? -4.742  5.080   -2.459  1.00 33.17 ? 87   ILE A CD1 1 
ATOM   165  N N   . HIS A 1 25  ? -5.956  9.148   1.207   1.00 31.38 ? 88   HIS A N   1 
ATOM   166  C CA  . HIS A 1 25  ? -6.372  10.521  1.371   1.00 31.60 ? 88   HIS A CA  1 
ATOM   167  C C   . HIS A 1 25  ? -5.785  11.152  2.665   1.00 31.38 ? 88   HIS A C   1 
ATOM   168  O O   . HIS A 1 25  ? -5.380  12.319  2.692   1.00 31.80 ? 88   HIS A O   1 
ATOM   169  C CB  . HIS A 1 25  ? -7.894  10.619  1.298   1.00 31.63 ? 88   HIS A CB  1 
ATOM   170  C CG  . HIS A 1 25  ? -8.386  12.028  1.240   1.00 32.07 ? 88   HIS A CG  1 
ATOM   171  N ND1 . HIS A 1 25  ? -8.965  12.655  2.321   1.00 32.33 ? 88   HIS A ND1 1 
ATOM   172  C CD2 . HIS A 1 25  ? -8.376  12.934  0.237   1.00 33.80 ? 88   HIS A CD2 1 
ATOM   173  C CE1 . HIS A 1 25  ? -9.287  13.892  1.990   1.00 34.74 ? 88   HIS A CE1 1 
ATOM   174  N NE2 . HIS A 1 25  ? -8.941  14.086  0.730   1.00 35.15 ? 88   HIS A NE2 1 
ATOM   175  N N   . ARG A 1 26  ? -5.764  10.365  3.716   1.00 31.21 ? 89   ARG A N   1 
ATOM   176  C CA  . ARG A 1 26  ? -5.115  10.724  5.004   1.00 31.34 ? 89   ARG A CA  1 
ATOM   177  C C   . ARG A 1 26  ? -3.648  11.049  4.817   1.00 30.50 ? 89   ARG A C   1 
ATOM   178  O O   . ARG A 1 26  ? -3.174  12.056  5.280   1.00 30.72 ? 89   ARG A O   1 
ATOM   179  C CB  . ARG A 1 26  ? -5.317  9.572   6.044   1.00 30.10 ? 89   ARG A CB  1 
ATOM   180  C CG  . ARG A 1 26  ? -4.683  9.770   7.398   1.00 32.02 ? 89   ARG A CG  1 
ATOM   181  C CD  . ARG A 1 26  ? -5.195  11.067  8.042   1.00 32.38 ? 89   ARG A CD  1 
ATOM   182  N NE  . ARG A 1 26  ? -4.311  11.590  9.053   1.00 33.27 ? 89   ARG A NE  1 
ATOM   183  C CZ  . ARG A 1 26  ? -4.657  11.890  10.303  1.00 33.78 ? 89   ARG A CZ  1 
ATOM   184  N NH1 . ARG A 1 26  ? -5.875  11.652  10.764  1.00 34.80 ? 89   ARG A NH1 1 
ATOM   185  N NH2 . ARG A 1 26  ? -3.755  12.424  11.110  1.00 33.64 ? 89   ARG A NH2 1 
ATOM   186  N N   . PHE A 1 27  ? -2.930  10.189  4.128   1.00 31.60 ? 90   PHE A N   1 
ATOM   187  C CA  . PHE A 1 27  ? -1.485  10.394  3.885   1.00 31.36 ? 90   PHE A CA  1 
ATOM   188  C C   . PHE A 1 27  ? -1.226  11.684  3.137   1.00 31.44 ? 90   PHE A C   1 
ATOM   189  O O   . PHE A 1 27  ? -0.354  12.456  3.522   1.00 32.08 ? 90   PHE A O   1 
ATOM   190  C CB  . PHE A 1 27  ? -0.888  9.210   3.101   1.00 31.66 ? 90   PHE A CB  1 
ATOM   191  C CG  . PHE A 1 27  ? 0.504   9.433   2.631   1.00 31.68 ? 90   PHE A CG  1 
ATOM   192  C CD1 . PHE A 1 27  ? 1.533   9.609   3.549   1.00 34.99 ? 90   PHE A CD1 1 
ATOM   193  C CD2 . PHE A 1 27  ? 0.810   9.445   1.293   1.00 32.71 ? 90   PHE A CD2 1 
ATOM   194  C CE1 . PHE A 1 27  ? 2.833   9.819   3.140   1.00 33.03 ? 90   PHE A CE1 1 
ATOM   195  C CE2 . PHE A 1 27  ? 2.119   9.622   0.878   1.00 32.25 ? 90   PHE A CE2 1 
ATOM   196  C CZ  . PHE A 1 27  ? 3.113   9.821   1.803   1.00 33.46 ? 90   PHE A CZ  1 
ATOM   197  N N   . LEU A 1 28  ? -1.992  11.927  2.085   1.00 31.17 ? 91   LEU A N   1 
ATOM   198  C CA  . LEU A 1 28  ? -1.811  13.089  1.229   1.00 31.23 ? 91   LEU A CA  1 
ATOM   199  C C   . LEU A 1 28  ? -2.160  14.428  1.868   1.00 31.08 ? 91   LEU A C   1 
ATOM   200  O O   . LEU A 1 28  ? -1.471  15.421  1.644   1.00 31.46 ? 91   LEU A O   1 
ATOM   201  C CB  . LEU A 1 28  ? -2.686  12.923  -0.004  1.00 31.38 ? 91   LEU A CB  1 
ATOM   202  C CG  . LEU A 1 28  ? -2.273  11.777  -0.947  1.00 33.12 ? 91   LEU A CG  1 
ATOM   203  C CD1 . LEU A 1 28  ? -3.253  11.701  -2.124  1.00 34.06 ? 91   LEU A CD1 1 
ATOM   204  C CD2 . LEU A 1 28  ? -0.864  11.953  -1.460  1.00 35.15 ? 91   LEU A CD2 1 
ATOM   205  N N   . THR A 1 29  ? -3.245  14.449  2.642   1.00 30.74 ? 92   THR A N   1 
ATOM   206  C CA  . THR A 1 29  ? -3.865  15.689  3.135   1.00 31.25 ? 92   THR A CA  1 
ATOM   207  C C   . THR A 1 29  ? -3.864  15.855  4.660   1.00 31.08 ? 92   THR A C   1 
ATOM   208  O O   . THR A 1 29  ? -4.126  16.960  5.154   1.00 31.37 ? 92   THR A O   1 
ATOM   209  C CB  . THR A 1 29  ? -5.385  15.809  2.704   1.00 30.72 ? 92   THR A CB  1 
ATOM   210  O OG1 . THR A 1 29  ? -6.157  14.800  3.370   1.00 30.46 ? 92   THR A OG1 1 
ATOM   211  C CG2 . THR A 1 29  ? -5.550  15.719  1.203   1.00 32.19 ? 92   THR A CG2 1 
ATOM   212  N N   . GLY A 1 30  ? -3.640  14.771  5.388   1.00 31.21 ? 93   GLY A N   1 
ATOM   213  C CA  . GLY A 1 30  ? -3.783  14.788  6.824   1.00 32.09 ? 93   GLY A CA  1 
ATOM   214  C C   . GLY A 1 30  ? -5.221  14.647  7.308   1.00 32.51 ? 93   GLY A C   1 
ATOM   215  O O   . GLY A 1 30  ? -5.433  14.503  8.504   1.00 32.41 ? 93   GLY A O   1 
ATOM   216  N N   . SER A 1 31  ? -6.202  14.703  6.397   1.00 33.39 ? 94   SER A N   1 
ATOM   217  C CA  . SER A 1 31  ? -7.635  14.589  6.735   1.00 34.37 ? 94   SER A CA  1 
ATOM   218  C C   . SER A 1 31  ? -8.190  13.170  6.640   1.00 34.86 ? 94   SER A C   1 
ATOM   219  O O   . SER A 1 31  ? -7.831  12.402  5.739   1.00 33.99 ? 94   SER A O   1 
ATOM   220  C CB  . SER A 1 31  ? -8.516  15.451  5.806   1.00 33.86 ? 94   SER A CB  1 
ATOM   221  O OG  . SER A 1 31  ? -8.396  16.850  6.036   1.00 36.30 ? 94   SER A OG  1 
ATOM   222  N N   . TYR A 1 32  ? -9.103  12.840  7.556   1.00 37.01 ? 95   TYR A N   1 
ATOM   223  C CA  . TYR A 1 32  ? -9.880  11.623  7.425   1.00 38.43 ? 95   TYR A CA  1 
ATOM   224  C C   . TYR A 1 32  ? -11.204 11.998  6.764   1.00 40.11 ? 95   TYR A C   1 
ATOM   225  O O   . TYR A 1 32  ? -11.905 12.906  7.223   1.00 40.09 ? 95   TYR A O   1 
ATOM   226  C CB  . TYR A 1 32  ? -10.181 10.950  8.764   1.00 38.73 ? 95   TYR A CB  1 
ATOM   227  C CG  . TYR A 1 32  ? -11.009 9.700   8.551   1.00 37.22 ? 95   TYR A CG  1 
ATOM   228  C CD1 . TYR A 1 32  ? -10.421 8.567   8.012   1.00 38.72 ? 95   TYR A CD1 1 
ATOM   229  C CD2 . TYR A 1 32  ? -12.370 9.672   8.817   1.00 36.33 ? 95   TYR A CD2 1 
ATOM   230  C CE1 . TYR A 1 32  ? -11.135 7.442   7.750   1.00 39.77 ? 95   TYR A CE1 1 
ATOM   231  C CE2 . TYR A 1 32  ? -13.110 8.528   8.590   1.00 38.99 ? 95   TYR A CE2 1 
ATOM   232  C CZ  . TYR A 1 32  ? -12.478 7.403   8.055   1.00 39.17 ? 95   TYR A CZ  1 
ATOM   233  O OH  . TYR A 1 32  ? -13.151 6.221   7.778   1.00 41.11 ? 95   TYR A OH  1 
ATOM   234  N N   . GLN A 1 33  ? -11.538 11.281  5.700   1.00 41.56 ? 96   GLN A N   1 
ATOM   235  C CA  . GLN A 1 33  ? -12.842 11.370  5.072   1.00 43.07 ? 96   GLN A CA  1 
ATOM   236  C C   . GLN A 1 33  ? -13.282 9.952   4.761   1.00 43.60 ? 96   GLN A C   1 
ATOM   237  O O   . GLN A 1 33  ? -12.477 9.119   4.380   1.00 42.10 ? 96   GLN A O   1 
ATOM   238  C CB  . GLN A 1 33  ? -12.787 12.187  3.782   1.00 43.74 ? 96   GLN A CB  1 
ATOM   239  C CG  . GLN A 1 33  ? -12.240 13.624  3.902   1.00 47.48 ? 96   GLN A CG  1 
ATOM   240  C CD  . GLN A 1 33  ? -13.092 14.591  4.753   1.00 50.41 ? 96   GLN A CD  1 
ATOM   241  O OE1 . GLN A 1 33  ? -14.283 14.377  4.978   1.00 54.19 ? 96   GLN A OE1 1 
ATOM   242  N NE2 . GLN A 1 33  ? -12.468 15.685  5.199   1.00 50.55 ? 96   GLN A NE2 1 
ATOM   243  N N   . VAL A 1 34  ? -14.563 9.678   4.979   1.00 45.97 ? 97   VAL A N   1 
ATOM   244  C CA  . VAL A 1 34  ? -15.159 8.395   4.624   1.00 47.38 ? 97   VAL A CA  1 
ATOM   245  C C   . VAL A 1 34  ? -15.373 8.476   3.120   1.00 48.70 ? 97   VAL A C   1 
ATOM   246  O O   . VAL A 1 34  ? -16.222 9.241   2.640   1.00 49.29 ? 97   VAL A O   1 
ATOM   247  C CB  . VAL A 1 34  ? -16.484 8.116   5.385   1.00 47.94 ? 97   VAL A CB  1 
ATOM   248  C CG1 . VAL A 1 34  ? -16.920 6.674   5.169   1.00 48.37 ? 97   VAL A CG1 1 
ATOM   249  C CG2 . VAL A 1 34  ? -16.313 8.344   6.863   1.00 47.44 ? 97   VAL A CG2 1 
ATOM   250  N N   . LEU A 1 35  ? -14.521 7.741   2.401   1.00 49.93 ? 98   LEU A N   1 
ATOM   251  C CA  . LEU A 1 35  ? -14.465 7.698   0.948   1.00 50.54 ? 98   LEU A CA  1 
ATOM   252  C C   . LEU A 1 35  ? -14.469 6.247   0.458   1.00 51.19 ? 98   LEU A C   1 
ATOM   253  O O   . LEU A 1 35  ? -13.784 5.394   1.016   1.00 51.08 ? 98   LEU A O   1 
ATOM   254  C CB  . LEU A 1 35  ? -13.132 8.268   0.465   1.00 50.72 ? 98   LEU A CB  1 
ATOM   255  C CG  . LEU A 1 35  ? -12.685 9.674   0.795   1.00 51.18 ? 98   LEU A CG  1 
ATOM   256  C CD1 . LEU A 1 35  ? -11.351 9.894   0.108   1.00 51.01 ? 98   LEU A CD1 1 
ATOM   257  C CD2 . LEU A 1 35  ? -13.720 10.709  0.326   1.00 50.77 ? 98   LEU A CD2 1 
ATOM   258  N N   . GLU A 1 36  ? -15.182 5.981   -0.623  1.00 52.36 ? 99   GLU A N   1 
ATOM   259  C CA  . GLU A 1 36  ? -14.866 4.818   -1.446  1.00 53.27 ? 99   GLU A CA  1 
ATOM   260  C C   . GLU A 1 36  ? -14.709 5.328   -2.853  1.00 54.72 ? 99   GLU A C   1 
ATOM   261  O O   . GLU A 1 36  ? -15.697 5.697   -3.494  1.00 55.41 ? 99   GLU A O   1 
ATOM   262  C CB  . GLU A 1 36  ? -15.951 3.750   -1.379  1.00 53.63 ? 99   GLU A CB  1 
ATOM   263  N N   . LYS A 1 37  ? -13.472 5.396   -3.332  1.00 55.49 ? 100  LYS A N   1 
ATOM   264  C CA  . LYS A 1 37  ? -13.272 5.623   -4.750  1.00 56.14 ? 100  LYS A CA  1 
ATOM   265  C C   . LYS A 1 37  ? -13.820 4.377   -5.471  1.00 56.83 ? 100  LYS A C   1 
ATOM   266  O O   . LYS A 1 37  ? -13.326 3.255   -5.262  1.00 57.45 ? 100  LYS A O   1 
ATOM   267  C CB  . LYS A 1 37  ? -11.796 5.839   -5.095  1.00 55.76 ? 100  LYS A CB  1 
ATOM   268  C CG  . LYS A 1 37  ? -11.116 7.003   -4.412  1.00 55.62 ? 100  LYS A CG  1 
ATOM   269  C CD  . LYS A 1 37  ? -11.654 8.353   -4.812  1.00 55.60 ? 100  LYS A CD  1 
ATOM   270  C CE  . LYS A 1 37  ? -10.973 9.454   -4.005  1.00 56.02 ? 100  LYS A CE  1 
ATOM   271  N NZ  . LYS A 1 37  ? -11.184 10.805  -4.576  1.00 57.56 ? 100  LYS A NZ  1 
ATOM   272  N N   . THR A 1 38  ? -14.857 4.567   -6.292  1.00 57.07 ? 101  THR A N   1 
ATOM   273  C CA  . THR A 1 38  ? -15.317 3.511   -7.202  1.00 57.09 ? 101  THR A CA  1 
ATOM   274  C C   . THR A 1 38  ? -14.273 3.218   -8.299  1.00 57.28 ? 101  THR A C   1 
ATOM   275  O O   . THR A 1 38  ? -14.218 2.099   -8.833  1.00 57.57 ? 101  THR A O   1 
ATOM   276  C CB  . THR A 1 38  ? -16.712 3.823   -7.850  1.00 57.28 ? 101  THR A CB  1 
ATOM   277  O OG1 . THR A 1 38  ? -16.990 5.237   -7.850  1.00 56.92 ? 101  THR A OG1 1 
ATOM   278  C CG2 . THR A 1 38  ? -17.819 3.096   -7.113  1.00 57.51 ? 101  THR A CG2 1 
ATOM   279  N N   . GLU A 1 39  ? -13.430 4.205   -8.601  1.00 57.05 ? 102  GLU A N   1 
ATOM   280  C CA  . GLU A 1 39  ? -12.505 4.122   -9.728  1.00 56.91 ? 102  GLU A CA  1 
ATOM   281  C C   . GLU A 1 39  ? -11.044 4.302   -9.368  1.00 56.46 ? 102  GLU A C   1 
ATOM   282  O O   . GLU A 1 39  ? -10.697 4.889   -8.346  1.00 57.00 ? 102  GLU A O   1 
ATOM   283  C CB  . GLU A 1 39  ? -12.834 5.205   -10.743 1.00 57.08 ? 102  GLU A CB  1 
ATOM   284  C CG  . GLU A 1 39  ? -14.128 4.992   -11.452 1.00 58.12 ? 102  GLU A CG  1 
ATOM   285  C CD  . GLU A 1 39  ? -14.440 6.125   -12.372 1.00 58.36 ? 102  GLU A CD  1 
ATOM   286  O OE1 . GLU A 1 39  ? -13.549 6.486   -13.174 1.00 62.40 ? 102  GLU A OE1 1 
ATOM   287  O OE2 . GLU A 1 39  ? -15.567 6.654   -12.304 1.00 60.44 ? 102  GLU A OE2 1 
ATOM   288  N N   . SER A 1 40  ? -10.197 3.819   -10.268 1.00 55.55 ? 103  SER A N   1 
ATOM   289  C CA  . SER A 1 40  ? -8.766  3.987   -10.165 1.00 54.77 ? 103  SER A CA  1 
ATOM   290  C C   . SER A 1 40  ? -8.433  5.468   -10.283 1.00 54.19 ? 103  SER A C   1 
ATOM   291  O O   . SER A 1 40  ? -9.090  6.188   -11.043 1.00 54.23 ? 103  SER A O   1 
ATOM   292  C CB  . SER A 1 40  ? -8.074  3.202   -11.288 1.00 54.84 ? 103  SER A CB  1 
ATOM   293  O OG  . SER A 1 40  ? -8.582  1.872   -11.373 1.00 55.16 ? 103  SER A OG  1 
ATOM   294  N N   . GLU A 1 41  ? -7.424  5.920   -9.537  1.00 52.93 ? 104  GLU A N   1 
ATOM   295  C CA  . GLU A 1 41  ? -6.948  7.299   -9.632  1.00 52.02 ? 104  GLU A CA  1 
ATOM   296  C C   . GLU A 1 41  ? -5.452  7.384   -9.345  1.00 50.48 ? 104  GLU A C   1 
ATOM   297  O O   . GLU A 1 41  ? -4.890  6.456   -8.743  1.00 49.20 ? 104  GLU A O   1 
ATOM   298  C CB  . GLU A 1 41  ? -7.723  8.226   -8.694  1.00 52.12 ? 104  GLU A CB  1 
ATOM   299  C CG  . GLU A 1 41  ? -7.558  9.723   -9.094  1.00 53.52 ? 104  GLU A CG  1 
ATOM   300  C CD  . GLU A 1 41  ? -8.464  10.680  -8.328  1.00 54.63 ? 104  GLU A CD  1 
ATOM   301  O OE1 . GLU A 1 41  ? -9.590  10.270  -7.960  1.00 59.42 ? 104  GLU A OE1 1 
ATOM   302  O OE2 . GLU A 1 41  ? -8.045  11.848  -8.096  1.00 57.28 ? 104  GLU A OE2 1 
ATOM   303  N N   . GLN A 1 42  ? -4.816  8.458   -9.841  1.00 48.78 ? 105  GLN A N   1 
ATOM   304  C CA  . GLN A 1 42  ? -3.409  8.750   -9.561  1.00 48.35 ? 105  GLN A CA  1 
ATOM   305  C C   . GLN A 1 42  ? -3.260  10.033  -8.737  1.00 47.20 ? 105  GLN A C   1 
ATOM   306  O O   . GLN A 1 42  ? -4.034  10.964  -8.900  1.00 46.99 ? 105  GLN A O   1 
ATOM   307  C CB  . GLN A 1 42  ? -2.553  8.858   -10.838 1.00 47.98 ? 105  GLN A CB  1 
ATOM   308  C CG  . GLN A 1 42  ? -1.041  8.796   -10.473 1.00 49.22 ? 105  GLN A CG  1 
ATOM   309  C CD  . GLN A 1 42  ? -0.073  8.952   -11.626 1.00 49.33 ? 105  GLN A CD  1 
ATOM   310  O OE1 . GLN A 1 42  ? 0.482   7.970   -12.113 1.00 50.93 ? 105  GLN A OE1 1 
ATOM   311  N NE2 . GLN A 1 42  ? 0.183   10.195  -12.030 1.00 51.07 ? 105  GLN A NE2 1 
ATOM   312  N N   . TYR A 1 43  ? -2.257  10.052  -7.856  1.00 46.21 ? 106  TYR A N   1 
ATOM   313  C CA  . TYR A 1 43  ? -1.935  11.195  -6.987  1.00 45.67 ? 106  TYR A CA  1 
ATOM   314  C C   . TYR A 1 43  ? -0.411  11.381  -6.933  1.00 44.89 ? 106  TYR A C   1 
ATOM   315  O O   . TYR A 1 43  ? 0.353   10.486  -7.292  1.00 43.83 ? 106  TYR A O   1 
ATOM   316  C CB  . TYR A 1 43  ? -2.453  10.974  -5.561  1.00 45.02 ? 106  TYR A CB  1 
ATOM   317  C CG  . TYR A 1 43  ? -3.841  10.380  -5.450  1.00 45.19 ? 106  TYR A CG  1 
ATOM   318  C CD1 . TYR A 1 43  ? -4.969  11.186  -5.350  1.00 46.61 ? 106  TYR A CD1 1 
ATOM   319  C CD2 . TYR A 1 43  ? -4.029  9.000   -5.420  1.00 45.64 ? 106  TYR A CD2 1 
ATOM   320  C CE1 . TYR A 1 43  ? -6.254  10.632  -5.232  1.00 46.16 ? 106  TYR A CE1 1 
ATOM   321  C CE2 . TYR A 1 43  ? -5.310  8.437   -5.296  1.00 45.97 ? 106  TYR A CE2 1 
ATOM   322  C CZ  . TYR A 1 43  ? -6.411  9.258   -5.199  1.00 46.63 ? 106  TYR A CZ  1 
ATOM   323  O OH  . TYR A 1 43  ? -7.670  8.703   -5.087  1.00 47.53 ? 106  TYR A OH  1 
ATOM   324  N N   . LYS A 1 44  ? 0.027   12.526  -6.439  1.00 44.52 ? 107  LYS A N   1 
ATOM   325  C CA  . LYS A 1 44  ? 1.455   12.857  -6.384  1.00 44.89 ? 107  LYS A CA  1 
ATOM   326  C C   . LYS A 1 44  ? 1.813   13.519  -5.051  1.00 44.09 ? 107  LYS A C   1 
ATOM   327  O O   . LYS A 1 44  ? 1.049   14.295  -4.537  1.00 44.33 ? 107  LYS A O   1 
ATOM   328  C CB  . LYS A 1 44  ? 1.819   13.771  -7.567  1.00 44.93 ? 107  LYS A CB  1 
ATOM   329  C CG  . LYS A 1 44  ? 1.126   15.132  -7.528  1.00 46.22 ? 107  LYS A CG  1 
ATOM   330  C CD  . LYS A 1 44  ? 0.789   15.660  -8.919  1.00 46.96 ? 107  LYS A CD  1 
ATOM   331  C CE  . LYS A 1 44  ? 0.291   17.115  -8.899  1.00 49.10 ? 107  LYS A CE  1 
ATOM   332  N NZ  . LYS A 1 44  ? -1.192  17.276  -8.714  1.00 51.72 ? 107  LYS A NZ  1 
ATOM   333  N N   . LYS A 1 45  ? 2.961   13.196  -4.483  1.00 44.34 ? 108  LYS A N   1 
ATOM   334  C CA  . LYS A 1 45  ? 3.454   13.873  -3.281  1.00 44.99 ? 108  LYS A CA  1 
ATOM   335  C C   . LYS A 1 45  ? 4.985   13.890  -3.257  1.00 45.11 ? 108  LYS A C   1 
ATOM   336  O O   . LYS A 1 45  ? 5.615   12.973  -3.763  1.00 45.17 ? 108  LYS A O   1 
ATOM   337  C CB  . LYS A 1 45  ? 2.957   13.165  -2.026  1.00 44.71 ? 108  LYS A CB  1 
ATOM   338  C CG  . LYS A 1 45  ? 2.840   14.079  -0.859  1.00 45.11 ? 108  LYS A CG  1 
ATOM   339  C CD  . LYS A 1 45  ? 2.843   13.302  0.422   1.00 46.30 ? 108  LYS A CD  1 
ATOM   340  C CE  . LYS A 1 45  ? 2.270   14.109  1.552   1.00 47.20 ? 108  LYS A CE  1 
ATOM   341  N NZ  . LYS A 1 45  ? 2.268   13.255  2.735   1.00 48.54 ? 108  LYS A NZ  1 
ATOM   342  N N   . GLU A 1 46  ? 5.574   14.933  -2.677  1.00 44.86 ? 109  GLU A N   1 
ATOM   343  C CA  . GLU A 1 46  ? 7.017   14.948  -2.414  1.00 45.22 ? 109  GLU A CA  1 
ATOM   344  C C   . GLU A 1 46  ? 7.318   14.345  -1.059  1.00 44.73 ? 109  GLU A C   1 
ATOM   345  O O   . GLU A 1 46  ? 6.610   14.603  -0.100  1.00 45.09 ? 109  GLU A O   1 
ATOM   346  C CB  . GLU A 1 46  ? 7.563   16.364  -2.456  1.00 45.31 ? 109  GLU A CB  1 
ATOM   347  C CG  . GLU A 1 46  ? 7.633   16.954  -3.846  1.00 45.73 ? 109  GLU A CG  1 
ATOM   348  C CD  . GLU A 1 46  ? 8.160   18.380  -3.813  1.00 47.59 ? 109  GLU A CD  1 
ATOM   349  O OE1 . GLU A 1 46  ? 8.092   19.063  -4.859  1.00 51.13 ? 109  GLU A OE1 1 
ATOM   350  O OE2 . GLU A 1 46  ? 8.618   18.839  -2.728  1.00 50.87 ? 109  GLU A OE2 1 
ATOM   351  N N   . MET A 1 47  ? 8.372   13.549  -0.988  1.00 44.42 ? 110  MET A N   1 
ATOM   352  C CA  . MET A 1 47  ? 8.761   12.853  0.232   1.00 44.50 ? 110  MET A CA  1 
ATOM   353  C C   . MET A 1 47  ? 10.287  12.941  0.386   1.00 43.78 ? 110  MET A C   1 
ATOM   354  O O   . MET A 1 47  ? 11.008  12.773  -0.602  1.00 42.80 ? 110  MET A O   1 
ATOM   355  C CB  . MET A 1 47  ? 8.356   11.375  0.154   1.00 44.38 ? 110  MET A CB  1 
ATOM   356  C CG  . MET A 1 47  ? 6.858   11.063  0.299   1.00 46.02 ? 110  MET A CG  1 
ATOM   357  S SD  . MET A 1 47  ? 6.519   9.257   0.427   1.00 46.60 ? 110  MET A SD  1 
ATOM   358  C CE  . MET A 1 47  ? 7.122   8.955   2.071   1.00 47.98 ? 110  MET A CE  1 
ATOM   359  N N   . LEU A 1 48  ? 10.775  13.171  1.611   1.00 42.88 ? 111  LEU A N   1 
ATOM   360  C CA  . LEU A 1 48  ? 12.213  13.120  1.868   1.00 43.22 ? 111  LEU A CA  1 
ATOM   361  C C   . LEU A 1 48  ? 12.570  11.696  2.203   1.00 42.80 ? 111  LEU A C   1 
ATOM   362  O O   . LEU A 1 48  ? 11.965  11.124  3.104   1.00 42.83 ? 111  LEU A O   1 
ATOM   363  C CB  . LEU A 1 48  ? 12.648  14.049  3.027   1.00 43.05 ? 111  LEU A CB  1 
ATOM   364  C CG  . LEU A 1 48  ? 14.150  14.380  3.042   1.00 42.52 ? 111  LEU A CG  1 
ATOM   365  C CD1 . LEU A 1 48  ? 14.540  15.180  1.837   1.00 41.15 ? 111  LEU A CD1 1 
ATOM   366  C CD2 . LEU A 1 48  ? 14.560  15.156  4.280   1.00 43.26 ? 111  LEU A CD2 1 
ATOM   367  N N   . VAL A 1 49  ? 13.510  11.116  1.466   1.00 42.58 ? 112  VAL A N   1 
ATOM   368  C CA  . VAL A 1 49  ? 13.941  9.726   1.717   1.00 42.63 ? 112  VAL A CA  1 
ATOM   369  C C   . VAL A 1 49  ? 15.448  9.634   1.576   1.00 42.72 ? 112  VAL A C   1 
ATOM   370  O O   . VAL A 1 49  ? 15.983  10.039  0.549   1.00 43.28 ? 112  VAL A O   1 
ATOM   371  C CB  . VAL A 1 49  ? 13.290  8.690   0.753   1.00 42.75 ? 112  VAL A CB  1 
ATOM   372  C CG1 . VAL A 1 49  ? 13.595  7.254   1.241   1.00 42.50 ? 112  VAL A CG1 1 
ATOM   373  C CG2 . VAL A 1 49  ? 11.793  8.905   0.613   1.00 41.41 ? 112  VAL A CG2 1 
ATOM   374  N N   . ASP A 1 50  ? 16.110  9.093   2.604   1.00 42.27 ? 113  ASP A N   1 
ATOM   375  C CA  . ASP A 1 50  ? 17.558  9.092   2.728   1.00 42.52 ? 113  ASP A CA  1 
ATOM   376  C C   . ASP A 1 50  ? 18.110  10.477  2.351   1.00 41.78 ? 113  ASP A C   1 
ATOM   377  O O   . ASP A 1 50  ? 19.018  10.581  1.541   1.00 40.43 ? 113  ASP A O   1 
ATOM   378  C CB  . ASP A 1 50  ? 18.248  7.960   1.904   1.00 43.11 ? 113  ASP A CB  1 
ATOM   379  C CG  . ASP A 1 50  ? 18.010  6.532   2.488   1.00 45.61 ? 113  ASP A CG  1 
ATOM   380  O OD1 . ASP A 1 50  ? 17.047  6.342   3.263   1.00 48.73 ? 113  ASP A OD1 1 
ATOM   381  O OD2 . ASP A 1 50  ? 18.778  5.587   2.151   1.00 45.05 ? 113  ASP A OD2 1 
ATOM   382  N N   . GLY A 1 51  ? 17.529  11.528  2.939   1.00 41.60 ? 114  GLY A N   1 
ATOM   383  C CA  . GLY A 1 51  ? 17.993  12.902  2.730   1.00 41.36 ? 114  GLY A CA  1 
ATOM   384  C C   . GLY A 1 51  ? 17.819  13.472  1.327   1.00 40.88 ? 114  GLY A C   1 
ATOM   385  O O   . GLY A 1 51  ? 18.441  14.467  0.975   1.00 41.33 ? 114  GLY A O   1 
ATOM   386  N N   . GLN A 1 52  ? 16.965  12.860  0.528   1.00 40.72 ? 115  GLN A N   1 
ATOM   387  C CA  . GLN A 1 52  ? 16.813  13.225  -0.859  1.00 40.69 ? 115  GLN A CA  1 
ATOM   388  C C   . GLN A 1 52  ? 15.326  13.353  -1.118  1.00 40.51 ? 115  GLN A C   1 
ATOM   389  O O   . GLN A 1 52  ? 14.533  12.494  -0.712  1.00 39.27 ? 115  GLN A O   1 
ATOM   390  C CB  . GLN A 1 52  ? 17.455  12.163  -1.780  1.00 41.43 ? 115  GLN A CB  1 
ATOM   391  C CG  . GLN A 1 52  ? 19.000  12.083  -1.724  1.00 43.40 ? 115  GLN A CG  1 
ATOM   392  C CD  . GLN A 1 52  ? 19.662  13.404  -2.106  1.00 47.16 ? 115  GLN A CD  1 
ATOM   393  O OE1 . GLN A 1 52  ? 19.095  14.180  -2.874  1.00 49.59 ? 115  GLN A OE1 1 
ATOM   394  N NE2 . GLN A 1 52  ? 20.867  13.669  -1.568  1.00 51.12 ? 115  GLN A NE2 1 
ATOM   395  N N   . THR A 1 53  ? 14.945  14.457  -1.756  1.00 40.26 ? 116  THR A N   1 
ATOM   396  C CA  . THR A 1 53  ? 13.553  14.706  -2.076  1.00 40.34 ? 116  THR A CA  1 
ATOM   397  C C   . THR A 1 53  ? 13.152  13.893  -3.310  1.00 39.96 ? 116  THR A C   1 
ATOM   398  O O   . THR A 1 53  ? 13.801  13.984  -4.368  1.00 39.21 ? 116  THR A O   1 
ATOM   399  C CB  . THR A 1 53  ? 13.306  16.197  -2.343  1.00 40.99 ? 116  THR A CB  1 
ATOM   400  O OG1 . THR A 1 53  ? 13.758  16.960  -1.213  1.00 43.52 ? 116  THR A OG1 1 
ATOM   401  C CG2 . THR A 1 53  ? 11.813  16.474  -2.566  1.00 40.93 ? 116  THR A CG2 1 
ATOM   402  N N   . HIS A 1 54  ? 12.087  13.105  -3.149  1.00 38.55 ? 117  HIS A N   1 
ATOM   403  C CA  . HIS A 1 54  ? 11.497  12.329  -4.227  1.00 38.04 ? 117  HIS A CA  1 
ATOM   404  C C   . HIS A 1 54  ? 10.115  12.811  -4.593  1.00 37.19 ? 117  HIS A C   1 
ATOM   405  O O   . HIS A 1 54  ? 9.359   13.226  -3.737  1.00 36.54 ? 117  HIS A O   1 
ATOM   406  C CB  . HIS A 1 54  ? 11.407  10.851  -3.834  1.00 36.94 ? 117  HIS A CB  1 
ATOM   407  C CG  . HIS A 1 54  ? 12.736  10.206  -3.654  1.00 36.31 ? 117  HIS A CG  1 
ATOM   408  N ND1 . HIS A 1 54  ? 13.598  10.567  -2.644  1.00 33.95 ? 117  HIS A ND1 1 
ATOM   409  C CD2 . HIS A 1 54  ? 13.366  9.230   -4.359  1.00 35.79 ? 117  HIS A CD2 1 
ATOM   410  C CE1 . HIS A 1 54  ? 14.707  9.846   -2.736  1.00 35.33 ? 117  HIS A CE1 1 
ATOM   411  N NE2 . HIS A 1 54  ? 14.592  9.030   -3.769  1.00 33.82 ? 117  HIS A NE2 1 
ATOM   412  N N   . LEU A 1 55  ? 9.812   12.748  -5.887  1.00 37.36 ? 118  LEU A N   1 
ATOM   413  C CA  . LEU A 1 55  ? 8.456   12.768  -6.384  1.00 37.25 ? 118  LEU A CA  1 
ATOM   414  C C   . LEU A 1 55  ? 7.834   11.369  -6.196  1.00 37.44 ? 118  LEU A C   1 
ATOM   415  O O   . LEU A 1 55  ? 8.374   10.359  -6.683  1.00 36.87 ? 118  LEU A O   1 
ATOM   416  C CB  . LEU A 1 55  ? 8.450   13.166  -7.854  1.00 37.48 ? 118  LEU A CB  1 
ATOM   417  C CG  . LEU A 1 55  ? 7.094   13.007  -8.555  1.00 38.48 ? 118  LEU A CG  1 
ATOM   418  C CD1 . LEU A 1 55  ? 6.090   14.041  -8.006  1.00 38.08 ? 118  LEU A CD1 1 
ATOM   419  C CD2 . LEU A 1 55  ? 7.255   13.097  -10.080 1.00 38.27 ? 118  LEU A CD2 1 
ATOM   420  N N   . VAL A 1 56  ? 6.719   11.300  -5.465  1.00 37.23 ? 119  VAL A N   1 
ATOM   421  C CA  . VAL A 1 56  ? 6.019   10.026  -5.228  1.00 37.16 ? 119  VAL A CA  1 
ATOM   422  C C   . VAL A 1 56  ? 4.710   10.024  -5.992  1.00 37.11 ? 119  VAL A C   1 
ATOM   423  O O   . VAL A 1 56  ? 3.887   10.920  -5.831  1.00 35.91 ? 119  VAL A O   1 
ATOM   424  C CB  . VAL A 1 56  ? 5.780   9.790   -3.743  1.00 37.67 ? 119  VAL A CB  1 
ATOM   425  C CG1 . VAL A 1 56  ? 5.060   8.491   -3.513  1.00 37.05 ? 119  VAL A CG1 1 
ATOM   426  C CG2 . VAL A 1 56  ? 7.134   9.818   -3.001  1.00 39.47 ? 119  VAL A CG2 1 
ATOM   427  N N   . LEU A 1 57  ? 4.574   9.059   -6.898  1.00 36.59 ? 120  LEU A N   1 
ATOM   428  C CA  . LEU A 1 57  ? 3.360   8.860   -7.668  1.00 36.19 ? 120  LEU A CA  1 
ATOM   429  C C   . LEU A 1 57  ? 2.682   7.696   -6.980  1.00 36.41 ? 120  LEU A C   1 
ATOM   430  O O   . LEU A 1 57  ? 3.357   6.729   -6.628  1.00 36.07 ? 120  LEU A O   1 
ATOM   431  C CB  . LEU A 1 57  ? 3.691   8.524   -9.108  1.00 36.06 ? 120  LEU A CB  1 
ATOM   432  C CG  . LEU A 1 57  ? 4.651   9.514   -9.789  1.00 36.10 ? 120  LEU A CG  1 
ATOM   433  C CD1 . LEU A 1 57  ? 4.796   9.191   -11.244 1.00 35.15 ? 120  LEU A CD1 1 
ATOM   434  C CD2 . LEU A 1 57  ? 4.138   10.975  -9.619  1.00 36.52 ? 120  LEU A CD2 1 
ATOM   435  N N   . ILE A 1 58  ? 1.373   7.833   -6.760  1.00 36.63 ? 121  ILE A N   1 
ATOM   436  C CA  . ILE A 1 58  ? 0.524   6.821   -6.130  1.00 37.13 ? 121  ILE A CA  1 
ATOM   437  C C   . ILE A 1 58  ? -0.640  6.539   -7.052  1.00 36.82 ? 121  ILE A C   1 
ATOM   438  O O   . ILE A 1 58  ? -1.421  7.444   -7.356  1.00 36.76 ? 121  ILE A O   1 
ATOM   439  C CB  . ILE A 1 58  ? -0.037  7.302   -4.788  1.00 37.18 ? 121  ILE A CB  1 
ATOM   440  C CG1 . ILE A 1 58  ? 1.104   7.550   -3.806  1.00 38.86 ? 121  ILE A CG1 1 
ATOM   441  C CG2 . ILE A 1 58  ? -1.062  6.276   -4.176  1.00 37.60 ? 121  ILE A CG2 1 
ATOM   442  C CD1 . ILE A 1 58  ? 0.658   8.296   -2.569  1.00 39.69 ? 121  ILE A CD1 1 
ATOM   443  N N   . ARG A 1 59  ? -0.739  5.305   -7.525  1.00 36.94 ? 122  ARG A N   1 
ATOM   444  C CA  . ARG A 1 59  ? -1.942  4.827   -8.219  1.00 37.42 ? 122  ARG A CA  1 
ATOM   445  C C   . ARG A 1 59  ? -2.781  3.918   -7.302  1.00 37.62 ? 122  ARG A C   1 
ATOM   446  O O   . ARG A 1 59  ? -2.315  2.890   -6.824  1.00 37.00 ? 122  ARG A O   1 
ATOM   447  C CB  . ARG A 1 59  ? -1.576  4.076   -9.484  1.00 37.27 ? 122  ARG A CB  1 
ATOM   448  C CG  . ARG A 1 59  ? -0.991  4.967   -10.512 1.00 38.55 ? 122  ARG A CG  1 
ATOM   449  C CD  . ARG A 1 59  ? -0.672  4.254   -11.791 1.00 39.29 ? 122  ARG A CD  1 
ATOM   450  N NE  . ARG A 1 59  ? 0.031   5.177   -12.682 1.00 40.73 ? 122  ARG A NE  1 
ATOM   451  C CZ  . ARG A 1 59  ? 0.584   4.852   -13.847 1.00 40.81 ? 122  ARG A CZ  1 
ATOM   452  N NH1 . ARG A 1 59  ? 0.503   3.603   -14.347 1.00 39.88 ? 122  ARG A NH1 1 
ATOM   453  N NH2 . ARG A 1 59  ? 1.204   5.808   -14.530 1.00 40.69 ? 122  ARG A NH2 1 
ATOM   454  N N   . GLU A 1 60  ? -4.010  4.346   -7.043  1.00 38.35 ? 123  GLU A N   1 
ATOM   455  C CA  . GLU A 1 60  ? -5.018  3.582   -6.322  1.00 38.45 ? 123  GLU A CA  1 
ATOM   456  C C   . GLU A 1 60  ? -5.801  2.826   -7.404  1.00 39.03 ? 123  GLU A C   1 
ATOM   457  O O   . GLU A 1 60  ? -6.312  3.429   -8.353  1.00 39.00 ? 123  GLU A O   1 
ATOM   458  C CB  . GLU A 1 60  ? -5.949  4.542   -5.580  1.00 38.48 ? 123  GLU A CB  1 
ATOM   459  C CG  . GLU A 1 60  ? -6.979  3.850   -4.716  1.00 38.95 ? 123  GLU A CG  1 
ATOM   460  C CD  . GLU A 1 60  ? -7.950  4.803   -4.024  1.00 39.57 ? 123  GLU A CD  1 
ATOM   461  O OE1 . GLU A 1 60  ? -7.710  6.040   -3.959  1.00 39.96 ? 123  GLU A OE1 1 
ATOM   462  O OE2 . GLU A 1 60  ? -8.965  4.277   -3.527  1.00 39.59 ? 123  GLU A OE2 1 
ATOM   463  N N   . GLU A 1 61  ? -5.897  1.514   -7.277  1.00 39.29 ? 124  GLU A N   1 
ATOM   464  C CA  . GLU A 1 61  ? -6.561  0.720   -8.287  1.00 39.21 ? 124  GLU A CA  1 
ATOM   465  C C   . GLU A 1 61  ? -7.852  0.188   -7.690  1.00 39.15 ? 124  GLU A C   1 
ATOM   466  O O   . GLU A 1 61  ? -7.829  -0.382  -6.607  1.00 38.85 ? 124  GLU A O   1 
ATOM   467  C CB  . GLU A 1 61  ? -5.632  -0.423  -8.720  1.00 39.90 ? 124  GLU A CB  1 
ATOM   468  C CG  . GLU A 1 61  ? -6.062  -1.153  -9.978  1.00 41.51 ? 124  GLU A CG  1 
ATOM   469  C CD  . GLU A 1 61  ? -6.090  -0.263  -11.227 1.00 45.12 ? 124  GLU A CD  1 
ATOM   470  O OE1 . GLU A 1 61  ? -5.339  0.755   -11.309 1.00 49.31 ? 124  GLU A OE1 1 
ATOM   471  O OE2 . GLU A 1 61  ? -6.867  -0.600  -12.133 1.00 48.39 ? 124  GLU A OE2 1 
ATOM   472  N N   . ALA A 1 62  ? -8.972  0.370   -8.401  1.00 39.13 ? 125  ALA A N   1 
ATOM   473  C CA  . ALA A 1 62  ? -10.291 -0.057  -7.921  1.00 38.94 ? 125  ALA A CA  1 
ATOM   474  C C   . ALA A 1 62  ? -10.538 -1.540  -7.996  1.00 38.74 ? 125  ALA A C   1 
ATOM   475  O O   . ALA A 1 62  ? -11.442 -2.049  -7.348  1.00 40.28 ? 125  ALA A O   1 
ATOM   476  C CB  . ALA A 1 62  ? -11.381 0.639   -8.700  1.00 39.92 ? 125  ALA A CB  1 
ATOM   477  N N   . GLY A 1 63  ? -9.802  -2.243  -8.824  1.00 38.19 ? 126  GLY A N   1 
ATOM   478  C CA  . GLY A 1 63  ? -10.053 -3.661  -8.968  1.00 37.96 ? 126  GLY A CA  1 
ATOM   479  C C   . GLY A 1 63  ? -8.748  -4.403  -9.019  1.00 37.15 ? 126  GLY A C   1 
ATOM   480  O O   . GLY A 1 63  ? -7.816  -4.098  -8.264  1.00 38.75 ? 126  GLY A O   1 
ATOM   481  N N   . ALA A 1 64  ? -8.699  -5.369  -9.913  1.00 36.29 ? 127  ALA A N   1 
ATOM   482  C CA  . ALA A 1 64  ? -7.530  -6.182  -10.150 1.00 35.52 ? 127  ALA A CA  1 
ATOM   483  C C   . ALA A 1 64  ? -6.430  -5.345  -10.824 1.00 35.24 ? 127  ALA A C   1 
ATOM   484  O O   . ALA A 1 64  ? -6.727  -4.518  -11.680 1.00 34.71 ? 127  ALA A O   1 
ATOM   485  C CB  . ALA A 1 64  ? -7.922  -7.407  -11.036 1.00 35.83 ? 127  ALA A CB  1 
ATOM   486  N N   . PRO A 1 65  ? -5.159  -5.561  -10.444 1.00 34.33 ? 128  PRO A N   1 
ATOM   487  C CA  . PRO A 1 65  ? -4.099  -4.880  -11.170 1.00 34.07 ? 128  PRO A CA  1 
ATOM   488  C C   . PRO A 1 65  ? -4.002  -5.477  -12.591 1.00 34.24 ? 128  PRO A C   1 
ATOM   489  O O   . PRO A 1 65  ? -4.345  -6.642  -12.776 1.00 34.60 ? 128  PRO A O   1 
ATOM   490  C CB  . PRO A 1 65  ? -2.846  -5.243  -10.358 1.00 34.22 ? 128  PRO A CB  1 
ATOM   491  C CG  . PRO A 1 65  ? -3.118  -6.604  -9.850  1.00 33.62 ? 128  PRO A CG  1 
ATOM   492  C CD  . PRO A 1 65  ? -4.606  -6.487  -9.428  1.00 33.95 ? 128  PRO A CD  1 
ATOM   493  N N   . ASP A 1 66  ? -3.561  -4.694  -13.571 1.00 33.34 ? 129  ASP A N   1 
ATOM   494  C CA  . ASP A 1 66  ? -3.275  -5.207  -14.909 1.00 32.61 ? 129  ASP A CA  1 
ATOM   495  C C   . ASP A 1 66  ? -1.762  -5.179  -15.100 1.00 31.42 ? 129  ASP A C   1 
ATOM   496  O O   . ASP A 1 66  ? -1.009  -4.862  -14.152 1.00 30.58 ? 129  ASP A O   1 
ATOM   497  C CB  . ASP A 1 66  ? -4.038  -4.445  -16.023 1.00 32.99 ? 129  ASP A CB  1 
ATOM   498  C CG  . ASP A 1 66  ? -3.796  -2.937  -16.018 1.00 33.50 ? 129  ASP A CG  1 
ATOM   499  O OD1 . ASP A 1 66  ? -2.979  -2.435  -15.236 1.00 34.87 ? 129  ASP A OD1 1 
ATOM   500  O OD2 . ASP A 1 66  ? -4.449  -2.232  -16.820 1.00 36.61 ? 129  ASP A OD2 1 
ATOM   501  N N   . ALA A 1 67  ? -1.321  -5.561  -16.285 1.00 30.01 ? 130  ALA A N   1 
ATOM   502  C CA  . ALA A 1 67  ? 0.093   -5.648  -16.587 1.00 30.61 ? 130  ALA A CA  1 
ATOM   503  C C   . ALA A 1 67  ? 0.723   -4.264  -16.619 1.00 30.55 ? 130  ALA A C   1 
ATOM   504  O O   . ALA A 1 67  ? 1.870   -4.086  -16.203 1.00 30.76 ? 130  ALA A O   1 
ATOM   505  C CB  . ALA A 1 67  ? 0.318   -6.408  -17.897 1.00 30.50 ? 130  ALA A CB  1 
ATOM   506  N N   . LYS A 1 68  ? -0.052  -3.269  -17.036 1.00 30.97 ? 131  LYS A N   1 
ATOM   507  C CA  . LYS A 1 68  ? 0.396   -1.872  -16.990 1.00 30.76 ? 131  LYS A CA  1 
ATOM   508  C C   . LYS A 1 68  ? 0.769   -1.479  -15.577 1.00 29.82 ? 131  LYS A C   1 
ATOM   509  O O   . LYS A 1 68  ? 1.895   -1.073  -15.334 1.00 28.98 ? 131  LYS A O   1 
ATOM   510  C CB  . LYS A 1 68  ? -0.677  -0.920  -17.530 1.00 31.10 ? 131  LYS A CB  1 
ATOM   511  C CG  . LYS A 1 68  ? -0.141  0.411   -17.967 1.00 32.23 ? 131  LYS A CG  1 
ATOM   512  C CD  . LYS A 1 68  ? -1.218  1.475   -18.079 1.00 32.27 ? 131  LYS A CD  1 
ATOM   513  C CE  . LYS A 1 68  ? -0.575  2.857   -18.271 1.00 34.86 ? 131  LYS A CE  1 
ATOM   514  N NZ  . LYS A 1 68  ? -1.518  4.006   -18.016 1.00 36.65 ? 131  LYS A NZ  1 
ATOM   515  N N   . PHE A 1 69  ? -0.178  -1.617  -14.645 1.00 29.32 ? 132  PHE A N   1 
ATOM   516  C CA  . PHE A 1 69  ? 0.025   -1.266  -13.252 1.00 29.16 ? 132  PHE A CA  1 
ATOM   517  C C   . PHE A 1 69  ? 1.126   -2.104  -12.635 1.00 28.94 ? 132  PHE A C   1 
ATOM   518  O O   . PHE A 1 69  ? 1.958   -1.595  -11.885 1.00 28.09 ? 132  PHE A O   1 
ATOM   519  C CB  . PHE A 1 69  ? -1.287  -1.451  -12.455 1.00 30.28 ? 132  PHE A CB  1 
ATOM   520  C CG  . PHE A 1 69  ? -1.143  -1.323  -10.944 1.00 29.91 ? 132  PHE A CG  1 
ATOM   521  C CD1 . PHE A 1 69  ? -1.458  -0.129  -10.284 1.00 30.71 ? 132  PHE A CD1 1 
ATOM   522  C CD2 . PHE A 1 69  ? -0.745  -2.420  -10.176 1.00 31.30 ? 132  PHE A CD2 1 
ATOM   523  C CE1 . PHE A 1 69  ? -1.374  -0.021  -8.887  1.00 32.05 ? 132  PHE A CE1 1 
ATOM   524  C CE2 . PHE A 1 69  ? -0.650  -2.318  -8.794  1.00 29.86 ? 132  PHE A CE2 1 
ATOM   525  C CZ  . PHE A 1 69  ? -0.970  -1.130  -8.145  1.00 31.58 ? 132  PHE A CZ  1 
ATOM   526  N N   . SER A 1 70  ? 1.104   -3.403  -12.930 1.00 28.69 ? 133  SER A N   1 
ATOM   527  C CA  . SER A 1 70  ? 2.005   -4.344  -12.304 1.00 28.76 ? 133  SER A CA  1 
ATOM   528  C C   . SER A 1 70  ? 3.433   -4.080  -12.720 1.00 28.96 ? 133  SER A C   1 
ATOM   529  O O   . SER A 1 70  ? 4.311   -4.245  -11.912 1.00 29.60 ? 133  SER A O   1 
ATOM   530  C CB  . SER A 1 70  ? 1.596   -5.809  -12.588 1.00 28.60 ? 133  SER A CB  1 
ATOM   531  O OG  . SER A 1 70  ? 0.333   -6.091  -11.998 1.00 29.35 ? 133  SER A OG  1 
ATOM   532  N N   . GLY A 1 71  ? 3.650   -3.631  -13.948 1.00 28.67 ? 134  GLY A N   1 
ATOM   533  C CA  . GLY A 1 71  ? 4.982   -3.283  -14.431 1.00 29.20 ? 134  GLY A CA  1 
ATOM   534  C C   . GLY A 1 71  ? 5.441   -1.879  -14.094 1.00 29.24 ? 134  GLY A C   1 
ATOM   535  O O   . GLY A 1 71  ? 6.606   -1.638  -14.037 1.00 29.88 ? 134  GLY A O   1 
ATOM   536  N N   . TRP A 1 72  ? 4.522   -0.954  -13.847 1.00 30.26 ? 135  TRP A N   1 
ATOM   537  C CA  . TRP A 1 72  ? 4.850   0.439   -13.517 1.00 29.68 ? 135  TRP A CA  1 
ATOM   538  C C   . TRP A 1 72  ? 5.380   0.577   -12.075 1.00 30.32 ? 135  TRP A C   1 
ATOM   539  O O   . TRP A 1 72  ? 6.316   1.299   -11.820 1.00 29.62 ? 135  TRP A O   1 
ATOM   540  C CB  . TRP A 1 72  ? 3.584   1.273   -13.721 1.00 29.95 ? 135  TRP A CB  1 
ATOM   541  C CG  . TRP A 1 72  ? 3.613   2.683   -13.176 1.00 30.55 ? 135  TRP A CG  1 
ATOM   542  C CD1 . TRP A 1 72  ? 4.117   3.799   -13.799 1.00 30.14 ? 135  TRP A CD1 1 
ATOM   543  C CD2 . TRP A 1 72  ? 3.112   3.123   -11.900 1.00 29.71 ? 135  TRP A CD2 1 
ATOM   544  N NE1 . TRP A 1 72  ? 3.956   4.903   -12.980 1.00 30.27 ? 135  TRP A NE1 1 
ATOM   545  C CE2 . TRP A 1 72  ? 3.354   4.511   -11.810 1.00 31.01 ? 135  TRP A CE2 1 
ATOM   546  C CE3 . TRP A 1 72  ? 2.472   2.482   -10.835 1.00 30.17 ? 135  TRP A CE3 1 
ATOM   547  C CZ2 . TRP A 1 72  ? 2.983   5.260   -10.693 1.00 30.11 ? 135  TRP A CZ2 1 
ATOM   548  C CZ3 . TRP A 1 72  ? 2.109   3.223   -9.730  1.00 29.57 ? 135  TRP A CZ3 1 
ATOM   549  C CH2 . TRP A 1 72  ? 2.367   4.598   -9.668  1.00 30.60 ? 135  TRP A CH2 1 
ATOM   550  N N   . ALA A 1 73  ? 4.738   -0.079  -11.114 1.00 30.27 ? 136  ALA A N   1 
ATOM   551  C CA  . ALA A 1 73  ? 5.059   0.123   -9.701  1.00 30.34 ? 136  ALA A CA  1 
ATOM   552  C C   . ALA A 1 73  ? 6.516   -0.231  -9.300  1.00 30.65 ? 136  ALA A C   1 
ATOM   553  O O   . ALA A 1 73  ? 7.099   -1.208  -9.774  1.00 29.81 ? 136  ALA A O   1 
ATOM   554  C CB  . ALA A 1 73  ? 4.047   -0.663  -8.818  1.00 30.94 ? 136  ALA A CB  1 
ATOM   555  N N   . ASP A 1 74  ? 7.087   0.579   -8.417  1.00 30.93 ? 137  ASP A N   1 
ATOM   556  C CA  . ASP A 1 74  ? 8.256   0.221   -7.624  1.00 31.22 ? 137  ASP A CA  1 
ATOM   557  C C   . ASP A 1 74  ? 7.858   -0.459  -6.327  1.00 31.46 ? 137  ASP A C   1 
ATOM   558  O O   . ASP A 1 74  ? 8.664   -1.190  -5.752  1.00 31.89 ? 137  ASP A O   1 
ATOM   559  C CB  . ASP A 1 74  ? 9.090   1.446   -7.266  1.00 31.67 ? 137  ASP A CB  1 
ATOM   560  C CG  . ASP A 1 74  ? 9.587   2.163   -8.472  1.00 33.61 ? 137  ASP A CG  1 
ATOM   561  O OD1 . ASP A 1 74  ? 10.070  1.456   -9.370  1.00 36.57 ? 137  ASP A OD1 1 
ATOM   562  O OD2 . ASP A 1 74  ? 9.500   3.419   -8.540  1.00 36.89 ? 137  ASP A OD2 1 
ATOM   563  N N   . ALA A 1 75  ? 6.612   -0.236  -5.885  1.00 31.57 ? 138  ALA A N   1 
ATOM   564  C CA  . ALA A 1 75  ? 6.099   -0.760  -4.635  1.00 30.97 ? 138  ALA A CA  1 
ATOM   565  C C   . ALA A 1 75  ? 4.596   -0.838  -4.667  1.00 30.96 ? 138  ALA A C   1 
ATOM   566  O O   . ALA A 1 75  ? 3.953   -0.046  -5.328  1.00 31.14 ? 138  ALA A O   1 
ATOM   567  C CB  . ALA A 1 75  ? 6.520   0.119   -3.451  1.00 31.48 ? 138  ALA A CB  1 
ATOM   568  N N   . VAL A 1 76  ? 4.050   -1.797  -3.937  1.00 31.35 ? 139  VAL A N   1 
ATOM   569  C CA  . VAL A 1 76  ? 2.595   -1.961  -3.829  1.00 31.82 ? 139  VAL A CA  1 
ATOM   570  C C   . VAL A 1 76  ? 2.211   -2.177  -2.384  1.00 32.17 ? 139  VAL A C   1 
ATOM   571  O O   . VAL A 1 76  ? 2.782   -3.047  -1.696  1.00 32.37 ? 139  VAL A O   1 
ATOM   572  C CB  . VAL A 1 76  ? 2.053   -3.124  -4.717  1.00 31.75 ? 139  VAL A CB  1 
ATOM   573  C CG1 . VAL A 1 76  ? 0.534   -3.316  -4.540  1.00 32.53 ? 139  VAL A CG1 1 
ATOM   574  C CG2 . VAL A 1 76  ? 2.380   -2.828  -6.154  1.00 31.91 ? 139  VAL A CG2 1 
ATOM   575  N N   . ILE A 1 77  ? 1.244   -1.368  -1.946  1.00 32.05 ? 140  ILE A N   1 
ATOM   576  C CA  . ILE A 1 77  ? 0.583   -1.527  -0.669  1.00 31.89 ? 140  ILE A CA  1 
ATOM   577  C C   . ILE A 1 77  ? -0.771  -2.228  -0.834  1.00 32.15 ? 140  ILE A C   1 
ATOM   578  O O   . ILE A 1 77  ? -1.638  -1.754  -1.577  1.00 32.94 ? 140  ILE A O   1 
ATOM   579  C CB  . ILE A 1 77  ? 0.390   -0.133  0.024   1.00 32.30 ? 140  ILE A CB  1 
ATOM   580  C CG1 . ILE A 1 77  ? 1.734   0.573   0.211   1.00 31.19 ? 140  ILE A CG1 1 
ATOM   581  C CG2 . ILE A 1 77  ? -0.325  -0.284  1.400   1.00 31.36 ? 140  ILE A CG2 1 
ATOM   582  C CD1 . ILE A 1 77  ? 1.637   2.077   0.335   1.00 32.00 ? 140  ILE A CD1 1 
ATOM   583  N N   . PHE A 1 78  ? -0.942  -3.339  -0.105  1.00 32.49 ? 141  PHE A N   1 
ATOM   584  C CA  . PHE A 1 78  ? -2.193  -4.080  -0.009  1.00 32.16 ? 141  PHE A CA  1 
ATOM   585  C C   . PHE A 1 78  ? -2.946  -3.695  1.261   1.00 32.31 ? 141  PHE A C   1 
ATOM   586  O O   . PHE A 1 78  ? -2.387  -3.697  2.377   1.00 32.94 ? 141  PHE A O   1 
ATOM   587  C CB  . PHE A 1 78  ? -1.945  -5.603  -0.012  1.00 33.40 ? 141  PHE A CB  1 
ATOM   588  C CG  . PHE A 1 78  ? -1.341  -6.133  -1.287  1.00 32.62 ? 141  PHE A CG  1 
ATOM   589  C CD1 . PHE A 1 78  ? 0.026   -6.300  -1.411  1.00 34.85 ? 141  PHE A CD1 1 
ATOM   590  C CD2 . PHE A 1 78  ? -2.148  -6.471  -2.355  1.00 35.23 ? 141  PHE A CD2 1 
ATOM   591  C CE1 . PHE A 1 78  ? 0.580   -6.787  -2.587  1.00 34.75 ? 141  PHE A CE1 1 
ATOM   592  C CE2 . PHE A 1 78  ? -1.608  -6.960  -3.519  1.00 35.40 ? 141  PHE A CE2 1 
ATOM   593  C CZ  . PHE A 1 78  ? -0.238  -7.128  -3.639  1.00 34.83 ? 141  PHE A CZ  1 
ATOM   594  N N   . VAL A 1 79  ? -4.217  -3.354  1.090   1.00 31.90 ? 142  VAL A N   1 
ATOM   595  C CA  . VAL A 1 79  ? -5.065  -2.860  2.172   1.00 31.38 ? 142  VAL A CA  1 
ATOM   596  C C   . VAL A 1 79  ? -6.300  -3.763  2.356   1.00 31.22 ? 142  VAL A C   1 
ATOM   597  O O   . VAL A 1 79  ? -6.976  -4.112  1.404   1.00 30.45 ? 142  VAL A O   1 
ATOM   598  C CB  . VAL A 1 79  ? -5.525  -1.417  1.878   1.00 31.41 ? 142  VAL A CB  1 
ATOM   599  C CG1 . VAL A 1 79  ? -6.273  -0.811  3.069   1.00 30.66 ? 142  VAL A CG1 1 
ATOM   600  C CG2 . VAL A 1 79  ? -4.328  -0.538  1.460   1.00 30.62 ? 142  VAL A CG2 1 
ATOM   601  N N   . PHE A 1 80  ? -6.595  -4.127  3.599   1.00 31.45 ? 143  PHE A N   1 
ATOM   602  C CA  . PHE A 1 80  ? -7.850  -4.782  3.937   1.00 30.84 ? 143  PHE A CA  1 
ATOM   603  C C   . PHE A 1 80  ? -8.361  -4.202  5.263   1.00 30.98 ? 143  PHE A C   1 
ATOM   604  O O   . PHE A 1 80  ? -7.634  -3.547  5.988   1.00 30.79 ? 143  PHE A O   1 
ATOM   605  C CB  . PHE A 1 80  ? -7.639  -6.300  4.032   1.00 30.21 ? 143  PHE A CB  1 
ATOM   606  C CG  . PHE A 1 80  ? -6.837  -6.718  5.220   1.00 30.67 ? 143  PHE A CG  1 
ATOM   607  C CD1 . PHE A 1 80  ? -7.479  -7.137  6.393   1.00 28.80 ? 143  PHE A CD1 1 
ATOM   608  C CD2 . PHE A 1 80  ? -5.447  -6.675  5.190   1.00 30.65 ? 143  PHE A CD2 1 
ATOM   609  C CE1 . PHE A 1 80  ? -6.763  -7.473  7.515   1.00 28.65 ? 143  PHE A CE1 1 
ATOM   610  C CE2 . PHE A 1 80  ? -4.706  -7.049  6.329   1.00 31.21 ? 143  PHE A CE2 1 
ATOM   611  C CZ  . PHE A 1 80  ? -5.377  -7.464  7.481   1.00 29.96 ? 143  PHE A CZ  1 
ATOM   612  N N   . SER A 1 81  ? -9.633  -4.460  5.555   1.00 31.80 ? 144  SER A N   1 
ATOM   613  C CA  . SER A 1 81  ? -10.243 -4.096  6.813   1.00 31.78 ? 144  SER A CA  1 
ATOM   614  C C   . SER A 1 81  ? -10.197 -5.271  7.765   1.00 32.02 ? 144  SER A C   1 
ATOM   615  O O   . SER A 1 81  ? -10.579 -6.404  7.400   1.00 31.52 ? 144  SER A O   1 
ATOM   616  C CB  . SER A 1 81  ? -11.690 -3.674  6.607   1.00 32.77 ? 144  SER A CB  1 
ATOM   617  O OG  . SER A 1 81  ? -12.298 -3.454  7.854   1.00 33.81 ? 144  SER A OG  1 
ATOM   618  N N   . LEU A 1 82  ? -9.753  -4.980  8.996   1.00 31.23 ? 145  LEU A N   1 
ATOM   619  C CA  . LEU A 1 82  ? -9.643  -5.975  10.056  1.00 31.39 ? 145  LEU A CA  1 
ATOM   620  C C   . LEU A 1 82  ? -10.995 -6.561  10.461  1.00 30.68 ? 145  LEU A C   1 
ATOM   621  O O   . LEU A 1 82  ? -11.037 -7.653  11.031  1.00 30.37 ? 145  LEU A O   1 
ATOM   622  C CB  . LEU A 1 82  ? -8.957  -5.371  11.297  1.00 30.99 ? 145  LEU A CB  1 
ATOM   623  C CG  . LEU A 1 82  ? -7.484  -5.041  11.138  1.00 32.30 ? 145  LEU A CG  1 
ATOM   624  C CD1 . LEU A 1 82  ? -7.037  -4.081  12.247  1.00 33.73 ? 145  LEU A CD1 1 
ATOM   625  C CD2 . LEU A 1 82  ? -6.645  -6.316  11.140  1.00 33.73 ? 145  LEU A CD2 1 
ATOM   626  N N   . GLU A 1 83  ? -12.073 -5.844  10.152  1.00 30.96 ? 146  GLU A N   1 
ATOM   627  C CA  . GLU A 1 83  ? -13.426 -6.304  10.412  1.00 32.44 ? 146  GLU A CA  1 
ATOM   628  C C   . GLU A 1 83  ? -14.144 -6.877  9.191   1.00 32.92 ? 146  GLU A C   1 
ATOM   629  O O   . GLU A 1 83  ? -15.306 -7.168  9.289   1.00 32.81 ? 146  GLU A O   1 
ATOM   630  C CB  . GLU A 1 83  ? -14.290 -5.229  11.145  1.00 32.47 ? 146  GLU A CB  1 
ATOM   631  C CG  . GLU A 1 83  ? -14.535 -3.892  10.461  1.00 32.38 ? 146  GLU A CG  1 
ATOM   632  C CD  . GLU A 1 83  ? -15.390 -4.006  9.192   1.00 35.90 ? 146  GLU A CD  1 
ATOM   633  O OE1 . GLU A 1 83  ? -16.617 -4.319  9.299   1.00 34.91 ? 146  GLU A OE1 1 
ATOM   634  O OE2 . GLU A 1 83  ? -14.818 -3.798  8.085   1.00 37.61 ? 146  GLU A OE2 1 
ATOM   635  N N   . ASP A 1 84  ? -13.460 -7.090  8.064   1.00 34.47 ? 147  ASP A N   1 
ATOM   636  C CA  . ASP A 1 84  ? -14.128 -7.634  6.850   1.00 34.69 ? 147  ASP A CA  1 
ATOM   637  C C   . ASP A 1 84  ? -13.297 -8.771  6.261   1.00 34.95 ? 147  ASP A C   1 
ATOM   638  O O   . ASP A 1 84  ? -12.187 -8.563  5.734   1.00 35.00 ? 147  ASP A O   1 
ATOM   639  C CB  . ASP A 1 84  ? -14.437 -6.538  5.795   1.00 34.64 ? 147  ASP A CB  1 
ATOM   640  C CG  . ASP A 1 84  ? -15.409 -7.022  4.681   1.00 36.72 ? 147  ASP A CG  1 
ATOM   641  O OD1 . ASP A 1 84  ? -14.941 -7.490  3.611   1.00 41.43 ? 147  ASP A OD1 1 
ATOM   642  O OD2 . ASP A 1 84  ? -16.657 -6.985  4.868   1.00 42.62 ? 147  ASP A OD2 1 
ATOM   643  N N   . GLU A 1 85  ? -13.833 -9.978  6.369   1.00 35.55 ? 148  GLU A N   1 
ATOM   644  C CA  . GLU A 1 85  ? -13.119 -11.188 5.969   1.00 36.21 ? 148  GLU A CA  1 
ATOM   645  C C   . GLU A 1 85  ? -12.880 -11.229 4.478   1.00 36.37 ? 148  GLU A C   1 
ATOM   646  O O   . GLU A 1 85  ? -11.801 -11.583 4.032   1.00 37.56 ? 148  GLU A O   1 
ATOM   647  C CB  . GLU A 1 85  ? -13.885 -12.441 6.393   1.00 36.59 ? 148  GLU A CB  1 
ATOM   648  C CG  . GLU A 1 85  ? -13.180 -13.739 6.008   1.00 38.23 ? 148  GLU A CG  1 
ATOM   649  C CD  . GLU A 1 85  ? -11.840 -13.916 6.705   1.00 41.25 ? 148  GLU A CD  1 
ATOM   650  O OE1 . GLU A 1 85  ? -11.652 -13.443 7.847   1.00 42.20 ? 148  GLU A OE1 1 
ATOM   651  O OE2 . GLU A 1 85  ? -10.961 -14.532 6.092   1.00 44.20 ? 148  GLU A OE2 1 
ATOM   652  N N   . ASN A 1 86  ? -13.903 -10.878 3.708   1.00 36.63 ? 149  ASN A N   1 
ATOM   653  C CA  . ASN A 1 86  ? -13.788 -10.832 2.270   1.00 35.86 ? 149  ASN A CA  1 
ATOM   654  C C   . ASN A 1 86  ? -12.668 -9.861  1.808   1.00 35.40 ? 149  ASN A C   1 
ATOM   655  O O   . ASN A 1 86  ? -11.945 -10.165 0.833   1.00 34.96 ? 149  ASN A O   1 
ATOM   656  C CB  . ASN A 1 86  ? -15.148 -10.486 1.658   1.00 36.13 ? 149  ASN A CB  1 
ATOM   657  C CG  . ASN A 1 86  ? -16.147 -11.653 1.711   1.00 38.48 ? 149  ASN A CG  1 
ATOM   658  O OD1 . ASN A 1 86  ? -15.806 -12.794 2.066   1.00 39.72 ? 149  ASN A OD1 1 
ATOM   659  N ND2 . ASN A 1 86  ? -17.392 -11.362 1.367   1.00 40.16 ? 149  ASN A ND2 1 
ATOM   660  N N   . SER A 1 87  ? -12.475 -8.732  2.505   1.00 35.33 ? 150  SER A N   1 
ATOM   661  C CA  . SER A 1 87  ? -11.415 -7.787  2.113   1.00 35.00 ? 150  SER A CA  1 
ATOM   662  C C   . SER A 1 87  ? -10.027 -8.409  2.324   1.00 35.64 ? 150  SER A C   1 
ATOM   663  O O   . SER A 1 87  ? -9.063  -8.122  1.586   1.00 34.72 ? 150  SER A O   1 
ATOM   664  C CB  . SER A 1 87  ? -11.525 -6.389  2.801   1.00 34.99 ? 150  SER A CB  1 
ATOM   665  O OG  . SER A 1 87  ? -11.080 -6.395  4.146   1.00 34.93 ? 150  SER A OG  1 
ATOM   666  N N   . PHE A 1 88  ? -9.922  -9.238  3.359   1.00 35.35 ? 151  PHE A N   1 
ATOM   667  C CA  . PHE A 1 88  ? -8.675  -9.901  3.675   1.00 35.21 ? 151  PHE A CA  1 
ATOM   668  C C   . PHE A 1 88  ? -8.354  -10.990 2.631   1.00 35.01 ? 151  PHE A C   1 
ATOM   669  O O   . PHE A 1 88  ? -7.224  -11.075 2.097   1.00 34.27 ? 151  PHE A O   1 
ATOM   670  C CB  . PHE A 1 88  ? -8.732  -10.500 5.063   1.00 34.87 ? 151  PHE A CB  1 
ATOM   671  C CG  . PHE A 1 88  ? -7.507  -11.248 5.416   1.00 35.61 ? 151  PHE A CG  1 
ATOM   672  C CD1 . PHE A 1 88  ? -6.311  -10.563 5.645   1.00 33.30 ? 151  PHE A CD1 1 
ATOM   673  C CD2 . PHE A 1 88  ? -7.515  -12.640 5.449   1.00 35.41 ? 151  PHE A CD2 1 
ATOM   674  C CE1 . PHE A 1 88  ? -5.154  -11.244 5.965   1.00 35.65 ? 151  PHE A CE1 1 
ATOM   675  C CE2 . PHE A 1 88  ? -6.356  -13.341 5.764   1.00 35.93 ? 151  PHE A CE2 1 
ATOM   676  C CZ  . PHE A 1 88  ? -5.167  -12.632 6.020   1.00 36.03 ? 151  PHE A CZ  1 
ATOM   677  N N   . GLN A 1 89  ? -9.362  -11.784 2.317   1.00 34.92 ? 152  GLN A N   1 
ATOM   678  C CA  . GLN A 1 89  ? -9.255  -12.769 1.232   1.00 36.02 ? 152  GLN A CA  1 
ATOM   679  C C   . GLN A 1 89  ? -8.946  -12.081 -0.102  1.00 35.72 ? 152  GLN A C   1 
ATOM   680  O O   . GLN A 1 89  ? -8.291  -12.658 -0.954  1.00 36.38 ? 152  GLN A O   1 
ATOM   681  C CB  . GLN A 1 89  ? -10.559 -13.566 1.089   1.00 36.35 ? 152  GLN A CB  1 
ATOM   682  C CG  . GLN A 1 89  ? -10.950 -14.368 2.327   1.00 38.90 ? 152  GLN A CG  1 
ATOM   683  C CD  . GLN A 1 89  ? -9.998  -15.496 2.637   1.00 44.11 ? 152  GLN A CD  1 
ATOM   684  O OE1 . GLN A 1 89  ? -9.451  -16.142 1.724   1.00 47.78 ? 152  GLN A OE1 1 
ATOM   685  N NE2 . GLN A 1 89  ? -9.805  -15.769 3.931   1.00 46.24 ? 152  GLN A NE2 1 
ATOM   686  N N   . ALA A 1 90  ? -9.441  -10.862 -0.279  1.00 35.29 ? 153  ALA A N   1 
ATOM   687  C CA  . ALA A 1 90  ? -9.221  -10.123 -1.503  1.00 35.55 ? 153  ALA A CA  1 
ATOM   688  C C   . ALA A 1 90  ? -7.741  -9.792  -1.704  1.00 35.27 ? 153  ALA A C   1 
ATOM   689  O O   . ALA A 1 90  ? -7.283  -9.708  -2.829  1.00 34.95 ? 153  ALA A O   1 
ATOM   690  C CB  . ALA A 1 90  ? -10.061 -8.822  -1.510  1.00 35.87 ? 153  ALA A CB  1 
ATOM   691  N N   . VAL A 1 91  ? -7.016  -9.561  -0.616  1.00 35.33 ? 154  VAL A N   1 
ATOM   692  C CA  . VAL A 1 91  ? -5.583  -9.242  -0.688  1.00 35.58 ? 154  VAL A CA  1 
ATOM   693  C C   . VAL A 1 91  ? -4.831  -10.404 -1.347  1.00 34.90 ? 154  VAL A C   1 
ATOM   694  O O   . VAL A 1 91  ? -3.966  -10.182 -2.195  1.00 34.61 ? 154  VAL A O   1 
ATOM   695  C CB  . VAL A 1 91  ? -4.962  -9.002  0.716   1.00 35.20 ? 154  VAL A CB  1 
ATOM   696  C CG1 . VAL A 1 91  ? -3.397  -9.099  0.659   1.00 36.31 ? 154  VAL A CG1 1 
ATOM   697  C CG2 . VAL A 1 91  ? -5.456  -7.712  1.282   1.00 35.88 ? 154  VAL A CG2 1 
ATOM   698  N N   . SER A 1 92  ? -5.137  -11.642 -0.957  1.00 34.70 ? 155  SER A N   1 
ATOM   699  C CA  . SER A 1 92  ? -4.381  -12.744 -1.515  1.00 34.12 ? 155  SER A CA  1 
ATOM   700  C C   . SER A 1 92  ? -4.744  -12.959 -3.005  1.00 33.20 ? 155  SER A C   1 
ATOM   701  O O   . SER A 1 92  ? -3.860  -13.275 -3.831  1.00 32.85 ? 155  SER A O   1 
ATOM   702  C CB  . SER A 1 92  ? -4.433  -13.989 -0.619  1.00 34.74 ? 155  SER A CB  1 
ATOM   703  O OG  . SER A 1 92  ? -5.387  -14.922 -1.028  1.00 37.95 ? 155  SER A OG  1 
ATOM   704  N N   . ARG A 1 93  ? -6.004  -12.743 -3.371  1.00 32.73 ? 156  ARG A N   1 
ATOM   705  C CA  . ARG A 1 93  ? -6.388  -12.673 -4.792  1.00 32.98 ? 156  ARG A CA  1 
ATOM   706  C C   . ARG A 1 93  ? -5.550  -11.598 -5.544  1.00 32.45 ? 156  ARG A C   1 
ATOM   707  O O   . ARG A 1 93  ? -4.922  -11.868 -6.572  1.00 31.84 ? 156  ARG A O   1 
ATOM   708  C CB  . ARG A 1 93  ? -7.866  -12.334 -4.912  1.00 33.00 ? 156  ARG A CB  1 
ATOM   709  C CG  . ARG A 1 93  ? -8.384  -12.262 -6.342  1.00 34.26 ? 156  ARG A CG  1 
ATOM   710  C CD  . ARG A 1 93  ? -9.873  -12.051 -6.410  1.00 36.17 ? 156  ARG A CD  1 
ATOM   711  N NE  . ARG A 1 93  ? -10.224 -10.668 -6.014  1.00 40.28 ? 156  ARG A NE  1 
ATOM   712  C CZ  . ARG A 1 93  ? -10.981 -10.329 -4.967  1.00 40.41 ? 156  ARG A CZ  1 
ATOM   713  N NH1 . ARG A 1 93  ? -11.540 -11.251 -4.178  1.00 41.10 ? 156  ARG A NH1 1 
ATOM   714  N NH2 . ARG A 1 93  ? -11.217 -9.047  -4.736  1.00 40.26 ? 156  ARG A NH2 1 
ATOM   715  N N   . LEU A 1 94  ? -5.530  -10.393 -4.995  1.00 31.17 ? 157  LEU A N   1 
ATOM   716  C CA  . LEU A 1 94  ? -4.879  -9.259  -5.638  1.00 32.22 ? 157  LEU A CA  1 
ATOM   717  C C   . LEU A 1 94  ? -3.388  -9.462  -5.813  1.00 32.14 ? 157  LEU A C   1 
ATOM   718  O O   . LEU A 1 94  ? -2.839  -9.055  -6.813  1.00 31.34 ? 157  LEU A O   1 
ATOM   719  C CB  . LEU A 1 94  ? -5.162  -7.956  -4.867  1.00 32.25 ? 157  LEU A CB  1 
ATOM   720  C CG  . LEU A 1 94  ? -6.610  -7.510  -5.008  1.00 34.08 ? 157  LEU A CG  1 
ATOM   721  C CD1 . LEU A 1 94  ? -7.033  -6.528  -3.882  1.00 35.07 ? 157  LEU A CD1 1 
ATOM   722  C CD2 . LEU A 1 94  ? -6.818  -6.922  -6.401  1.00 37.17 ? 157  LEU A CD2 1 
ATOM   723  N N   . HIS A 1 95  ? -2.771  -10.123 -4.828  1.00 32.55 ? 158  HIS A N   1 
ATOM   724  C CA  . HIS A 1 95  ? -1.357  -10.417 -4.825  1.00 31.84 ? 158  HIS A CA  1 
ATOM   725  C C   . HIS A 1 95  ? -0.972  -11.503 -5.867  1.00 31.17 ? 158  HIS A C   1 
ATOM   726  O O   . HIS A 1 95  ? 0.020   -11.354 -6.570  1.00 30.44 ? 158  HIS A O   1 
ATOM   727  C CB  . HIS A 1 95  ? -0.895  -10.764 -3.397  1.00 32.56 ? 158  HIS A CB  1 
ATOM   728  C CG  . HIS A 1 95  ? 0.525   -11.208 -3.327  1.00 33.60 ? 158  HIS A CG  1 
ATOM   729  N ND1 . HIS A 1 95  ? 0.879   -12.534 -3.215  1.00 35.98 ? 158  HIS A ND1 1 
ATOM   730  C CD2 . HIS A 1 95  ? 1.685   -10.512 -3.414  1.00 36.31 ? 158  HIS A CD2 1 
ATOM   731  C CE1 . HIS A 1 95  ? 2.198   -12.639 -3.221  1.00 36.52 ? 158  HIS A CE1 1 
ATOM   732  N NE2 . HIS A 1 95  ? 2.712   -11.427 -3.346  1.00 35.13 ? 158  HIS A NE2 1 
ATOM   733  N N   . GLY A 1 96  ? -1.773  -12.550 -5.990  1.00 29.37 ? 159  GLY A N   1 
ATOM   734  C CA  . GLY A 1 96  ? -1.681  -13.466 -7.138  1.00 29.29 ? 159  GLY A CA  1 
ATOM   735  C C   . GLY A 1 96  ? -1.666  -12.788 -8.511  1.00 28.62 ? 159  GLY A C   1 
ATOM   736  O O   . GLY A 1 96  ? -0.813  -13.088 -9.356  1.00 28.56 ? 159  GLY A O   1 
ATOM   737  N N   . GLN A 1 97  ? -2.595  -11.861 -8.724  1.00 28.42 ? 160  GLN A N   1 
ATOM   738  C CA  . GLN A 1 97  ? -2.702  -11.081 -9.969  1.00 27.80 ? 160  GLN A CA  1 
ATOM   739  C C   . GLN A 1 97  ? -1.446  -10.214 -10.183 1.00 27.87 ? 160  GLN A C   1 
ATOM   740  O O   . GLN A 1 97  ? -0.789  -10.324 -11.214 1.00 26.76 ? 160  GLN A O   1 
ATOM   741  C CB  . GLN A 1 97  ? -4.010  -10.267 -9.974  1.00 27.29 ? 160  GLN A CB  1 
ATOM   742  C CG  . GLN A 1 97  ? -5.268  -11.193 -9.953  1.00 26.34 ? 160  GLN A CG  1 
ATOM   743  C CD  . GLN A 1 97  ? -6.585  -10.501 -9.639  1.00 26.47 ? 160  GLN A CD  1 
ATOM   744  O OE1 . GLN A 1 97  ? -6.620  -9.518  -8.912  1.00 27.26 ? 160  GLN A OE1 1 
ATOM   745  N NE2 . GLN A 1 97  ? -7.681  -11.016 -10.210 1.00 27.14 ? 160  GLN A NE2 1 
ATOM   746  N N   . LEU A 1 98  ? -1.082  -9.409  -9.180  1.00 29.64 ? 161  LEU A N   1 
ATOM   747  C CA  . LEU A 1 98  ? 0.148   -8.593  -9.222  1.00 29.93 ? 161  LEU A CA  1 
ATOM   748  C C   . LEU A 1 98  ? 1.400   -9.409  -9.547  1.00 30.84 ? 161  LEU A C   1 
ATOM   749  O O   . LEU A 1 98  ? 2.245   -9.056  -10.405 1.00 29.82 ? 161  LEU A O   1 
ATOM   750  C CB  . LEU A 1 98  ? 0.351   -7.912  -7.864  1.00 30.48 ? 161  LEU A CB  1 
ATOM   751  C CG  . LEU A 1 98  ? 1.639   -7.091  -7.754  1.00 31.77 ? 161  LEU A CG  1 
ATOM   752  C CD1 . LEU A 1 98  ? 1.528   -5.856  -8.639  1.00 34.34 ? 161  LEU A CD1 1 
ATOM   753  C CD2 . LEU A 1 98  ? 1.949   -6.694  -6.344  1.00 32.04 ? 161  LEU A CD2 1 
ATOM   754  N N   . SER A 1 99  ? 1.539   -10.514 -8.835  1.00 31.12 ? 162  SER A N   1 
ATOM   755  C CA  . SER A 1 99  ? 2.720   -11.325 -8.983  1.00 31.48 ? 162  SER A CA  1 
ATOM   756  C C   . SER A 1 99  ? 2.840   -11.884 -10.411 1.00 31.11 ? 162  SER A C   1 
ATOM   757  O O   . SER A 1 99  ? 3.910   -11.782 -11.029 1.00 32.02 ? 162  SER A O   1 
ATOM   758  C CB  . SER A 1 99  ? 2.723   -12.435 -7.939  1.00 31.39 ? 162  SER A CB  1 
ATOM   759  O OG  . SER A 1 99  ? 3.618   -13.424 -8.391  1.00 36.22 ? 162  SER A OG  1 
ATOM   760  N N   . SER A 1 100 ? 1.751   -12.436 -10.947 1.00 30.27 ? 163  SER A N   1 
ATOM   761  C CA  . SER A 1 100 ? 1.760   -13.037 -12.291 1.00 30.12 ? 163  SER A CA  1 
ATOM   762  C C   . SER A 1 100 ? 1.894   -12.011 -13.417 1.00 29.68 ? 163  SER A C   1 
ATOM   763  O O   . SER A 1 100 ? 2.468   -12.318 -14.437 1.00 27.40 ? 163  SER A O   1 
ATOM   764  C CB  . SER A 1 100 ? 0.500   -13.880 -12.537 1.00 29.32 ? 163  SER A CB  1 
ATOM   765  O OG  . SER A 1 100 ? 0.393   -14.928 -11.599 1.00 28.24 ? 163  SER A OG  1 
ATOM   766  N N   . LEU A 1 101 ? 1.364   -10.801 -13.232 1.00 30.89 ? 164  LEU A N   1 
ATOM   767  C CA  . LEU A 1 101 ? 1.336   -9.796  -14.312 1.00 32.34 ? 164  LEU A CA  1 
ATOM   768  C C   . LEU A 1 101 ? 2.567   -8.890  -14.335 1.00 33.16 ? 164  LEU A C   1 
ATOM   769  O O   . LEU A 1 101 ? 2.838   -8.216  -15.320 1.00 33.32 ? 164  LEU A O   1 
ATOM   770  C CB  . LEU A 1 101 ? 0.054   -8.966  -14.238 1.00 32.36 ? 164  LEU A CB  1 
ATOM   771  C CG  . LEU A 1 101 ? -1.220  -9.792  -14.466 1.00 32.46 ? 164  LEU A CG  1 
ATOM   772  C CD1 . LEU A 1 101 ? -2.434  -9.042  -13.990 1.00 35.34 ? 164  LEU A CD1 1 
ATOM   773  C CD2 . LEU A 1 101 ? -1.384  -10.181 -15.899 1.00 33.42 ? 164  LEU A CD2 1 
ATOM   774  N N   . ARG A 1 102 ? 3.301   -8.863  -13.233 1.00 34.71 ? 165  ARG A N   1 
ATOM   775  C CA  . ARG A 1 102 ? 4.617   -8.316  -13.220 1.00 36.24 ? 165  ARG A CA  1 
ATOM   776  C C   . ARG A 1 102 ? 5.492   -9.360  -13.930 1.00 37.87 ? 165  ARG A C   1 
ATOM   777  O O   . ARG A 1 102 ? 5.371   -10.592 -13.687 1.00 39.94 ? 165  ARG A O   1 
ATOM   778  C CB  . ARG A 1 102 ? 5.081   -8.087  -11.789 1.00 36.05 ? 165  ARG A CB  1 
ATOM   779  C CG  . ARG A 1 102 ? 6.392   -7.345  -11.765 1.00 37.69 ? 165  ARG A CG  1 
ATOM   780  C CD  . ARG A 1 102 ? 6.629   -6.670  -10.486 1.00 37.89 ? 165  ARG A CD  1 
ATOM   781  N NE  . ARG A 1 102 ? 7.879   -5.901  -10.463 1.00 36.16 ? 165  ARG A NE  1 
ATOM   782  C CZ  . ARG A 1 102 ? 7.973   -4.582  -10.559 1.00 36.83 ? 165  ARG A CZ  1 
ATOM   783  N NH1 . ARG A 1 102 ? 6.921   -3.800  -10.764 1.00 35.01 ? 165  ARG A NH1 1 
ATOM   784  N NH2 . ARG A 1 102 ? 9.167   -4.028  -10.456 1.00 40.21 ? 165  ARG A NH2 1 
ATOM   785  N N   . GLY A 1 103 ? 6.336   -8.895  -14.827 1.00 38.69 ? 166  GLY A N   1 
ATOM   786  C CA  . GLY A 1 103 ? 7.154   -9.812  -15.646 1.00 38.97 ? 166  GLY A CA  1 
ATOM   787  C C   . GLY A 1 103 ? 8.636   -9.710  -15.341 1.00 39.93 ? 166  GLY A C   1 
ATOM   788  O O   . GLY A 1 103 ? 9.480   -9.985  -16.230 1.00 42.03 ? 166  GLY A O   1 
ATOM   789  N N   . ARG A 1 106 ? 10.994  -7.641  -13.562 1.00 55.97 ? 169  ARG A N   1 
ATOM   790  C CA  . ARG A 1 106 ? 11.640  -6.382  -13.186 1.00 55.37 ? 169  ARG A CA  1 
ATOM   791  C C   . ARG A 1 106 ? 12.491  -6.572  -11.879 1.00 54.54 ? 169  ARG A C   1 
ATOM   792  O O   . ARG A 1 106 ? 12.680  -7.706  -11.407 1.00 54.58 ? 169  ARG A O   1 
ATOM   793  C CB  . ARG A 1 106 ? 10.560  -5.281  -13.063 1.00 55.93 ? 169  ARG A CB  1 
ATOM   794  C CG  . ARG A 1 106 ? 10.232  -4.493  -14.385 1.00 57.13 ? 169  ARG A CG  1 
ATOM   795  C CD  . ARG A 1 106 ? 9.652   -3.040  -14.155 1.00 57.74 ? 169  ARG A CD  1 
ATOM   796  N NE  . ARG A 1 106 ? 10.037  -2.447  -12.852 1.00 60.12 ? 169  ARG A NE  1 
ATOM   797  C CZ  . ARG A 1 106 ? 9.592   -1.290  -12.333 1.00 60.06 ? 169  ARG A CZ  1 
ATOM   798  N NH1 . ARG A 1 106 ? 8.775   -0.494  -13.004 1.00 61.65 ? 169  ARG A NH1 1 
ATOM   799  N NH2 . ARG A 1 106 ? 10.003  -0.898  -11.125 1.00 59.82 ? 169  ARG A NH2 1 
ATOM   800  N N   . GLY A 1 107 ? 13.005  -5.481  -11.304 1.00 53.03 ? 170  GLY A N   1 
ATOM   801  C CA  . GLY A 1 107 ? 13.895  -5.552  -10.123 1.00 51.86 ? 170  GLY A CA  1 
ATOM   802  C C   . GLY A 1 107 ? 13.431  -6.163  -8.785  1.00 51.01 ? 170  GLY A C   1 
ATOM   803  O O   . GLY A 1 107 ? 14.260  -6.558  -7.959  1.00 52.27 ? 170  GLY A O   1 
ATOM   804  N N   . GLY A 1 108 ? 12.139  -6.261  -8.539  1.00 49.01 ? 171  GLY A N   1 
ATOM   805  C CA  . GLY A 1 108 ? 11.680  -6.743  -7.230  1.00 47.34 ? 171  GLY A CA  1 
ATOM   806  C C   . GLY A 1 108 ? 10.944  -5.631  -6.502  1.00 45.12 ? 171  GLY A C   1 
ATOM   807  O O   . GLY A 1 108 ? 11.463  -4.551  -6.353  1.00 44.30 ? 171  GLY A O   1 
ATOM   808  N N   . LEU A 1 109 ? 9.714   -5.911  -6.084  1.00 43.27 ? 172  LEU A N   1 
ATOM   809  C CA  . LEU A 1 109 ? 8.834   -4.910  -5.518  1.00 42.25 ? 172  LEU A CA  1 
ATOM   810  C C   . LEU A 1 109 ? 9.028   -4.788  -4.031  1.00 39.72 ? 172  LEU A C   1 
ATOM   811  O O   . LEU A 1 109 ? 9.137   -5.787  -3.330  1.00 39.69 ? 172  LEU A O   1 
ATOM   812  C CB  . LEU A 1 109 ? 7.377   -5.333  -5.703  1.00 42.15 ? 172  LEU A CB  1 
ATOM   813  C CG  . LEU A 1 109 ? 6.642   -5.119  -7.004  1.00 41.30 ? 172  LEU A CG  1 
ATOM   814  C CD1 . LEU A 1 109 ? 5.298   -5.705  -6.837  1.00 41.61 ? 172  LEU A CD1 1 
ATOM   815  C CD2 . LEU A 1 109 ? 6.546   -3.660  -7.395  1.00 39.84 ? 172  LEU A CD2 1 
ATOM   816  N N   . ALA A 1 110 ? 8.976   -3.561  -3.540  1.00 37.81 ? 173  ALA A N   1 
ATOM   817  C CA  . ALA A 1 110 ? 8.736   -3.338  -2.127  1.00 36.04 ? 173  ALA A CA  1 
ATOM   818  C C   . ALA A 1 110 ? 7.230   -3.581  -1.863  1.00 35.12 ? 173  ALA A C   1 
ATOM   819  O O   . ALA A 1 110 ? 6.380   -3.077  -2.618  1.00 34.74 ? 173  ALA A O   1 
ATOM   820  C CB  . ALA A 1 110 ? 9.105   -1.943  -1.753  1.00 35.90 ? 173  ALA A CB  1 
ATOM   821  N N   . LEU A 1 111 ? 6.907   -4.325  -0.803  1.00 34.41 ? 174  LEU A N   1 
ATOM   822  C CA  . LEU A 1 111 ? 5.483   -4.551  -0.407  1.00 34.50 ? 174  LEU A CA  1 
ATOM   823  C C   . LEU A 1 111 ? 5.146   -4.106  1.015   1.00 33.73 ? 174  LEU A C   1 
ATOM   824  O O   . LEU A 1 111 ? 5.980   -4.119  1.904   1.00 33.11 ? 174  LEU A O   1 
ATOM   825  C CB  . LEU A 1 111 ? 5.072   -6.024  -0.539  1.00 33.88 ? 174  LEU A CB  1 
ATOM   826  C CG  . LEU A 1 111 ? 5.138   -6.669  -1.938  1.00 35.20 ? 174  LEU A CG  1 
ATOM   827  C CD1 . LEU A 1 111 ? 4.473   -7.991  -1.896  1.00 37.53 ? 174  LEU A CD1 1 
ATOM   828  C CD2 . LEU A 1 111 ? 4.525   -5.830  -3.066  1.00 37.06 ? 174  LEU A CD2 1 
ATOM   829  N N   . ALA A 1 112 ? 3.888   -3.732  1.199   1.00 34.19 ? 175  ALA A N   1 
ATOM   830  C CA  . ALA A 1 112 ? 3.288   -3.598  2.523   1.00 34.09 ? 175  ALA A CA  1 
ATOM   831  C C   . ALA A 1 112 ? 1.895   -4.188  2.527   1.00 33.60 ? 175  ALA A C   1 
ATOM   832  O O   . ALA A 1 112 ? 1.202   -4.238  1.485   1.00 33.44 ? 175  ALA A O   1 
ATOM   833  C CB  . ALA A 1 112 ? 3.249   -2.152  2.953   1.00 34.47 ? 175  ALA A CB  1 
ATOM   834  N N   . LEU A 1 113 ? 1.520   -4.672  3.708   1.00 33.03 ? 176  LEU A N   1 
ATOM   835  C CA  . LEU A 1 113 ? 0.208   -5.181  3.996   1.00 33.52 ? 176  LEU A CA  1 
ATOM   836  C C   . LEU A 1 113 ? -0.340  -4.344  5.149   1.00 33.33 ? 176  LEU A C   1 
ATOM   837  O O   . LEU A 1 113 ? 0.308   -4.220  6.211   1.00 33.26 ? 176  LEU A O   1 
ATOM   838  C CB  . LEU A 1 113 ? 0.260   -6.662  4.403   1.00 33.33 ? 176  LEU A CB  1 
ATOM   839  C CG  . LEU A 1 113 ? -1.098  -7.305  4.656   1.00 32.95 ? 176  LEU A CG  1 
ATOM   840  C CD1 . LEU A 1 113 ? -1.937  -7.362  3.374   1.00 33.65 ? 176  LEU A CD1 1 
ATOM   841  C CD2 . LEU A 1 113 ? -0.927  -8.689  5.249   1.00 34.48 ? 176  LEU A CD2 1 
ATOM   842  N N   . VAL A 1 114 ? -1.517  -3.770  4.924   1.00 33.03 ? 177  VAL A N   1 
ATOM   843  C CA  . VAL A 1 114 ? -2.153  -2.860  5.877   1.00 33.15 ? 177  VAL A CA  1 
ATOM   844  C C   . VAL A 1 114 ? -3.525  -3.381  6.279   1.00 32.82 ? 177  VAL A C   1 
ATOM   845  O O   . VAL A 1 114 ? -4.378  -3.616  5.431   1.00 32.84 ? 177  VAL A O   1 
ATOM   846  C CB  . VAL A 1 114 ? -2.332  -1.419  5.298   1.00 32.70 ? 177  VAL A CB  1 
ATOM   847  C CG1 . VAL A 1 114 ? -3.110  -0.565  6.274   1.00 32.93 ? 177  VAL A CG1 1 
ATOM   848  C CG2 . VAL A 1 114 ? -1.005  -0.762  5.007   1.00 34.01 ? 177  VAL A CG2 1 
ATOM   849  N N   . GLY A 1 115 ? -3.734  -3.572  7.571   1.00 32.60 ? 178  GLY A N   1 
ATOM   850  C CA  . GLY A 1 115 ? -5.062  -3.950  8.087   1.00 32.26 ? 178  GLY A CA  1 
ATOM   851  C C   . GLY A 1 115 ? -5.644  -2.726  8.739   1.00 32.19 ? 178  GLY A C   1 
ATOM   852  O O   . GLY A 1 115 ? -5.064  -2.222  9.687   1.00 33.67 ? 178  GLY A O   1 
ATOM   853  N N   . THR A 1 116 ? -6.732  -2.178  8.198   1.00 32.31 ? 179  THR A N   1 
ATOM   854  C CA  . THR A 1 116 ? -7.306  -0.926  8.746   1.00 32.76 ? 179  THR A CA  1 
ATOM   855  C C   . THR A 1 116 ? -8.271  -1.196  9.907   1.00 33.08 ? 179  THR A C   1 
ATOM   856  O O   . THR A 1 116 ? -9.044  -2.143  9.861   1.00 31.70 ? 179  THR A O   1 
ATOM   857  C CB  . THR A 1 116 ? -8.002  -0.104  7.664   1.00 32.77 ? 179  THR A CB  1 
ATOM   858  O OG1 . THR A 1 116 ? -9.139  -0.815  7.185   1.00 33.23 ? 179  THR A OG1 1 
ATOM   859  C CG2 . THR A 1 116 ? -7.015  0.168   6.475   1.00 31.41 ? 179  THR A CG2 1 
ATOM   860  N N   . GLN A 1 117 ? -8.177  -0.342  10.938  1.00 33.88 ? 180  GLN A N   1 
ATOM   861  C CA  . GLN A 1 117 ? -8.967  -0.434  12.142  1.00 34.33 ? 180  GLN A CA  1 
ATOM   862  C C   . GLN A 1 117 ? -10.205 0.459   12.080  1.00 35.46 ? 180  GLN A C   1 
ATOM   863  O O   . GLN A 1 117 ? -11.050 0.384   12.976  1.00 36.54 ? 180  GLN A O   1 
ATOM   864  C CB  . GLN A 1 117 ? -8.140  0.034   13.329  1.00 34.37 ? 180  GLN A CB  1 
ATOM   865  C CG  . GLN A 1 117 ? -6.933  -0.798  13.687  1.00 34.00 ? 180  GLN A CG  1 
ATOM   866  C CD  . GLN A 1 117 ? -6.189  -0.183  14.849  1.00 35.12 ? 180  GLN A CD  1 
ATOM   867  O OE1 . GLN A 1 117 ? -6.468  0.959   15.223  1.00 36.07 ? 180  GLN A OE1 1 
ATOM   868  N NE2 . GLN A 1 117 ? -5.255  -0.921  15.432  1.00 34.90 ? 180  GLN A NE2 1 
ATOM   869  N N   . ASP A 1 118 ? -10.325 1.269   11.022  1.00 35.16 ? 181  ASP A N   1 
ATOM   870  C CA  . ASP A 1 118 ? -11.325 2.376   10.995  1.00 35.29 ? 181  ASP A CA  1 
ATOM   871  C C   . ASP A 1 118 ? -12.785 1.956   11.285  1.00 34.12 ? 181  ASP A C   1 
ATOM   872  O O   . ASP A 1 118 ? -13.524 2.685   11.943  1.00 32.55 ? 181  ASP A O   1 
ATOM   873  C CB  . ASP A 1 118 ? -11.319 3.091   9.645   1.00 35.26 ? 181  ASP A CB  1 
ATOM   874  C CG  . ASP A 1 118 ? -9.912  3.320   9.066   1.00 39.89 ? 181  ASP A CG  1 
ATOM   875  O OD1 . ASP A 1 118 ? -8.883  2.950   9.699   1.00 39.95 ? 181  ASP A OD1 1 
ATOM   876  O OD2 . ASP A 1 118 ? -9.883  3.834   7.910   1.00 45.16 ? 181  ASP A OD2 1 
ATOM   877  N N   . ARG A 1 119 ? -13.189 0.810   10.742  1.00 33.65 ? 182  ARG A N   1 
ATOM   878  C CA  . ARG A 1 119 ? -14.571 0.325   10.871  1.00 34.38 ? 182  ARG A CA  1 
ATOM   879  C C   . ARG A 1 119 ? -14.857 -0.695  11.975  1.00 33.22 ? 182  ARG A C   1 
ATOM   880  O O   . ARG A 1 119 ? -16.014 -1.137  12.125  1.00 32.01 ? 182  ARG A O   1 
ATOM   881  C CB  . ARG A 1 119 ? -15.058 -0.181  9.534   1.00 35.56 ? 182  ARG A CB  1 
ATOM   882  C CG  . ARG A 1 119 ? -14.754 0.852   8.481   1.00 41.43 ? 182  ARG A CG  1 
ATOM   883  C CD  . ARG A 1 119 ? -15.720 0.893   7.341   1.00 49.71 ? 182  ARG A CD  1 
ATOM   884  N NE  . ARG A 1 119 ? -15.943 -0.426  6.744   1.00 54.64 ? 182  ARG A NE  1 
ATOM   885  C CZ  . ARG A 1 119 ? -16.369 -0.637  5.498   1.00 57.72 ? 182  ARG A CZ  1 
ATOM   886  N NH1 . ARG A 1 119 ? -16.565 0.397   4.664   1.00 58.65 ? 182  ARG A NH1 1 
ATOM   887  N NH2 . ARG A 1 119 ? -16.559 -1.904  5.071   1.00 58.30 ? 182  ARG A NH2 1 
ATOM   888  N N   . ILE A 1 120 ? -13.840 -1.026  12.777  1.00 32.58 ? 183  ILE A N   1 
ATOM   889  C CA  . ILE A 1 120 ? -14.076 -1.921  13.914  1.00 32.07 ? 183  ILE A CA  1 
ATOM   890  C C   . ILE A 1 120 ? -15.083 -1.274  14.872  1.00 30.95 ? 183  ILE A C   1 
ATOM   891  O O   . ILE A 1 120 ? -14.899 -0.147  15.349  1.00 31.61 ? 183  ILE A O   1 
ATOM   892  C CB  . ILE A 1 120 ? -12.807 -2.281  14.675  1.00 31.22 ? 183  ILE A CB  1 
ATOM   893  C CG1 . ILE A 1 120 ? -11.818 -3.032  13.767  1.00 32.27 ? 183  ILE A CG1 1 
ATOM   894  C CG2 . ILE A 1 120 ? -13.135 -3.101  15.866  1.00 31.55 ? 183  ILE A CG2 1 
ATOM   895  C CD1 . ILE A 1 120 ? -10.456 -3.167  14.378  1.00 31.49 ? 183  ILE A CD1 1 
ATOM   896  N N   . SER A 1 121 ? -16.151 -2.008  15.138  1.00 31.00 ? 184  SER A N   1 
ATOM   897  C CA  . SER A 1 121 ? -17.162 -1.611  16.106  1.00 30.35 ? 184  SER A CA  1 
ATOM   898  C C   . SER A 1 121 ? -17.600 -2.843  16.875  1.00 29.98 ? 184  SER A C   1 
ATOM   899  O O   . SER A 1 121 ? -17.160 -3.934  16.592  1.00 29.41 ? 184  SER A O   1 
ATOM   900  C CB  . SER A 1 121 ? -18.361 -1.026  15.373  1.00 30.67 ? 184  SER A CB  1 
ATOM   901  O OG  . SER A 1 121 ? -18.979 -2.038  14.622  1.00 28.49 ? 184  SER A OG  1 
ATOM   902  N N   . ALA A 1 122 ? -18.460 -2.663  17.872  1.00 30.22 ? 185  ALA A N   1 
ATOM   903  C CA  . ALA A 1 122 ? -18.975 -3.795  18.623  1.00 30.46 ? 185  ALA A CA  1 
ATOM   904  C C   . ALA A 1 122 ? -19.744 -4.712  17.672  1.00 30.48 ? 185  ALA A C   1 
ATOM   905  O O   . ALA A 1 122 ? -19.606 -5.928  17.737  1.00 29.62 ? 185  ALA A O   1 
ATOM   906  C CB  . ALA A 1 122 ? -19.858 -3.323  19.768  1.00 30.60 ? 185  ALA A CB  1 
ATOM   907  N N   . SER A 1 123 ? -20.561 -4.127  16.792  1.00 30.90 ? 186  SER A N   1 
ATOM   908  C CA  . SER A 1 123 ? -21.380 -4.936  15.919  1.00 31.83 ? 186  SER A CA  1 
ATOM   909  C C   . SER A 1 123 ? -20.596 -5.454  14.734  1.00 31.62 ? 186  SER A C   1 
ATOM   910  O O   . SER A 1 123 ? -20.952 -6.488  14.203  1.00 30.33 ? 186  SER A O   1 
ATOM   911  C CB  . SER A 1 123 ? -22.638 -4.212  15.466  1.00 31.95 ? 186  SER A CB  1 
ATOM   912  O OG  . SER A 1 123 ? -22.357 -3.359  14.418  1.00 36.46 ? 186  SER A OG  1 
ATOM   913  N N   . SER A 1 124 ? -19.523 -4.758  14.344  1.00 32.30 ? 187  SER A N   1 
ATOM   914  C CA  . SER A 1 124 ? -18.590 -5.276  13.322  1.00 33.23 ? 187  SER A CA  1 
ATOM   915  C C   . SER A 1 124 ? -17.186 -5.439  13.888  1.00 33.15 ? 187  SER A C   1 
ATOM   916  O O   . SER A 1 124 ? -16.314 -4.597  13.642  1.00 31.80 ? 187  SER A O   1 
ATOM   917  C CB  . SER A 1 124 ? -18.569 -4.343  12.097  1.00 34.08 ? 187  SER A CB  1 
ATOM   918  O OG  . SER A 1 124 ? -18.216 -5.099  10.967  1.00 37.04 ? 187  SER A OG  1 
ATOM   919  N N   . PRO A 1 125 ? -16.968 -6.509  14.682  1.00 33.94 ? 188  PRO A N   1 
ATOM   920  C CA  . PRO A 1 125 ? -15.689 -6.696  15.354  1.00 34.60 ? 188  PRO A CA  1 
ATOM   921  C C   . PRO A 1 125 ? -14.565 -7.153  14.428  1.00 35.04 ? 188  PRO A C   1 
ATOM   922  O O   . PRO A 1 125 ? -14.823 -7.585  13.287  1.00 34.40 ? 188  PRO A O   1 
ATOM   923  C CB  . PRO A 1 125 ? -15.999 -7.786  16.384  1.00 34.19 ? 188  PRO A CB  1 
ATOM   924  C CG  . PRO A 1 125 ? -17.075 -8.566  15.791  1.00 34.12 ? 188  PRO A CG  1 
ATOM   925  C CD  . PRO A 1 125 ? -17.902 -7.611  15.003  1.00 34.62 ? 188  PRO A CD  1 
ATOM   926  N N   . ARG A 1 126 ? -13.342 -7.045  14.943  1.00 35.77 ? 189  ARG A N   1 
ATOM   927  C CA  . ARG A 1 126 ? -12.161 -7.529  14.276  1.00 36.73 ? 189  ARG A CA  1 
ATOM   928  C C   . ARG A 1 126 ? -12.387 -9.012  14.010  1.00 37.25 ? 189  ARG A C   1 
ATOM   929  O O   . ARG A 1 126 ? -12.789 -9.742  14.921  1.00 36.90 ? 189  ARG A O   1 
ATOM   930  C CB  . ARG A 1 126 ? -10.950 -7.313  15.178  1.00 36.92 ? 189  ARG A CB  1 
ATOM   931  C CG  . ARG A 1 126 ? -9.609  -7.830  14.663  1.00 36.93 ? 189  ARG A CG  1 
ATOM   932  C CD  . ARG A 1 126 ? -8.562  -7.788  15.806  1.00 39.77 ? 189  ARG A CD  1 
ATOM   933  N NE  . ARG A 1 126 ? -8.235  -6.408  16.194  1.00 42.11 ? 189  ARG A NE  1 
ATOM   934  C CZ  . ARG A 1 126 ? -7.148  -5.731  15.808  1.00 42.30 ? 189  ARG A CZ  1 
ATOM   935  N NH1 . ARG A 1 126 ? -6.226  -6.302  15.057  1.00 40.81 ? 189  ARG A NH1 1 
ATOM   936  N NH2 . ARG A 1 126 ? -6.983  -4.466  16.205  1.00 44.48 ? 189  ARG A NH2 1 
ATOM   937  N N   . VAL A 1 127 ? -12.195 -9.450  12.763  1.00 37.40 ? 190  VAL A N   1 
ATOM   938  C CA  . VAL A 1 127 ? -12.399 -10.873 12.431  1.00 37.97 ? 190  VAL A CA  1 
ATOM   939  C C   . VAL A 1 127 ? -11.132 -11.529 11.899  1.00 38.07 ? 190  VAL A C   1 
ATOM   940  O O   . VAL A 1 127 ? -11.068 -12.753 11.784  1.00 39.15 ? 190  VAL A O   1 
ATOM   941  C CB  . VAL A 1 127 ? -13.604 -11.135 11.444  1.00 38.31 ? 190  VAL A CB  1 
ATOM   942  C CG1 . VAL A 1 127 ? -14.934 -10.806 12.109  1.00 38.47 ? 190  VAL A CG1 1 
ATOM   943  C CG2 . VAL A 1 127 ? -13.453 -10.384 10.130  1.00 37.52 ? 190  VAL A CG2 1 
ATOM   944  N N   . VAL A 1 128 ? -10.132 -10.716 11.588  1.00 38.05 ? 191  VAL A N   1 
ATOM   945  C CA  . VAL A 1 128 ? -8.860  -11.185 11.055  1.00 38.08 ? 191  VAL A CA  1 
ATOM   946  C C   . VAL A 1 128 ? -7.808  -11.164 12.181  1.00 37.90 ? 191  VAL A C   1 
ATOM   947  O O   . VAL A 1 128 ? -7.429  -10.093 12.681  1.00 36.03 ? 191  VAL A O   1 
ATOM   948  C CB  . VAL A 1 128 ? -8.389  -10.297 9.882   1.00 38.50 ? 191  VAL A CB  1 
ATOM   949  C CG1 . VAL A 1 128 ? -7.033  -10.780 9.361   1.00 38.75 ? 191  VAL A CG1 1 
ATOM   950  C CG2 . VAL A 1 128 ? -9.451  -10.270 8.754   1.00 38.00 ? 191  VAL A CG2 1 
ATOM   951  N N   . GLY A 1 129 ? -7.383  -12.363 12.586  1.00 37.92 ? 192  GLY A N   1 
ATOM   952  C CA  . GLY A 1 129 ? -6.407  -12.516 13.645  1.00 38.62 ? 192  GLY A CA  1 
ATOM   953  C C   . GLY A 1 129 ? -5.019  -12.062 13.225  1.00 39.13 ? 192  GLY A C   1 
ATOM   954  O O   . GLY A 1 129 ? -4.630  -12.197 12.052  1.00 38.18 ? 192  GLY A O   1 
ATOM   955  N N   . ASP A 1 130 ? -4.295  -11.496 14.187  1.00 39.90 ? 193  ASP A N   1 
ATOM   956  C CA  . ASP A 1 130 ? -2.912  -11.046 13.985  1.00 40.15 ? 193  ASP A CA  1 
ATOM   957  C C   . ASP A 1 130 ? -2.026  -12.114 13.333  1.00 39.99 ? 193  ASP A C   1 
ATOM   958  O O   . ASP A 1 130 ? -1.347  -11.839 12.336  1.00 39.75 ? 193  ASP A O   1 
ATOM   959  C CB  . ASP A 1 130 ? -2.296  -10.617 15.332  1.00 40.54 ? 193  ASP A CB  1 
ATOM   960  C CG  . ASP A 1 130 ? -0.969  -9.925  15.166  1.00 41.89 ? 193  ASP A CG  1 
ATOM   961  O OD1 . ASP A 1 130 ? 0.049   -10.562 15.513  1.00 46.18 ? 193  ASP A OD1 1 
ATOM   962  O OD2 . ASP A 1 130 ? -0.931  -8.765  14.656  1.00 44.34 ? 193  ASP A OD2 1 
ATOM   963  N N   . ALA A 1 131 ? -2.021  -13.327 13.888  1.00 39.91 ? 194  ALA A N   1 
ATOM   964  C CA  . ALA A 1 131 ? -1.111  -14.373 13.396  1.00 40.31 ? 194  ALA A CA  1 
ATOM   965  C C   . ALA A 1 131 ? -1.413  -14.696 11.934  1.00 40.80 ? 194  ALA A C   1 
ATOM   966  O O   . ALA A 1 131 ? -0.516  -14.843 11.111  1.00 40.22 ? 194  ALA A O   1 
ATOM   967  C CB  . ALA A 1 131 ? -1.198  -15.611 14.251  1.00 41.01 ? 194  ALA A CB  1 
ATOM   968  N N   . ARG A 1 132 ? -2.701  -14.748 11.604  1.00 41.15 ? 195  ARG A N   1 
ATOM   969  C CA  . ARG A 1 132 ? -3.137  -14.977 10.226  1.00 40.80 ? 195  ARG A CA  1 
ATOM   970  C C   . ARG A 1 132 ? -2.665  -13.887 9.262   1.00 40.76 ? 195  ARG A C   1 
ATOM   971  O O   . ARG A 1 132 ? -2.171  -14.175 8.163   1.00 39.62 ? 195  ARG A O   1 
ATOM   972  C CB  . ARG A 1 132 ? -4.644  -15.026 10.225  1.00 41.79 ? 195  ARG A CB  1 
ATOM   973  C CG  . ARG A 1 132 ? -5.270  -15.546 8.981   1.00 42.91 ? 195  ARG A CG  1 
ATOM   974  C CD  . ARG A 1 132 ? -6.530  -16.282 9.383   1.00 44.86 ? 195  ARG A CD  1 
ATOM   975  N NE  . ARG A 1 132 ? -7.379  -16.432 8.225   1.00 45.94 ? 195  ARG A NE  1 
ATOM   976  C CZ  . ARG A 1 132 ? -8.403  -15.652 7.912   1.00 46.82 ? 195  ARG A CZ  1 
ATOM   977  N NH1 . ARG A 1 132 ? -8.836  -14.677 8.707   1.00 46.09 ? 195  ARG A NH1 1 
ATOM   978  N NH2 . ARG A 1 132 ? -9.040  -15.916 6.791   1.00 48.96 ? 195  ARG A NH2 1 
ATOM   979  N N   . ALA A 1 133 ? -2.832  -12.629 9.665   1.00 40.44 ? 196  ALA A N   1 
ATOM   980  C CA  . ALA A 1 133 ? -2.365  -11.510 8.836   1.00 40.21 ? 196  ALA A CA  1 
ATOM   981  C C   . ALA A 1 133 ? -0.844  -11.531 8.678   1.00 39.78 ? 196  ALA A C   1 
ATOM   982  O O   . ALA A 1 133 ? -0.312  -11.353 7.575   1.00 39.40 ? 196  ALA A O   1 
ATOM   983  C CB  . ALA A 1 133 ? -2.821  -10.207 9.440   1.00 40.31 ? 196  ALA A CB  1 
ATOM   984  N N   . ARG A 1 134 ? -0.137  -11.771 9.778   1.00 40.08 ? 197  ARG A N   1 
ATOM   985  C CA  . ARG A 1 134 ? 1.323   -11.893 9.722   1.00 40.42 ? 197  ARG A CA  1 
ATOM   986  C C   . ARG A 1 134 ? 1.809   -13.097 8.873   1.00 40.71 ? 197  ARG A C   1 
ATOM   987  O O   . ARG A 1 134 ? 2.879   -13.030 8.259   1.00 40.11 ? 197  ARG A O   1 
ATOM   988  C CB  . ARG A 1 134 ? 1.925   -11.882 11.140  1.00 40.90 ? 197  ARG A CB  1 
ATOM   989  C CG  . ARG A 1 134 ? 1.762   -10.531 11.822  1.00 40.56 ? 197  ARG A CG  1 
ATOM   990  C CD  . ARG A 1 134 ? 2.479   -10.379 13.168  1.00 40.58 ? 197  ARG A CD  1 
ATOM   991  N NE  . ARG A 1 134 ? 2.112   -9.082  13.764  1.00 42.77 ? 197  ARG A NE  1 
ATOM   992  C CZ  . ARG A 1 134 ? 2.727   -7.920  13.512  1.00 43.52 ? 197  ARG A CZ  1 
ATOM   993  N NH1 . ARG A 1 134 ? 3.777   -7.864  12.708  1.00 44.20 ? 197  ARG A NH1 1 
ATOM   994  N NH2 . ARG A 1 134 ? 2.284   -6.799  14.068  1.00 43.42 ? 197  ARG A NH2 1 
ATOM   995  N N   . ALA A 1 135 ? 1.003   -14.159 8.808   1.00 40.22 ? 198  ALA A N   1 
ATOM   996  C CA  . ALA A 1 135 ? 1.263   -15.289 7.924   1.00 40.95 ? 198  ALA A CA  1 
ATOM   997  C C   . ALA A 1 135 ? 1.085   -14.940 6.450   1.00 41.53 ? 198  ALA A C   1 
ATOM   998  O O   . ALA A 1 135 ? 1.831   -15.437 5.587   1.00 41.94 ? 198  ALA A O   1 
ATOM   999  C CB  . ALA A 1 135 ? 0.352   -16.472 8.282   1.00 40.50 ? 198  ALA A CB  1 
ATOM   1000 N N   . LEU A 1 136 ? 0.094   -14.111 6.137   1.00 41.74 ? 199  LEU A N   1 
ATOM   1001 C CA  . LEU A 1 136 ? -0.048  -13.643 4.759   1.00 42.33 ? 199  LEU A CA  1 
ATOM   1002 C C   . LEU A 1 136 ? 1.170   -12.779 4.353   1.00 42.30 ? 199  LEU A C   1 
ATOM   1003 O O   . LEU A 1 136 ? 1.679   -12.860 3.226   1.00 41.40 ? 199  LEU A O   1 
ATOM   1004 C CB  . LEU A 1 136 ? -1.353  -12.854 4.583   1.00 42.36 ? 199  LEU A CB  1 
ATOM   1005 C CG  . LEU A 1 136 ? -1.603  -12.311 3.174   1.00 42.08 ? 199  LEU A CG  1 
ATOM   1006 C CD1 . LEU A 1 136 ? -1.532  -13.458 2.152   1.00 42.31 ? 199  LEU A CD1 1 
ATOM   1007 C CD2 . LEU A 1 136 ? -2.937  -11.578 3.102   1.00 42.23 ? 199  LEU A CD2 1 
ATOM   1008 N N   . CYS A 1 137 ? 1.617   -11.953 5.288   1.00 43.02 ? 200  CYS A N   1 
ATOM   1009 C CA  . CYS A 1 137 ? 2.738   -11.048 5.056   1.00 43.86 ? 200  CYS A CA  1 
ATOM   1010 C C   . CYS A 1 137 ? 4.055   -11.829 4.897   1.00 44.27 ? 200  CYS A C   1 
ATOM   1011 O O   . CYS A 1 137 ? 4.847   -11.538 4.010   1.00 43.63 ? 200  CYS A O   1 
ATOM   1012 C CB  . CYS A 1 137 ? 2.828   -10.029 6.196   1.00 43.15 ? 200  CYS A CB  1 
ATOM   1013 S SG  . CYS A 1 137 ? 4.249   -8.956  6.079   1.00 43.92 ? 200  CYS A SG  1 
ATOM   1014 N N   . ALA A 1 138 ? 4.252   -12.832 5.752   1.00 45.64 ? 201  ALA A N   1 
ATOM   1015 C CA  . ALA A 1 138 ? 5.421   -13.746 5.694   1.00 46.71 ? 201  ALA A CA  1 
ATOM   1016 C C   . ALA A 1 138 ? 5.537   -14.552 4.379   1.00 47.80 ? 201  ALA A C   1 
ATOM   1017 O O   . ALA A 1 138 ? 6.629   -14.994 4.003   1.00 48.83 ? 201  ALA A O   1 
ATOM   1018 C CB  . ALA A 1 138 ? 5.387   -14.701 6.886   1.00 46.53 ? 201  ALA A CB  1 
ATOM   1019 N N   . ASP A 1 139 ? 4.410   -14.734 3.700   1.00 48.72 ? 202  ASP A N   1 
ATOM   1020 C CA  . ASP A 1 139 ? 4.315   -15.454 2.434   1.00 49.11 ? 202  ASP A CA  1 
ATOM   1021 C C   . ASP A 1 139 ? 4.324   -14.542 1.190   1.00 49.62 ? 202  ASP A C   1 
ATOM   1022 O O   . ASP A 1 139 ? 4.111   -15.008 0.051   1.00 50.03 ? 202  ASP A O   1 
ATOM   1023 C CB  . ASP A 1 139 ? 3.007   -16.227 2.462   1.00 50.48 ? 202  ASP A CB  1 
ATOM   1024 C CG  . ASP A 1 139 ? 2.968   -17.327 1.456   1.00 52.67 ? 202  ASP A CG  1 
ATOM   1025 O OD1 . ASP A 1 139 ? 2.487   -17.044 0.331   1.00 57.96 ? 202  ASP A OD1 1 
ATOM   1026 O OD2 . ASP A 1 139 ? 3.427   -18.449 1.776   1.00 55.50 ? 202  ASP A OD2 1 
ATOM   1027 N N   . MET A 1 140 ? 4.532   -13.246 1.433   1.00 48.57 ? 203  MET A N   1 
ATOM   1028 C CA  . MET A 1 140 ? 4.676   -12.235 0.417   1.00 48.45 ? 203  MET A CA  1 
ATOM   1029 C C   . MET A 1 140 ? 6.105   -11.690 0.555   1.00 47.54 ? 203  MET A C   1 
ATOM   1030 O O   . MET A 1 140 ? 6.554   -11.407 1.672   1.00 47.99 ? 203  MET A O   1 
ATOM   1031 C CB  . MET A 1 140 ? 3.673   -11.098 0.669   1.00 48.95 ? 203  MET A CB  1 
ATOM   1032 C CG  . MET A 1 140 ? 2.224   -11.419 0.298   1.00 50.33 ? 203  MET A CG  1 
ATOM   1033 S SD  . MET A 1 140 ? 1.116   -9.988  0.465   1.00 52.01 ? 203  MET A SD  1 
ATOM   1034 C CE  . MET A 1 140 ? 1.067   -9.722  2.206   1.00 53.45 ? 203  MET A CE  1 
ATOM   1035 N N   . LYS A 1 141 ? 6.814   -11.541 -0.566  1.00 45.65 ? 204  LYS A N   1 
ATOM   1036 C CA  . LYS A 1 141 ? 8.242   -11.210 -0.526  1.00 43.99 ? 204  LYS A CA  1 
ATOM   1037 C C   . LYS A 1 141 ? 8.446   -9.737  -0.201  1.00 42.12 ? 204  LYS A C   1 
ATOM   1038 O O   . LYS A 1 141 ? 7.730   -8.901  -0.715  1.00 41.79 ? 204  LYS A O   1 
ATOM   1039 C CB  . LYS A 1 141 ? 8.906   -11.560 -1.852  1.00 43.98 ? 204  LYS A CB  1 
ATOM   1040 N N   . ARG A 1 142 ? 9.415   -9.439  0.661   1.00 40.53 ? 205  ARG A N   1 
ATOM   1041 C CA  . ARG A 1 142 ? 9.814   -8.062  0.973   1.00 39.96 ? 205  ARG A CA  1 
ATOM   1042 C C   . ARG A 1 142 ? 8.620   -7.256  1.495   1.00 38.74 ? 205  ARG A C   1 
ATOM   1043 O O   . ARG A 1 142 ? 8.441   -6.100  1.141   1.00 38.63 ? 205  ARG A O   1 
ATOM   1044 C CB  . ARG A 1 142 ? 10.458  -7.372  -0.256  1.00 40.09 ? 205  ARG A CB  1 
ATOM   1045 C CG  . ARG A 1 142 ? 11.724  -8.024  -0.789  1.00 39.97 ? 205  ARG A CG  1 
ATOM   1046 C CD  . ARG A 1 142 ? 12.378  -7.243  -1.948  1.00 40.34 ? 205  ARG A CD  1 
ATOM   1047 N N   . CYS A 1 143 ? 7.825   -7.877  2.365   1.00 38.05 ? 206  CYS A N   1 
ATOM   1048 C CA  . CYS A 1 143 ? 6.604   -7.284  2.872   1.00 37.83 ? 206  CYS A CA  1 
ATOM   1049 C C   . CYS A 1 143 ? 6.696   -7.014  4.379   1.00 37.62 ? 206  CYS A C   1 
ATOM   1050 O O   . CYS A 1 143 ? 7.240   -7.814  5.142   1.00 38.48 ? 206  CYS A O   1 
ATOM   1051 C CB  . CYS A 1 143 ? 5.423   -8.204  2.561   1.00 37.86 ? 206  CYS A CB  1 
ATOM   1052 S SG  . CYS A 1 143 ? 3.782   -7.468  2.714   1.00 37.28 ? 206  CYS A SG  1 
ATOM   1053 N N   . SER A 1 144 ? 6.181   -5.860  4.787   1.00 36.94 ? 207  SER A N   1 
ATOM   1054 C CA  . SER A 1 144 ? 6.002   -5.502  6.182   1.00 36.68 ? 207  SER A CA  1 
ATOM   1055 C C   . SER A 1 144 ? 4.527   -5.312  6.437   1.00 35.35 ? 207  SER A C   1 
ATOM   1056 O O   . SER A 1 144 ? 3.834   -4.809  5.572   1.00 33.06 ? 207  SER A O   1 
ATOM   1057 C CB  . SER A 1 144 ? 6.670   -4.172  6.453   1.00 36.63 ? 207  SER A CB  1 
ATOM   1058 O OG  . SER A 1 144 ? 8.008   -4.180  6.005   1.00 41.73 ? 207  SER A OG  1 
ATOM   1059 N N   . TYR A 1 145 ? 4.086   -5.657  7.637   1.00 35.33 ? 208  TYR A N   1 
ATOM   1060 C CA  . TYR A 1 145 ? 2.683   -5.531  8.072   1.00 36.09 ? 208  TYR A CA  1 
ATOM   1061 C C   . TYR A 1 145 ? 2.466   -4.403  9.099   1.00 36.81 ? 208  TYR A C   1 
ATOM   1062 O O   . TYR A 1 145 ? 3.221   -4.289  10.081  1.00 36.21 ? 208  TYR A O   1 
ATOM   1063 C CB  . TYR A 1 145 ? 2.235   -6.850  8.695   1.00 36.69 ? 208  TYR A CB  1 
ATOM   1064 C CG  . TYR A 1 145 ? 0.856   -6.840  9.307   1.00 35.82 ? 208  TYR A CG  1 
ATOM   1065 C CD1 . TYR A 1 145 ? -0.260  -6.783  8.501   1.00 38.58 ? 208  TYR A CD1 1 
ATOM   1066 C CD2 . TYR A 1 145 ? 0.665   -6.897  10.686  1.00 36.99 ? 208  TYR A CD2 1 
ATOM   1067 C CE1 . TYR A 1 145 ? -1.536  -6.781  9.024   1.00 37.51 ? 208  TYR A CE1 1 
ATOM   1068 C CE2 . TYR A 1 145 ? -0.654  -6.907  11.244  1.00 37.72 ? 208  TYR A CE2 1 
ATOM   1069 C CZ  . TYR A 1 145 ? -1.733  -6.839  10.378  1.00 38.05 ? 208  TYR A CZ  1 
ATOM   1070 O OH  . TYR A 1 145 ? -3.029  -6.796  10.800  1.00 38.62 ? 208  TYR A OH  1 
ATOM   1071 N N   . TYR A 1 146 ? 1.409   -3.615  8.887   1.00 36.51 ? 209  TYR A N   1 
ATOM   1072 C CA  . TYR A 1 146 ? 0.968   -2.589  9.822   1.00 37.31 ? 209  TYR A CA  1 
ATOM   1073 C C   . TYR A 1 146 ? -0.553  -2.626  9.993   1.00 36.84 ? 209  TYR A C   1 
ATOM   1074 O O   . TYR A 1 146 ? -1.290  -2.911  9.031   1.00 36.23 ? 209  TYR A O   1 
ATOM   1075 C CB  . TYR A 1 146 ? 1.314   -1.179  9.319   1.00 39.58 ? 209  TYR A CB  1 
ATOM   1076 C CG  . TYR A 1 146 ? 2.674   -1.080  8.675   1.00 41.75 ? 209  TYR A CG  1 
ATOM   1077 C CD1 . TYR A 1 146 ? 2.885   -1.570  7.405   1.00 43.58 ? 209  TYR A CD1 1 
ATOM   1078 C CD2 . TYR A 1 146 ? 3.741   -0.531  9.350   1.00 43.88 ? 209  TYR A CD2 1 
ATOM   1079 C CE1 . TYR A 1 146 ? 4.107   -1.505  6.812   1.00 44.40 ? 209  TYR A CE1 1 
ATOM   1080 C CE2 . TYR A 1 146 ? 4.977   -0.463  8.766   1.00 43.83 ? 209  TYR A CE2 1 
ATOM   1081 C CZ  . TYR A 1 146 ? 5.144   -0.947  7.488   1.00 44.66 ? 209  TYR A CZ  1 
ATOM   1082 O OH  . TYR A 1 146 ? 6.361   -0.895  6.844   1.00 47.47 ? 209  TYR A OH  1 
ATOM   1083 N N   . GLU A 1 147 ? -0.998  -2.312  11.204  1.00 35.41 ? 210  GLU A N   1 
ATOM   1084 C CA  . GLU A 1 147 ? -2.354  -1.876  11.425  1.00 35.86 ? 210  GLU A CA  1 
ATOM   1085 C C   . GLU A 1 147 ? -2.387  -0.364  11.379  1.00 35.15 ? 210  GLU A C   1 
ATOM   1086 O O   . GLU A 1 147 ? -1.514  0.331   11.918  1.00 35.47 ? 210  GLU A O   1 
ATOM   1087 C CB  . GLU A 1 147 ? -2.884  -2.339  12.761  1.00 35.40 ? 210  GLU A CB  1 
ATOM   1088 C CG  . GLU A 1 147 ? -2.950  -3.818  12.896  1.00 36.82 ? 210  GLU A CG  1 
ATOM   1089 C CD  . GLU A 1 147 ? -3.733  -4.244  14.135  1.00 37.76 ? 210  GLU A CD  1 
ATOM   1090 O OE1 . GLU A 1 147 ? -4.521  -3.430  14.656  1.00 41.25 ? 210  GLU A OE1 1 
ATOM   1091 O OE2 . GLU A 1 147 ? -3.554  -5.376  14.586  1.00 40.30 ? 210  GLU A OE2 1 
ATOM   1092 N N   . THR A 1 148 ? -3.390  0.155   10.695  1.00 35.54 ? 211  THR A N   1 
ATOM   1093 C CA  . THR A 1 148 ? -3.541  1.604   10.558  1.00 35.17 ? 211  THR A CA  1 
ATOM   1094 C C   . THR A 1 148 ? -4.897  2.016   11.059  1.00 34.42 ? 211  THR A C   1 
ATOM   1095 O O   . THR A 1 148 ? -5.854  1.222   11.070  1.00 33.38 ? 211  THR A O   1 
ATOM   1096 C CB  . THR A 1 148 ? -3.379  2.123   9.120   1.00 34.91 ? 211  THR A CB  1 
ATOM   1097 O OG1 . THR A 1 148 ? -4.343  1.506   8.253   1.00 36.12 ? 211  THR A OG1 1 
ATOM   1098 C CG2 . THR A 1 148 ? -2.007  1.849   8.606   1.00 35.71 ? 211  THR A CG2 1 
ATOM   1099 N N   . CYS A 1 149 ? -4.959  3.278   11.460  1.00 34.11 ? 212  CYS A N   1 
ATOM   1100 C CA  . CYS A 1 149 ? -6.222  3.919   11.695  1.00 34.06 ? 212  CYS A CA  1 
ATOM   1101 C C   . CYS A 1 149 ? -6.147  5.342   11.163  1.00 33.55 ? 212  CYS A C   1 
ATOM   1102 O O   . CYS A 1 149 ? -5.612  6.227   11.823  1.00 32.27 ? 212  CYS A O   1 
ATOM   1103 C CB  . CYS A 1 149 ? -6.581  3.864   13.178  1.00 34.60 ? 212  CYS A CB  1 
ATOM   1104 S SG  . CYS A 1 149 ? -8.321  4.166   13.492  1.00 38.15 ? 212  CYS A SG  1 
ATOM   1105 N N   . ALA A 1 150 ? -6.664  5.536   9.948   1.00 33.00 ? 213  ALA A N   1 
ATOM   1106 C CA  . ALA A 1 150 ? -6.562  6.843   9.241   1.00 33.44 ? 213  ALA A CA  1 
ATOM   1107 C C   . ALA A 1 150 ? -7.327  8.003   9.896   1.00 33.19 ? 213  ALA A C   1 
ATOM   1108 O O   . ALA A 1 150 ? -7.078  9.179   9.570   1.00 31.45 ? 213  ALA A O   1 
ATOM   1109 C CB  . ALA A 1 150 ? -7.024  6.689   7.768   1.00 33.21 ? 213  ALA A CB  1 
ATOM   1110 N N   . THR A 1 151 ? -8.266  7.667   10.781  1.00 33.30 ? 214  THR A N   1 
ATOM   1111 C CA  . THR A 1 151 ? -9.048  8.639   11.528  1.00 34.27 ? 214  THR A CA  1 
ATOM   1112 C C   . THR A 1 151 ? -8.150  9.492   12.395  1.00 35.09 ? 214  THR A C   1 
ATOM   1113 O O   . THR A 1 151 ? -8.301  10.712  12.445  1.00 34.88 ? 214  THR A O   1 
ATOM   1114 C CB  . THR A 1 151 ? -10.164 7.963   12.384  1.00 34.54 ? 214  THR A CB  1 
ATOM   1115 O OG1 . THR A 1 151 ? -9.578  7.120   13.391  1.00 38.71 ? 214  THR A OG1 1 
ATOM   1116 C CG2 . THR A 1 151 ? -11.048 7.104   11.487  1.00 33.10 ? 214  THR A CG2 1 
ATOM   1117 N N   . TYR A 1 152 ? -7.206  8.884   13.089  1.00 36.00 ? 215  TYR A N   1 
ATOM   1118 C CA  . TYR A 1 152 ? -6.249  9.703   13.809  1.00 36.38 ? 215  TYR A CA  1 
ATOM   1119 C C   . TYR A 1 152 ? -4.806  9.648   13.272  1.00 36.38 ? 215  TYR A C   1 
ATOM   1120 O O   . TYR A 1 152 ? -3.950  10.316  13.796  1.00 36.55 ? 215  TYR A O   1 
ATOM   1121 C CB  . TYR A 1 152 ? -6.313  9.431   15.305  1.00 37.92 ? 215  TYR A CB  1 
ATOM   1122 C CG  . TYR A 1 152 ? -5.807  8.096   15.798  1.00 39.12 ? 215  TYR A CG  1 
ATOM   1123 C CD1 . TYR A 1 152 ? -4.543  7.977   16.375  1.00 41.46 ? 215  TYR A CD1 1 
ATOM   1124 C CD2 . TYR A 1 152 ? -6.608  6.973   15.756  1.00 39.82 ? 215  TYR A CD2 1 
ATOM   1125 C CE1 . TYR A 1 152 ? -4.087  6.750   16.878  1.00 41.52 ? 215  TYR A CE1 1 
ATOM   1126 C CE2 . TYR A 1 152 ? -6.157  5.742   16.240  1.00 40.18 ? 215  TYR A CE2 1 
ATOM   1127 C CZ  . TYR A 1 152 ? -4.920  5.646   16.812  1.00 39.47 ? 215  TYR A CZ  1 
ATOM   1128 O OH  . TYR A 1 152 ? -4.500  4.443   17.287  1.00 40.38 ? 215  TYR A OH  1 
ATOM   1129 N N   . GLY A 1 153 ? -4.552  8.855   12.237  1.00 36.74 ? 216  GLY A N   1 
ATOM   1130 C CA  . GLY A 1 153 ? -3.260  8.868   11.538  1.00 36.45 ? 216  GLY A CA  1 
ATOM   1131 C C   . GLY A 1 153 ? -2.333  7.730   11.901  1.00 36.55 ? 216  GLY A C   1 
ATOM   1132 O O   . GLY A 1 153 ? -1.207  7.698   11.420  1.00 36.23 ? 216  GLY A O   1 
ATOM   1133 N N   . LEU A 1 154 ? -2.808  6.790   12.724  1.00 36.31 ? 217  LEU A N   1 
ATOM   1134 C CA  . LEU A 1 154 ? -2.006  5.657   13.175  1.00 36.21 ? 217  LEU A CA  1 
ATOM   1135 C C   . LEU A 1 154 ? -1.336  4.920   12.021  1.00 35.64 ? 217  LEU A C   1 
ATOM   1136 O O   . LEU A 1 154 ? -2.018  4.331   11.167  1.00 35.09 ? 217  LEU A O   1 
ATOM   1137 C CB  . LEU A 1 154 ? -2.867  4.653   13.974  1.00 36.36 ? 217  LEU A CB  1 
ATOM   1138 C CG  . LEU A 1 154 ? -2.192  3.319   14.357  1.00 36.54 ? 217  LEU A CG  1 
ATOM   1139 C CD1 . LEU A 1 154 ? -0.995  3.556   15.284  1.00 38.16 ? 217  LEU A CD1 1 
ATOM   1140 C CD2 . LEU A 1 154 ? -3.185  2.322   14.982  1.00 38.28 ? 217  LEU A CD2 1 
ATOM   1141 N N   . ASN A 1 155 ? -0.006  4.968   12.022  1.00 35.20 ? 218  ASN A N   1 
ATOM   1142 C CA  . ASN A 1 155 ? 0.853   4.318   11.043  1.00 36.05 ? 218  ASN A CA  1 
ATOM   1143 C C   . ASN A 1 155 ? 0.623   4.660   9.590   1.00 35.66 ? 218  ASN A C   1 
ATOM   1144 O O   . ASN A 1 155 ? 1.137   3.963   8.718   1.00 34.77 ? 218  ASN A O   1 
ATOM   1145 C CB  . ASN A 1 155 ? 0.818   2.789   11.225  1.00 35.62 ? 218  ASN A CB  1 
ATOM   1146 C CG  . ASN A 1 155 ? 1.576   2.351   12.466  1.00 37.44 ? 218  ASN A CG  1 
ATOM   1147 O OD1 . ASN A 1 155 ? 2.599   2.956   12.801  1.00 39.88 ? 218  ASN A OD1 1 
ATOM   1148 N ND2 . ASN A 1 155 ? 1.056   1.343   13.182  1.00 35.75 ? 218  ASN A ND2 1 
ATOM   1149 N N   . VAL A 1 156 ? -0.118  5.732   9.317   1.00 35.63 ? 219  VAL A N   1 
ATOM   1150 C CA  . VAL A 1 156 ? -0.393  6.078   7.939   1.00 36.90 ? 219  VAL A CA  1 
ATOM   1151 C C   . VAL A 1 156 ? 0.888   6.575   7.253   1.00 37.11 ? 219  VAL A C   1 
ATOM   1152 O O   . VAL A 1 156 ? 1.320   6.000   6.269   1.00 36.69 ? 219  VAL A O   1 
ATOM   1153 C CB  . VAL A 1 156 ? -1.518  7.117   7.811   1.00 37.36 ? 219  VAL A CB  1 
ATOM   1154 C CG1 . VAL A 1 156 ? -1.631  7.610   6.335   1.00 36.06 ? 219  VAL A CG1 1 
ATOM   1155 C CG2 . VAL A 1 156 ? -2.866  6.501   8.341   1.00 37.46 ? 219  VAL A CG2 1 
ATOM   1156 N N   . ASP A 1 157 ? 1.502   7.626   7.771   1.00 37.55 ? 220  ASP A N   1 
ATOM   1157 C CA  . ASP A 1 157 ? 2.775   8.107   7.186   1.00 38.12 ? 220  ASP A CA  1 
ATOM   1158 C C   . ASP A 1 157 ? 3.816   6.998   7.248   1.00 38.06 ? 220  ASP A C   1 
ATOM   1159 O O   . ASP A 1 157 ? 4.592   6.824   6.314   1.00 37.92 ? 220  ASP A O   1 
ATOM   1160 C CB  . ASP A 1 157 ? 3.303   9.315   7.946   1.00 38.60 ? 220  ASP A CB  1 
ATOM   1161 C CG  . ASP A 1 157 ? 2.479   10.571  7.709   1.00 42.23 ? 220  ASP A CG  1 
ATOM   1162 O OD1 . ASP A 1 157 ? 2.602   11.508  8.531   1.00 50.83 ? 220  ASP A OD1 1 
ATOM   1163 O OD2 . ASP A 1 157 ? 1.711   10.639  6.728   1.00 45.35 ? 220  ASP A OD2 1 
ATOM   1164 N N   . ARG A 1 158 ? 3.838   6.277   8.368   1.00 38.02 ? 221  ARG A N   1 
ATOM   1165 C CA  . ARG A 1 158 ? 4.768   5.152   8.550   1.00 38.23 ? 221  ARG A CA  1 
ATOM   1166 C C   . ARG A 1 158 ? 4.756   4.149   7.412   1.00 37.26 ? 221  ARG A C   1 
ATOM   1167 O O   . ARG A 1 158 ? 5.811   3.800   6.923   1.00 37.45 ? 221  ARG A O   1 
ATOM   1168 C CB  . ARG A 1 158 ? 4.527   4.420   9.870   1.00 38.68 ? 221  ARG A CB  1 
ATOM   1169 C CG  . ARG A 1 158 ? 5.677   3.503   10.253  1.00 39.52 ? 221  ARG A CG  1 
ATOM   1170 C CD  . ARG A 1 158 ? 5.346   2.606   11.450  1.00 41.57 ? 221  ARG A CD  1 
ATOM   1171 N NE  . ARG A 1 158 ? 6.446   1.681   11.767  1.00 44.55 ? 221  ARG A NE  1 
ATOM   1172 N N   . VAL A 1 159 ? 3.575   3.721   6.970   1.00 36.54 ? 222  VAL A N   1 
ATOM   1173 C CA  . VAL A 1 159 ? 3.471   2.763   5.872   1.00 36.95 ? 222  VAL A CA  1 
ATOM   1174 C C   . VAL A 1 159 ? 4.107   3.326   4.598   1.00 36.00 ? 222  VAL A C   1 
ATOM   1175 O O   . VAL A 1 159 ? 4.896   2.647   3.954   1.00 33.23 ? 222  VAL A O   1 
ATOM   1176 C CB  . VAL A 1 159 ? 2.006   2.383   5.524   1.00 36.78 ? 222  VAL A CB  1 
ATOM   1177 C CG1 . VAL A 1 159 ? 1.961   1.573   4.265   1.00 38.64 ? 222  VAL A CG1 1 
ATOM   1178 C CG2 . VAL A 1 159 ? 1.355   1.624   6.632   1.00 39.73 ? 222  VAL A CG2 1 
ATOM   1179 N N   . PHE A 1 160 ? 3.699   4.536   4.225   1.00 35.36 ? 223  PHE A N   1 
ATOM   1180 C CA  . PHE A 1 160 ? 4.177   5.154   2.999   1.00 36.60 ? 223  PHE A CA  1 
ATOM   1181 C C   . PHE A 1 160 ? 5.672   5.411   3.051   1.00 37.19 ? 223  PHE A C   1 
ATOM   1182 O O   . PHE A 1 160 ? 6.400   5.093   2.103   1.00 36.39 ? 223  PHE A O   1 
ATOM   1183 C CB  . PHE A 1 160 ? 3.382   6.413   2.661   1.00 35.96 ? 223  PHE A CB  1 
ATOM   1184 C CG  . PHE A 1 160 ? 1.980   6.107   2.208   1.00 36.63 ? 223  PHE A CG  1 
ATOM   1185 C CD1 . PHE A 1 160 ? 1.691   5.967   0.864   1.00 35.51 ? 223  PHE A CD1 1 
ATOM   1186 C CD2 . PHE A 1 160 ? 0.968   5.870   3.120   1.00 35.03 ? 223  PHE A CD2 1 
ATOM   1187 C CE1 . PHE A 1 160 ? 0.426   5.633   0.431   1.00 36.03 ? 223  PHE A CE1 1 
ATOM   1188 C CE2 . PHE A 1 160 ? -0.331  5.541   2.672   1.00 37.13 ? 223  PHE A CE2 1 
ATOM   1189 C CZ  . PHE A 1 160 ? -0.582  5.414   1.315   1.00 35.40 ? 223  PHE A CZ  1 
ATOM   1190 N N   . GLN A 1 161 ? 6.136   5.922   4.191   1.00 38.69 ? 224  GLN A N   1 
ATOM   1191 C CA  . GLN A 1 161 ? 7.543   6.206   4.377   1.00 39.57 ? 224  GLN A CA  1 
ATOM   1192 C C   . GLN A 1 161 ? 8.378   4.938   4.362   1.00 39.32 ? 224  GLN A C   1 
ATOM   1193 O O   . GLN A 1 161 ? 9.438   4.913   3.754   1.00 38.11 ? 224  GLN A O   1 
ATOM   1194 C CB  . GLN A 1 161 ? 7.755   7.033   5.650   1.00 39.71 ? 224  GLN A CB  1 
ATOM   1195 C CG  . GLN A 1 161 ? 7.128   8.408   5.470   1.00 42.84 ? 224  GLN A CG  1 
ATOM   1196 C CD  . GLN A 1 161 ? 7.054   9.273   6.726   1.00 44.48 ? 224  GLN A CD  1 
ATOM   1197 O OE1 . GLN A 1 161 ? 6.603   10.443  6.645   1.00 47.78 ? 224  GLN A OE1 1 
ATOM   1198 N NE2 . GLN A 1 161 ? 7.453   8.711   7.896   1.00 46.81 ? 224  GLN A NE2 1 
ATOM   1199 N N   . GLU A 1 162 ? 7.910   3.882   5.013   1.00 39.45 ? 225  GLU A N   1 
ATOM   1200 C CA  . GLU A 1 162 ? 8.689   2.640   5.062   1.00 40.38 ? 225  GLU A CA  1 
ATOM   1201 C C   . GLU A 1 162 ? 8.774   1.914   3.701   1.00 39.41 ? 225  GLU A C   1 
ATOM   1202 O O   . GLU A 1 162 ? 9.809   1.392   3.340   1.00 38.28 ? 225  GLU A O   1 
ATOM   1203 C CB  . GLU A 1 162 ? 8.180   1.721   6.178   1.00 41.36 ? 225  GLU A CB  1 
ATOM   1204 C CG  . GLU A 1 162 ? 8.623   2.242   7.578   1.00 43.71 ? 225  GLU A CG  1 
ATOM   1205 C CD  . GLU A 1 162 ? 8.460   1.235   8.700   1.00 44.67 ? 225  GLU A CD  1 
ATOM   1206 O OE1 . GLU A 1 162 ? 7.833   0.169   8.480   1.00 50.15 ? 225  GLU A OE1 1 
ATOM   1207 O OE2 . GLU A 1 162 ? 8.960   1.519   9.818   1.00 51.83 ? 225  GLU A OE2 1 
ATOM   1208 N N   . VAL A 1 163 ? 7.698   1.928   2.940   1.00 38.72 ? 226  VAL A N   1 
ATOM   1209 C CA  . VAL A 1 163 ? 7.712   1.436   1.555   1.00 38.56 ? 226  VAL A CA  1 
ATOM   1210 C C   . VAL A 1 163 ? 8.608   2.293   0.610   1.00 37.06 ? 226  VAL A C   1 
ATOM   1211 O O   . VAL A 1 163 ? 9.353   1.759   -0.214  1.00 35.68 ? 226  VAL A O   1 
ATOM   1212 C CB  . VAL A 1 163 ? 6.256   1.363   1.039   1.00 39.56 ? 226  VAL A CB  1 
ATOM   1213 C CG1 . VAL A 1 163 ? 6.191   1.194   -0.429  1.00 41.59 ? 226  VAL A CG1 1 
ATOM   1214 C CG2 . VAL A 1 163 ? 5.515   0.217   1.738   1.00 42.26 ? 226  VAL A CG2 1 
ATOM   1215 N N   . ALA A 1 164 ? 8.518   3.619   0.706   1.00 36.09 ? 227  ALA A N   1 
ATOM   1216 C CA  . ALA A 1 164 ? 9.467   4.502   -0.007  1.00 35.63 ? 227  ALA A CA  1 
ATOM   1217 C C   . ALA A 1 164 ? 10.940  4.193   0.353   1.00 35.78 ? 227  ALA A C   1 
ATOM   1218 O O   . ALA A 1 164 ? 11.784  4.043   -0.541  1.00 33.62 ? 227  ALA A O   1 
ATOM   1219 C CB  . ALA A 1 164 ? 9.156   5.966   0.279   1.00 35.53 ? 227  ALA A CB  1 
ATOM   1220 N N   . GLN A 1 165 ? 11.243  4.076   1.654   1.00 34.87 ? 228  GLN A N   1 
ATOM   1221 C CA  . GLN A 1 165 ? 12.580  3.674   2.085   1.00 34.88 ? 228  GLN A CA  1 
ATOM   1222 C C   . GLN A 1 165 ? 12.995  2.323   1.492   1.00 34.00 ? 228  GLN A C   1 
ATOM   1223 O O   . GLN A 1 165 ? 14.096  2.205   0.948   1.00 33.50 ? 228  GLN A O   1 
ATOM   1224 C CB  . GLN A 1 165 ? 12.690  3.629   3.619   1.00 35.99 ? 228  GLN A CB  1 
ATOM   1225 C CG  . GLN A 1 165 ? 14.016  3.059   4.144   1.00 35.93 ? 228  GLN A CG  1 
ATOM   1226 C CD  . GLN A 1 165 ? 15.129  4.062   4.028   1.00 38.22 ? 228  GLN A CD  1 
ATOM   1227 O OE1 . GLN A 1 165 ? 15.115  5.056   4.733   1.00 43.55 ? 228  GLN A OE1 1 
ATOM   1228 N NE2 . GLN A 1 165 ? 16.100  3.816   3.157   1.00 35.14 ? 228  GLN A NE2 1 
ATOM   1229 N N   . LYS A 1 166 ? 12.130  1.313   1.552   1.00 33.30 ? 229  LYS A N   1 
ATOM   1230 C CA  . LYS A 1 166 ? 12.476  0.021   0.918   1.00 33.55 ? 229  LYS A CA  1 
ATOM   1231 C C   . LYS A 1 166 ? 12.891  0.147   -0.566  1.00 32.59 ? 229  LYS A C   1 
ATOM   1232 O O   . LYS A 1 166 ? 13.856  -0.471  -1.002  1.00 33.10 ? 229  LYS A O   1 
ATOM   1233 C CB  . LYS A 1 166 ? 11.328  -0.976  1.002   1.00 33.71 ? 229  LYS A CB  1 
ATOM   1234 C CG  . LYS A 1 166 ? 11.311  -1.880  2.191   1.00 34.82 ? 229  LYS A CG  1 
ATOM   1235 C CD  . LYS A 1 166 ? 10.092  -2.825  2.093   1.00 34.22 ? 229  LYS A CD  1 
ATOM   1236 C CE  . LYS A 1 166 ? 9.659   -3.330  3.461   1.00 37.41 ? 229  LYS A CE  1 
ATOM   1237 N NZ  . LYS A 1 166 ? 8.446   -4.225  3.443   1.00 36.18 ? 229  LYS A NZ  1 
ATOM   1238 N N   . VAL A 1 167 ? 12.142  0.933   -1.330  1.00 31.87 ? 230  VAL A N   1 
ATOM   1239 C CA  . VAL A 1 167 ? 12.439  1.165   -2.747  1.00 31.53 ? 230  VAL A CA  1 
ATOM   1240 C C   . VAL A 1 167 ? 13.833  1.800   -2.939  1.00 30.16 ? 230  VAL A C   1 
ATOM   1241 O O   . VAL A 1 167 ? 14.606  1.358   -3.781  1.00 28.64 ? 230  VAL A O   1 
ATOM   1242 C CB  . VAL A 1 167 ? 11.387  2.108   -3.388  1.00 31.52 ? 230  VAL A CB  1 
ATOM   1243 C CG1 . VAL A 1 167 ? 11.844  2.564   -4.762  1.00 30.58 ? 230  VAL A CG1 1 
ATOM   1244 C CG2 . VAL A 1 167 ? 10.021  1.425   -3.438  1.00 32.64 ? 230  VAL A CG2 1 
ATOM   1245 N N   . VAL A 1 168 ? 14.100  2.862   -2.179  1.00 29.23 ? 231  VAL A N   1 
ATOM   1246 C CA  . VAL A 1 168 ? 15.366  3.582   -2.243  1.00 29.90 ? 231  VAL A CA  1 
ATOM   1247 C C   . VAL A 1 168 ? 16.584  2.687   -1.837  1.00 29.47 ? 231  VAL A C   1 
ATOM   1248 O O   . VAL A 1 168 ? 17.632  2.746   -2.468  1.00 29.20 ? 231  VAL A O   1 
ATOM   1249 C CB  . VAL A 1 168 ? 15.273  4.850   -1.356  1.00 30.09 ? 231  VAL A CB  1 
ATOM   1250 C CG1 . VAL A 1 168 ? 16.631  5.566   -1.241  1.00 28.75 ? 231  VAL A CG1 1 
ATOM   1251 C CG2 . VAL A 1 168 ? 14.221  5.806   -1.948  1.00 30.18 ? 231  VAL A CG2 1 
ATOM   1252 N N   . THR A 1 169 ? 16.413  1.858   -0.802  1.00 29.83 ? 232  THR A N   1 
ATOM   1253 C CA  . THR A 1 169 ? 17.462  0.936   -0.347  1.00 30.32 ? 232  THR A CA  1 
ATOM   1254 C C   . THR A 1 169 ? 17.706  -0.154  -1.392  1.00 30.58 ? 232  THR A C   1 
ATOM   1255 O O   . THR A 1 169 ? 18.860  -0.514  -1.654  1.00 30.51 ? 232  THR A O   1 
ATOM   1256 C CB  . THR A 1 169 ? 17.110  0.231   0.998   1.00 30.03 ? 232  THR A CB  1 
ATOM   1257 O OG1 . THR A 1 169 ? 16.873  1.196   2.029   1.00 29.96 ? 232  THR A OG1 1 
ATOM   1258 C CG2 . THR A 1 169 ? 18.247  -0.694  1.423   1.00 29.72 ? 232  THR A CG2 1 
ATOM   1259 N N   . LEU A 1 170 ? 16.628  -0.686  -1.966  1.00 31.08 ? 233  LEU A N   1 
ATOM   1260 C CA  . LEU A 1 170 ? 16.743  -1.653  -3.076  1.00 32.58 ? 233  LEU A CA  1 
ATOM   1261 C C   . LEU A 1 170 ? 17.519  -1.077  -4.268  1.00 32.39 ? 233  LEU A C   1 
ATOM   1262 O O   . LEU A 1 170 ? 18.369  -1.747  -4.848  1.00 32.18 ? 233  LEU A O   1 
ATOM   1263 C CB  . LEU A 1 170 ? 15.363  -2.133  -3.542  1.00 33.23 ? 233  LEU A CB  1 
ATOM   1264 C CG  . LEU A 1 170 ? 14.700  -3.216  -2.687  1.00 37.58 ? 233  LEU A CG  1 
ATOM   1265 C CD1 . LEU A 1 170 ? 13.183  -3.328  -2.987  1.00 40.22 ? 233  LEU A CD1 1 
ATOM   1266 C CD2 . LEU A 1 170 ? 15.398  -4.556  -2.884  1.00 41.43 ? 233  LEU A CD2 1 
ATOM   1267 N N   . ARG A 1 171 ? 17.221  0.169   -4.619  1.00 32.87 ? 234  ARG A N   1 
ATOM   1268 C CA  . ARG A 1 171 ? 17.920  0.868   -5.694  1.00 33.90 ? 234  ARG A CA  1 
ATOM   1269 C C   . ARG A 1 171 ? 19.378  1.081   -5.409  1.00 33.67 ? 234  ARG A C   1 
ATOM   1270 O O   . ARG A 1 171 ? 20.183  0.978   -6.308  1.00 35.27 ? 234  ARG A O   1 
ATOM   1271 C CB  . ARG A 1 171 ? 17.306  2.251   -5.941  1.00 34.41 ? 234  ARG A CB  1 
ATOM   1272 C CG  . ARG A 1 171 ? 16.135  2.243   -6.865  1.00 35.50 ? 234  ARG A CG  1 
ATOM   1273 C CD  . ARG A 1 171 ? 15.622  3.669   -7.055  1.00 35.88 ? 234  ARG A CD  1 
ATOM   1274 N NE  . ARG A 1 171 ? 14.285  3.609   -7.621  1.00 39.75 ? 234  ARG A NE  1 
ATOM   1275 C CZ  . ARG A 1 171 ? 13.457  4.632   -7.759  1.00 40.40 ? 234  ARG A CZ  1 
ATOM   1276 N NH1 . ARG A 1 171 ? 13.816  5.851   -7.368  1.00 41.45 ? 234  ARG A NH1 1 
ATOM   1277 N NH2 . ARG A 1 171 ? 12.265  4.406   -8.305  1.00 41.63 ? 234  ARG A NH2 1 
ATOM   1278 N N   . LYS A 1 172 ? 19.716  1.469   -4.180  1.00 34.07 ? 235  LYS A N   1 
ATOM   1279 C CA  . LYS A 1 172 ? 21.111  1.658   -3.791  1.00 34.20 ? 235  LYS A CA  1 
ATOM   1280 C C   . LYS A 1 172 ? 21.878  0.325   -3.792  1.00 34.82 ? 235  LYS A C   1 
ATOM   1281 O O   . LYS A 1 172 ? 23.078  0.267   -4.135  1.00 31.98 ? 235  LYS A O   1 
ATOM   1282 C CB  . LYS A 1 172 ? 21.221  2.266   -2.408  1.00 33.76 ? 235  LYS A CB  1 
ATOM   1283 C CG  . LYS A 1 172 ? 20.873  3.734   -2.304  1.00 34.05 ? 235  LYS A CG  1 
ATOM   1284 C CD  . LYS A 1 172 ? 21.073  4.189   -0.871  1.00 33.85 ? 235  LYS A CD  1 
ATOM   1285 C CE  . LYS A 1 172 ? 20.461  5.540   -0.607  1.00 34.62 ? 235  LYS A CE  1 
ATOM   1286 N NZ  . LYS A 1 172 ? 20.774  5.960   0.774   1.00 35.74 ? 235  LYS A NZ  1 
ATOM   1287 N N   . GLN A 1 173 ? 21.179  -0.736  -3.371  1.00 36.53 ? 236  GLN A N   1 
ATOM   1288 C CA  . GLN A 1 173 ? 21.724  -2.094  -3.478  1.00 38.51 ? 236  GLN A CA  1 
ATOM   1289 C C   . GLN A 1 173 ? 22.088  -2.421  -4.914  1.00 39.27 ? 236  GLN A C   1 
ATOM   1290 O O   . GLN A 1 173 ? 23.143  -2.957  -5.167  1.00 39.16 ? 236  GLN A O   1 
ATOM   1291 C CB  . GLN A 1 173 ? 20.727  -3.136  -2.983  1.00 38.36 ? 236  GLN A CB  1 
ATOM   1292 C CG  . GLN A 1 173 ? 20.864  -3.489  -1.549  1.00 39.15 ? 236  GLN A CG  1 
ATOM   1293 C CD  . GLN A 1 173 ? 19.859  -4.528  -1.132  1.00 40.31 ? 236  GLN A CD  1 
ATOM   1294 O OE1 . GLN A 1 173 ? 19.399  -5.363  -1.941  1.00 40.64 ? 236  GLN A OE1 1 
ATOM   1295 N NE2 . GLN A 1 173 ? 19.481  -4.473  0.136   1.00 43.94 ? 236  GLN A NE2 1 
ATOM   1296 N N   . GLN A 1 174 ? 21.185  -2.097  -5.832  1.00 41.76 ? 237  GLN A N   1 
ATOM   1297 C CA  . GLN A 1 174 ? 21.393  -2.317  -7.254  1.00 43.64 ? 237  GLN A CA  1 
ATOM   1298 C C   . GLN A 1 174 ? 22.617  -1.557  -7.745  1.00 44.61 ? 237  GLN A C   1 
ATOM   1299 O O   . GLN A 1 174 ? 23.397  -2.100  -8.503  1.00 45.18 ? 237  GLN A O   1 
ATOM   1300 C CB  . GLN A 1 174 ? 20.161  -1.894  -8.072  1.00 44.11 ? 237  GLN A CB  1 
ATOM   1301 C CG  . GLN A 1 174 ? 18.887  -2.709  -7.859  1.00 45.32 ? 237  GLN A CG  1 
ATOM   1302 C CD  . GLN A 1 174 ? 17.573  -1.954  -8.273  1.00 46.82 ? 237  GLN A CD  1 
ATOM   1303 O OE1 . GLN A 1 174 ? 17.612  -0.895  -8.914  1.00 53.91 ? 237  GLN A OE1 1 
ATOM   1304 N NE2 . GLN A 1 174 ? 16.420  -2.512  -7.904  1.00 48.57 ? 237  GLN A NE2 1 
ATOM   1305 N N   . GLN A 1 175 ? 22.820  -0.315  -7.311  1.00 46.03 ? 238  GLN A N   1 
ATOM   1306 C CA  . GLN A 1 175 ? 23.963  0.459   -7.818  1.00 47.13 ? 238  GLN A CA  1 
ATOM   1307 C C   . GLN A 1 175 ? 25.281  0.089   -7.110  1.00 48.21 ? 238  GLN A C   1 
ATOM   1308 O O   . GLN A 1 175 ? 26.369  0.333   -7.631  1.00 48.14 ? 238  GLN A O   1 
ATOM   1309 C CB  . GLN A 1 175 ? 23.683  1.980   -7.798  1.00 47.23 ? 238  GLN A CB  1 
ATOM   1310 C CG  . GLN A 1 175 ? 23.666  2.680   -6.435  1.00 48.05 ? 238  GLN A CG  1 
ATOM   1311 C CD  . GLN A 1 175 ? 23.151  4.155   -6.521  1.00 48.26 ? 238  GLN A CD  1 
ATOM   1312 O OE1 . GLN A 1 175 ? 23.477  4.898   -7.470  1.00 51.20 ? 238  GLN A OE1 1 
ATOM   1313 N NE2 . GLN A 1 175 ? 22.376  4.575   -5.520  1.00 45.13 ? 238  GLN A NE2 1 
ATOM   1314 N N   . LEU A 1 176 ? 25.168  -0.493  -5.918  1.00 49.02 ? 239  LEU A N   1 
ATOM   1315 C CA  . LEU A 1 176 ? 26.294  -1.123  -5.218  1.00 49.43 ? 239  LEU A CA  1 
ATOM   1316 C C   . LEU A 1 176 ? 26.652  -2.390  -5.996  1.00 50.11 ? 239  LEU A C   1 
ATOM   1317 O O   . LEU A 1 176 ? 27.807  -2.818  -6.042  1.00 50.16 ? 239  LEU A O   1 
ATOM   1318 C CB  . LEU A 1 176 ? 25.856  -1.447  -3.781  1.00 49.51 ? 239  LEU A CB  1 
ATOM   1319 C CG  . LEU A 1 176 ? 26.673  -2.210  -2.741  1.00 49.43 ? 239  LEU A CG  1 
ATOM   1320 C CD1 . LEU A 1 176 ? 27.847  -1.404  -2.274  1.00 50.03 ? 239  LEU A CD1 1 
ATOM   1321 C CD2 . LEU A 1 176 ? 25.769  -2.543  -1.553  1.00 49.65 ? 239  LEU A CD2 1 
ATOM   1322 N N   . LEU A 1 177 ? 25.623  -2.953  -6.628  1.00 51.01 ? 240  LEU A N   1 
ATOM   1323 C CA  . LEU A 1 177 ? 25.704  -4.170  -7.439  1.00 51.21 ? 240  LEU A CA  1 
ATOM   1324 C C   . LEU A 1 177 ? 26.000  -5.361  -6.535  1.00 51.34 ? 240  LEU A C   1 
ATOM   1325 O O   . LEU A 1 177 ? 25.220  -5.632  -5.607  1.00 51.20 ? 240  LEU A O   1 
ATOM   1326 C CB  . LEU A 1 177 ? 26.694  -4.013  -8.599  1.00 51.70 ? 240  LEU A CB  1 
ATOM   1327 C CG  . LEU A 1 177 ? 26.071  -3.311  -9.814  1.00 52.84 ? 240  LEU A CG  1 
ATOM   1328 C CD1 . LEU A 1 177 ? 27.095  -2.536  -10.645 1.00 53.25 ? 240  LEU A CD1 1 
ATOM   1329 C CD2 . LEU A 1 177 ? 25.325  -4.329  -10.666 1.00 53.68 ? 240  LEU A CD2 1 
HETATM 1330 O O   . HOH B 2 .   ? 21.226  19.134  -17.397 1.00 46.46 ? 2001 HOH A O   1 
HETATM 1331 O O   . HOH B 2 .   ? 18.037  15.838  -15.072 1.00 33.81 ? 2002 HOH A O   1 
HETATM 1332 O O   . HOH B 2 .   ? 14.230  19.492  -12.735 1.00 40.97 ? 2003 HOH A O   1 
HETATM 1333 O O   . HOH B 2 .   ? 21.118  12.480  -10.586 1.00 37.02 ? 2004 HOH A O   1 
HETATM 1334 O O   . HOH B 2 .   ? 18.511  11.247  -13.235 1.00 52.52 ? 2005 HOH A O   1 
HETATM 1335 O O   . HOH B 2 .   ? 13.625  7.914   -10.382 1.00 30.04 ? 2006 HOH A O   1 
HETATM 1336 O O   . HOH B 2 .   ? 10.091  5.144   -11.520 1.00 55.00 ? 2007 HOH A O   1 
HETATM 1337 O O   . HOH B 2 .   ? -10.172 -4.636  -5.280  1.00 35.46 ? 2008 HOH A O   1 
HETATM 1338 O O   . HOH B 2 .   ? -15.725 -4.770  -0.644  1.00 48.77 ? 2009 HOH A O   1 
HETATM 1339 O O   . HOH B 2 .   ? -14.694 -4.587  -4.086  1.00 45.97 ? 2010 HOH A O   1 
HETATM 1340 O O   . HOH B 2 .   ? -17.654 -0.252  1.468   1.00 55.07 ? 2011 HOH A O   1 
HETATM 1341 O O   . HOH B 2 .   ? -13.029 1.030   1.380   1.00 42.41 ? 2012 HOH A O   1 
HETATM 1342 O O   . HOH B 2 .   ? -12.387 0.196   6.352   1.00 51.17 ? 2013 HOH A O   1 
HETATM 1343 O O   . HOH B 2 .   ? -8.188  8.266   -2.124  1.00 34.77 ? 2014 HOH A O   1 
HETATM 1344 O O   . HOH B 2 .   ? -11.462 2.219   -0.058  1.00 41.40 ? 2015 HOH A O   1 
HETATM 1345 O O   . HOH B 2 .   ? -8.787  10.050  4.695   1.00 21.80 ? 2016 HOH A O   1 
HETATM 1346 O O   . HOH B 2 .   ? -1.279  11.304  7.977   1.00 30.58 ? 2017 HOH A O   1 
HETATM 1347 O O   . HOH B 2 .   ? -6.379  13.259  13.009  1.00 32.56 ? 2018 HOH A O   1 
HETATM 1348 O O   . HOH B 2 .   ? 13.767  19.813  -9.977  1.00 57.95 ? 2019 HOH A O   1 
HETATM 1349 O O   . HOH B 2 .   ? 16.787  10.723  -10.565 1.00 59.25 ? 2020 HOH A O   1 
HETATM 1350 O O   . HOH B 2 .   ? -6.282  18.280  4.838   1.00 29.23 ? 2021 HOH A O   1 
HETATM 1351 O O   . HOH B 2 .   ? -9.551  14.490  9.859   1.00 31.96 ? 2022 HOH A O   1 
HETATM 1352 O O   . HOH B 2 .   ? -10.035 16.724  3.009   1.00 49.85 ? 2023 HOH A O   1 
HETATM 1353 O O   . HOH B 2 .   ? -11.829 3.979   1.956   1.00 28.33 ? 2024 HOH A O   1 
HETATM 1354 O O   . HOH B 2 .   ? -17.643 8.093   -10.983 1.00 47.04 ? 2025 HOH A O   1 
HETATM 1355 O O   . HOH B 2 .   ? -10.532 3.235   -6.027  1.00 38.97 ? 2026 HOH A O   1 
HETATM 1356 O O   . HOH B 2 .   ? -14.144 6.793   -15.456 1.00 27.10 ? 2027 HOH A O   1 
HETATM 1357 O O   . HOH B 2 .   ? -10.473 5.330   -13.754 1.00 52.04 ? 2028 HOH A O   1 
HETATM 1358 O O   . HOH B 2 .   ? -7.100  -6.506  -17.445 1.00 45.67 ? 2029 HOH A O   1 
HETATM 1359 O O   . HOH B 2 .   ? -2.452  14.532  -6.126  1.00 30.69 ? 2030 HOH A O   1 
HETATM 1360 O O   . HOH B 2 .   ? 3.634   13.854  5.050   1.00 46.41 ? 2031 HOH A O   1 
HETATM 1361 O O   . HOH B 2 .   ? 3.592   17.583  -2.599  1.00 43.19 ? 2032 HOH A O   1 
HETATM 1362 O O   . HOH B 2 .   ? -13.056 -6.093  -8.264  1.00 47.36 ? 2033 HOH A O   1 
HETATM 1363 O O   . HOH B 2 .   ? -4.936  -8.119  -16.731 1.00 40.68 ? 2034 HOH A O   1 
HETATM 1364 O O   . HOH B 2 .   ? 9.896   9.441   4.419   1.00 46.56 ? 2035 HOH A O   1 
HETATM 1365 O O   . HOH B 2 .   ? 8.694   12.901  3.515   1.00 41.38 ? 2036 HOH A O   1 
HETATM 1366 O O   . HOH B 2 .   ? 20.403  10.006  4.518   1.00 47.48 ? 2037 HOH A O   1 
HETATM 1367 O O   . HOH B 2 .   ? 19.382  3.055   2.380   1.00 27.53 ? 2038 HOH A O   1 
HETATM 1368 O O   . HOH B 2 .   ? 21.085  9.050   0.118   1.00 55.17 ? 2039 HOH A O   1 
HETATM 1369 O O   . HOH B 2 .   ? 15.565  11.300  5.071   1.00 44.11 ? 2040 HOH A O   1 
HETATM 1370 O O   . HOH B 2 .   ? -1.709  2.064   -14.048 1.00 25.53 ? 2041 HOH A O   1 
HETATM 1371 O O   . HOH B 2 .   ? -4.303  3.507   -11.320 1.00 54.93 ? 2042 HOH A O   1 
HETATM 1372 O O   . HOH B 2 .   ? -7.633  -2.870  -5.808  1.00 26.67 ? 2043 HOH A O   1 
HETATM 1373 O O   . HOH B 2 .   ? -11.012 -6.169  -11.023 1.00 45.52 ? 2044 HOH A O   1 
HETATM 1374 O O   . HOH B 2 .   ? -5.758  -8.588  -13.370 1.00 43.22 ? 2045 HOH A O   1 
HETATM 1375 O O   . HOH B 2 .   ? -3.144  0.012   -14.868 1.00 53.28 ? 2046 HOH A O   1 
HETATM 1376 O O   . HOH B 2 .   ? -3.116  -6.975  -18.121 1.00 25.30 ? 2047 HOH A O   1 
HETATM 1377 O O   . HOH B 2 .   ? -4.641  3.884   -19.403 1.00 52.94 ? 2048 HOH A O   1 
HETATM 1378 O O   . HOH B 2 .   ? 3.478   -0.396  -17.186 1.00 34.31 ? 2049 HOH A O   1 
HETATM 1379 O O   . HOH B 2 .   ? -18.231 -9.842  12.128  1.00 48.82 ? 2050 HOH A O   1 
HETATM 1380 O O   . HOH B 2 .   ? 4.793   7.441   -14.154 1.00 42.86 ? 2051 HOH A O   1 
HETATM 1381 O O   . HOH B 2 .   ? 11.071  -1.753  -6.171  1.00 39.67 ? 2052 HOH A O   1 
HETATM 1382 O O   . HOH B 2 .   ? -8.745  10.694  16.762  1.00 52.24 ? 2053 HOH A O   1 
HETATM 1383 O O   . HOH B 2 .   ? -11.847 -1.123  9.126   1.00 43.79 ? 2054 HOH A O   1 
HETATM 1384 O O   . HOH B 2 .   ? -17.736 -5.999  7.395   1.00 45.03 ? 2055 HOH A O   1 
HETATM 1385 O O   . HOH B 2 .   ? -17.760 -8.504  8.201   1.00 51.19 ? 2056 HOH A O   1 
HETATM 1386 O O   . HOH B 2 .   ? -18.098 -8.282  3.379   1.00 48.43 ? 2057 HOH A O   1 
HETATM 1387 O O   . HOH B 2 .   ? -15.163 -6.746  1.284   1.00 37.33 ? 2058 HOH A O   1 
HETATM 1388 O O   . HOH B 2 .   ? -16.283 -10.430 7.870   1.00 39.11 ? 2059 HOH A O   1 
HETATM 1389 O O   . HOH B 2 .   ? -12.960 -14.234 9.591   1.00 52.75 ? 2060 HOH A O   1 
HETATM 1390 O O   . HOH B 2 .   ? -12.940 -11.063 -1.375  1.00 37.27 ? 2061 HOH A O   1 
HETATM 1391 O O   . HOH B 2 .   ? -18.459 -13.404 -1.383  1.00 51.64 ? 2062 HOH A O   1 
HETATM 1392 O O   . HOH B 2 .   ? -16.585 -10.290 4.988   1.00 40.43 ? 2063 HOH A O   1 
HETATM 1393 O O   . HOH B 2 .   ? -8.904  -5.711  0.438   1.00 23.22 ? 2064 HOH A O   1 
HETATM 1394 O O   . HOH B 2 .   ? -9.203  -14.714 -1.888  1.00 43.37 ? 2065 HOH A O   1 
HETATM 1395 O O   . HOH B 2 .   ? -3.144  -15.785 -4.498  1.00 38.20 ? 2066 HOH A O   1 
HETATM 1396 O O   . HOH B 2 .   ? -5.658  -16.629 -2.983  1.00 52.06 ? 2067 HOH A O   1 
HETATM 1397 O O   . HOH B 2 .   ? -10.910 -13.979 -3.758  1.00 54.83 ? 2068 HOH A O   1 
HETATM 1398 O O   . HOH B 2 .   ? -5.443  -14.241 -7.584  1.00 28.76 ? 2069 HOH A O   1 
HETATM 1399 O O   . HOH B 2 .   ? -10.339 -6.717  -6.518  1.00 50.88 ? 2070 HOH A O   1 
HETATM 1400 O O   . HOH B 2 .   ? -0.232  -15.771 -8.739  1.00 38.33 ? 2071 HOH A O   1 
HETATM 1401 O O   . HOH B 2 .   ? -10.175 -13.249 -10.153 1.00 54.51 ? 2072 HOH A O   1 
HETATM 1402 O O   . HOH B 2 .   ? -9.033  -8.982  -7.801  1.00 30.91 ? 2073 HOH A O   1 
HETATM 1403 O O   . HOH B 2 .   ? 2.860   -15.462 -9.738  1.00 37.04 ? 2074 HOH A O   1 
HETATM 1404 O O   . HOH B 2 .   ? 3.924   -5.987  -16.503 1.00 27.36 ? 2075 HOH A O   1 
HETATM 1405 O O   . HOH B 2 .   ? 9.689   -8.196  -9.620  1.00 51.09 ? 2076 HOH A O   1 
HETATM 1406 O O   . HOH B 2 .   ? 8.745   0.149   -15.326 1.00 42.37 ? 2077 HOH A O   1 
HETATM 1407 O O   . HOH B 2 .   ? -2.570  -0.930  17.154  1.00 58.63 ? 2078 HOH A O   1 
HETATM 1408 O O   . HOH B 2 .   ? -11.887 4.182   6.450   1.00 43.30 ? 2079 HOH A O   1 
HETATM 1409 O O   . HOH B 2 .   ? -8.117  3.705   5.970   1.00 26.01 ? 2080 HOH A O   1 
HETATM 1410 O O   . HOH B 2 .   ? -19.082 -3.323  5.163   1.00 36.05 ? 2081 HOH A O   1 
HETATM 1411 O O   . HOH B 2 .   ? -19.303 0.038   3.659   1.00 56.49 ? 2082 HOH A O   1 
HETATM 1412 O O   . HOH B 2 .   ? -12.828 1.437   14.954  1.00 27.67 ? 2083 HOH A O   1 
HETATM 1413 O O   . HOH B 2 .   ? -15.483 -4.955  18.341  1.00 32.19 ? 2084 HOH A O   1 
HETATM 1414 O O   . HOH B 2 .   ? -20.827 -8.940  17.255  1.00 39.96 ? 2085 HOH A O   1 
HETATM 1415 O O   . HOH B 2 .   ? -18.173 -7.155  19.713  1.00 34.26 ? 2086 HOH A O   1 
HETATM 1416 O O   . HOH B 2 .   ? -16.750 -8.029  11.854  1.00 29.42 ? 2087 HOH A O   1 
HETATM 1417 O O   . HOH B 2 .   ? -10.219 -4.775  18.067  1.00 28.83 ? 2088 HOH A O   1 
HETATM 1418 O O   . HOH B 2 .   ? -13.102 -6.100  17.765  1.00 34.97 ? 2089 HOH A O   1 
HETATM 1419 O O   . HOH B 2 .   ? -10.014 -12.527 15.098  1.00 50.83 ? 2090 HOH A O   1 
HETATM 1420 O O   . HOH B 2 .   ? -5.893  -8.664  13.953  1.00 36.75 ? 2091 HOH A O   1 
HETATM 1421 O O   . HOH B 2 .   ? -3.849  -14.916 15.607  1.00 44.21 ? 2092 HOH A O   1 
HETATM 1422 O O   . HOH B 2 .   ? -2.890  -16.167 6.681   1.00 61.05 ? 2093 HOH A O   1 
HETATM 1423 O O   . HOH B 2 .   ? -8.849  -15.099 11.698  1.00 49.55 ? 2094 HOH A O   1 
HETATM 1424 O O   . HOH B 2 .   ? -6.417  -17.673 5.841   1.00 58.92 ? 2095 HOH A O   1 
HETATM 1425 O O   . HOH B 2 .   ? -4.892  -15.425 13.557  1.00 35.01 ? 2096 HOH A O   1 
HETATM 1426 O O   . HOH B 2 .   ? 4.607   -9.439  10.444  1.00 50.46 ? 2097 HOH A O   1 
HETATM 1427 O O   . HOH B 2 .   ? 5.029   -11.725 9.018   1.00 46.70 ? 2098 HOH A O   1 
HETATM 1428 O O   . HOH B 2 .   ? 7.867   -10.948 3.877   1.00 40.80 ? 2099 HOH A O   1 
HETATM 1429 O O   . HOH B 2 .   ? 8.218   -8.431  -3.417  1.00 40.38 ? 2100 HOH A O   1 
HETATM 1430 O O   . HOH B 2 .   ? 5.591   -11.763 -3.005  1.00 44.88 ? 2101 HOH A O   1 
HETATM 1431 O O   . HOH B 2 .   ? 11.372  -11.386 2.063   1.00 51.02 ? 2102 HOH A O   1 
HETATM 1432 O O   . HOH B 2 .   ? 5.981   -6.606  9.570   1.00 38.98 ? 2103 HOH A O   1 
HETATM 1433 O O   . HOH B 2 .   ? 3.187   -4.190  12.572  1.00 47.26 ? 2104 HOH A O   1 
HETATM 1434 O O   . HOH B 2 .   ? 6.144   -3.613  10.121  1.00 54.24 ? 2105 HOH A O   1 
HETATM 1435 O O   . HOH B 2 .   ? 9.220   -1.464  6.230   1.00 57.11 ? 2106 HOH A O   1 
HETATM 1436 O O   . HOH B 2 .   ? 0.915   -2.301  13.490  1.00 32.86 ? 2107 HOH A O   1 
HETATM 1437 O O   . HOH B 2 .   ? -6.502  3.071   8.228   1.00 20.87 ? 2108 HOH A O   1 
HETATM 1438 O O   . HOH B 2 .   ? -10.136 8.093   15.895  1.00 35.37 ? 2109 HOH A O   1 
HETATM 1439 O O   . HOH B 2 .   ? -10.270 12.940  11.876  1.00 43.13 ? 2110 HOH A O   1 
HETATM 1440 O O   . HOH B 2 .   ? -5.992  2.535   17.369  1.00 31.49 ? 2111 HOH A O   1 
HETATM 1441 O O   . HOH B 2 .   ? 0.335   9.151   10.157  1.00 33.33 ? 2112 HOH A O   1 
HETATM 1442 O O   . HOH B 2 .   ? 0.660   12.501  5.772   1.00 34.12 ? 2113 HOH A O   1 
HETATM 1443 O O   . HOH B 2 .   ? 14.988  7.766   5.018   1.00 41.59 ? 2114 HOH A O   1 
HETATM 1444 O O   . HOH B 2 .   ? 13.736  -0.325  -5.837  1.00 40.13 ? 2115 HOH A O   1 
HETATM 1445 O O   . HOH B 2 .   ? 17.735  5.030   -4.094  1.00 31.79 ? 2116 HOH A O   1 
HETATM 1446 O O   . HOH B 2 .   ? 15.566  6.901   -5.429  1.00 34.08 ? 2117 HOH A O   1 
HETATM 1447 O O   . HOH B 2 .   ? 13.409  0.620   -8.180  1.00 42.45 ? 2118 HOH A O   1 
HETATM 1448 O O   . HOH B 2 .   ? 15.542  3.564   -10.159 1.00 47.72 ? 2119 HOH A O   1 
HETATM 1449 O O   . HOH B 2 .   ? 19.253  -7.884  0.410   1.00 59.38 ? 2120 HOH A O   1 
HETATM 1450 O O   . HOH B 2 .   ? 15.764  -4.633  -7.267  1.00 55.07 ? 2121 HOH A O   1 
HETATM 1451 O O   . HOH B 2 .   ? 19.622  5.628   -5.671  1.00 54.21 ? 2122 HOH A O   1 
# 
loop_
_pdbx_poly_seq_scheme.asym_id 
_pdbx_poly_seq_scheme.entity_id 
_pdbx_poly_seq_scheme.seq_id 
_pdbx_poly_seq_scheme.mon_id 
_pdbx_poly_seq_scheme.ndb_seq_num 
_pdbx_poly_seq_scheme.pdb_seq_num 
_pdbx_poly_seq_scheme.auth_seq_num 
_pdbx_poly_seq_scheme.pdb_mon_id 
_pdbx_poly_seq_scheme.auth_mon_id 
_pdbx_poly_seq_scheme.pdb_strand_id 
_pdbx_poly_seq_scheme.pdb_ins_code 
_pdbx_poly_seq_scheme.hetero 
A 1 1   SER 1   64  ?   ?   ?   A . n 
A 1 2   MET 2   65  65  MET MET A . n 
A 1 3   ARG 3   66  66  ARG ARG A . n 
A 1 4   SER 4   67  67  SER SER A . n 
A 1 5   ILE 5   68  68  ILE ILE A . n 
A 1 6   PRO 6   69  69  PRO PRO A . n 
A 1 7   GLU 7   70  70  GLU GLU A . n 
A 1 8   LEU 8   71  71  LEU LEU A . n 
A 1 9   ARG 9   72  72  ARG ARG A . n 
A 1 10  LEU 10  73  73  LEU LEU A . n 
A 1 11  GLY 11  74  74  GLY GLY A . n 
A 1 12  VAL 12  75  75  VAL VAL A . n 
A 1 13  LEU 13  76  76  LEU LEU A . n 
A 1 14  GLY 14  77  77  GLY GLY A . n 
A 1 15  ASP 15  78  78  ASP ASP A . n 
A 1 16  ALA 16  79  79  ALA ALA A . n 
A 1 17  ARG 17  80  80  ARG ARG A . n 
A 1 18  SER 18  81  81  SER SER A . n 
A 1 19  GLY 19  82  82  GLY GLY A . n 
A 1 20  LYS 20  83  83  LYS LYS A . n 
A 1 21  SER 21  84  84  SER SER A . n 
A 1 22  SER 22  85  85  SER SER A . n 
A 1 23  LEU 23  86  86  LEU LEU A . n 
A 1 24  ILE 24  87  87  ILE ILE A . n 
A 1 25  HIS 25  88  88  HIS HIS A . n 
A 1 26  ARG 26  89  89  ARG ARG A . n 
A 1 27  PHE 27  90  90  PHE PHE A . n 
A 1 28  LEU 28  91  91  LEU LEU A . n 
A 1 29  THR 29  92  92  THR THR A . n 
A 1 30  GLY 30  93  93  GLY GLY A . n 
A 1 31  SER 31  94  94  SER SER A . n 
A 1 32  TYR 32  95  95  TYR TYR A . n 
A 1 33  GLN 33  96  96  GLN GLN A . n 
A 1 34  VAL 34  97  97  VAL VAL A . n 
A 1 35  LEU 35  98  98  LEU LEU A . n 
A 1 36  GLU 36  99  99  GLU GLU A . n 
A 1 37  LYS 37  100 100 LYS LYS A . n 
A 1 38  THR 38  101 101 THR THR A . n 
A 1 39  GLU 39  102 102 GLU GLU A . n 
A 1 40  SER 40  103 103 SER SER A . n 
A 1 41  GLU 41  104 104 GLU GLU A . n 
A 1 42  GLN 42  105 105 GLN GLN A . n 
A 1 43  TYR 43  106 106 TYR TYR A . n 
A 1 44  LYS 44  107 107 LYS LYS A . n 
A 1 45  LYS 45  108 108 LYS LYS A . n 
A 1 46  GLU 46  109 109 GLU GLU A . n 
A 1 47  MET 47  110 110 MET MET A . n 
A 1 48  LEU 48  111 111 LEU LEU A . n 
A 1 49  VAL 49  112 112 VAL VAL A . n 
A 1 50  ASP 50  113 113 ASP ASP A . n 
A 1 51  GLY 51  114 114 GLY GLY A . n 
A 1 52  GLN 52  115 115 GLN GLN A . n 
A 1 53  THR 53  116 116 THR THR A . n 
A 1 54  HIS 54  117 117 HIS HIS A . n 
A 1 55  LEU 55  118 118 LEU LEU A . n 
A 1 56  VAL 56  119 119 VAL VAL A . n 
A 1 57  LEU 57  120 120 LEU LEU A . n 
A 1 58  ILE 58  121 121 ILE ILE A . n 
A 1 59  ARG 59  122 122 ARG ARG A . n 
A 1 60  GLU 60  123 123 GLU GLU A . n 
A 1 61  GLU 61  124 124 GLU GLU A . n 
A 1 62  ALA 62  125 125 ALA ALA A . n 
A 1 63  GLY 63  126 126 GLY GLY A . n 
A 1 64  ALA 64  127 127 ALA ALA A . n 
A 1 65  PRO 65  128 128 PRO PRO A . n 
A 1 66  ASP 66  129 129 ASP ASP A . n 
A 1 67  ALA 67  130 130 ALA ALA A . n 
A 1 68  LYS 68  131 131 LYS LYS A . n 
A 1 69  PHE 69  132 132 PHE PHE A . n 
A 1 70  SER 70  133 133 SER SER A . n 
A 1 71  GLY 71  134 134 GLY GLY A . n 
A 1 72  TRP 72  135 135 TRP TRP A . n 
A 1 73  ALA 73  136 136 ALA ALA A . n 
A 1 74  ASP 74  137 137 ASP ASP A . n 
A 1 75  ALA 75  138 138 ALA ALA A . n 
A 1 76  VAL 76  139 139 VAL VAL A . n 
A 1 77  ILE 77  140 140 ILE ILE A . n 
A 1 78  PHE 78  141 141 PHE PHE A . n 
A 1 79  VAL 79  142 142 VAL VAL A . n 
A 1 80  PHE 80  143 143 PHE PHE A . n 
A 1 81  SER 81  144 144 SER SER A . n 
A 1 82  LEU 82  145 145 LEU LEU A . n 
A 1 83  GLU 83  146 146 GLU GLU A . n 
A 1 84  ASP 84  147 147 ASP ASP A . n 
A 1 85  GLU 85  148 148 GLU GLU A . n 
A 1 86  ASN 86  149 149 ASN ASN A . n 
A 1 87  SER 87  150 150 SER SER A . n 
A 1 88  PHE 88  151 151 PHE PHE A . n 
A 1 89  GLN 89  152 152 GLN GLN A . n 
A 1 90  ALA 90  153 153 ALA ALA A . n 
A 1 91  VAL 91  154 154 VAL VAL A . n 
A 1 92  SER 92  155 155 SER SER A . n 
A 1 93  ARG 93  156 156 ARG ARG A . n 
A 1 94  LEU 94  157 157 LEU LEU A . n 
A 1 95  HIS 95  158 158 HIS HIS A . n 
A 1 96  GLY 96  159 159 GLY GLY A . n 
A 1 97  GLN 97  160 160 GLN GLN A . n 
A 1 98  LEU 98  161 161 LEU LEU A . n 
A 1 99  SER 99  162 162 SER SER A . n 
A 1 100 SER 100 163 163 SER SER A . n 
A 1 101 LEU 101 164 164 LEU LEU A . n 
A 1 102 ARG 102 165 165 ARG ARG A . n 
A 1 103 GLY 103 166 166 GLY GLY A . n 
A 1 104 GLU 104 167 ?   ?   ?   A . n 
A 1 105 GLY 105 168 ?   ?   ?   A . n 
A 1 106 ARG 106 169 169 ARG ARG A . n 
A 1 107 GLY 107 170 170 GLY GLY A . n 
A 1 108 GLY 108 171 171 GLY GLY A . n 
A 1 109 LEU 109 172 172 LEU LEU A . n 
A 1 110 ALA 110 173 173 ALA ALA A . n 
A 1 111 LEU 111 174 174 LEU LEU A . n 
A 1 112 ALA 112 175 175 ALA ALA A . n 
A 1 113 LEU 113 176 176 LEU LEU A . n 
A 1 114 VAL 114 177 177 VAL VAL A . n 
A 1 115 GLY 115 178 178 GLY GLY A . n 
A 1 116 THR 116 179 179 THR THR A . n 
A 1 117 GLN 117 180 180 GLN GLN A . n 
A 1 118 ASP 118 181 181 ASP ASP A . n 
A 1 119 ARG 119 182 182 ARG ARG A . n 
A 1 120 ILE 120 183 183 ILE ILE A . n 
A 1 121 SER 121 184 184 SER SER A . n 
A 1 122 ALA 122 185 185 ALA ALA A . n 
A 1 123 SER 123 186 186 SER SER A . n 
A 1 124 SER 124 187 187 SER SER A . n 
A 1 125 PRO 125 188 188 PRO PRO A . n 
A 1 126 ARG 126 189 189 ARG ARG A . n 
A 1 127 VAL 127 190 190 VAL VAL A . n 
A 1 128 VAL 128 191 191 VAL VAL A . n 
A 1 129 GLY 129 192 192 GLY GLY A . n 
A 1 130 ASP 130 193 193 ASP ASP A . n 
A 1 131 ALA 131 194 194 ALA ALA A . n 
A 1 132 ARG 132 195 195 ARG ARG A . n 
A 1 133 ALA 133 196 196 ALA ALA A . n 
A 1 134 ARG 134 197 197 ARG ARG A . n 
A 1 135 ALA 135 198 198 ALA ALA A . n 
A 1 136 LEU 136 199 199 LEU LEU A . n 
A 1 137 CYS 137 200 200 CYS CYS A . n 
A 1 138 ALA 138 201 201 ALA ALA A . n 
A 1 139 ASP 139 202 202 ASP ASP A . n 
A 1 140 MET 140 203 203 MET MET A . n 
A 1 141 LYS 141 204 204 LYS LYS A . n 
A 1 142 ARG 142 205 205 ARG ARG A . n 
A 1 143 CYS 143 206 206 CYS CYS A . n 
A 1 144 SER 144 207 207 SER SER A . n 
A 1 145 TYR 145 208 208 TYR TYR A . n 
A 1 146 TYR 146 209 209 TYR TYR A . n 
A 1 147 GLU 147 210 210 GLU GLU A . n 
A 1 148 THR 148 211 211 THR THR A . n 
A 1 149 CYS 149 212 212 CYS CYS A . n 
A 1 150 ALA 150 213 213 ALA ALA A . n 
A 1 151 THR 151 214 214 THR THR A . n 
A 1 152 TYR 152 215 215 TYR TYR A . n 
A 1 153 GLY 153 216 216 GLY GLY A . n 
A 1 154 LEU 154 217 217 LEU LEU A . n 
A 1 155 ASN 155 218 218 ASN ASN A . n 
A 1 156 VAL 156 219 219 VAL VAL A . n 
A 1 157 ASP 157 220 220 ASP ASP A . n 
A 1 158 ARG 158 221 221 ARG ARG A . n 
A 1 159 VAL 159 222 222 VAL VAL A . n 
A 1 160 PHE 160 223 223 PHE PHE A . n 
A 1 161 GLN 161 224 224 GLN GLN A . n 
A 1 162 GLU 162 225 225 GLU GLU A . n 
A 1 163 VAL 163 226 226 VAL VAL A . n 
A 1 164 ALA 164 227 227 ALA ALA A . n 
A 1 165 GLN 165 228 228 GLN GLN A . n 
A 1 166 LYS 166 229 229 LYS LYS A . n 
A 1 167 VAL 167 230 230 VAL VAL A . n 
A 1 168 VAL 168 231 231 VAL VAL A . n 
A 1 169 THR 169 232 232 THR THR A . n 
A 1 170 LEU 170 233 233 LEU LEU A . n 
A 1 171 ARG 171 234 234 ARG ARG A . n 
A 1 172 LYS 172 235 235 LYS LYS A . n 
A 1 173 GLN 173 236 236 GLN GLN A . n 
A 1 174 GLN 174 237 237 GLN GLN A . n 
A 1 175 GLN 175 238 238 GLN GLN A . n 
A 1 176 LEU 176 239 239 LEU LEU A . n 
A 1 177 LEU 177 240 240 LEU LEU A . n 
A 1 178 ALA 178 241 ?   ?   ?   A . n 
# 
loop_
_pdbx_nonpoly_scheme.asym_id 
_pdbx_nonpoly_scheme.entity_id 
_pdbx_nonpoly_scheme.mon_id 
_pdbx_nonpoly_scheme.ndb_seq_num 
_pdbx_nonpoly_scheme.pdb_seq_num 
_pdbx_nonpoly_scheme.auth_seq_num 
_pdbx_nonpoly_scheme.pdb_mon_id 
_pdbx_nonpoly_scheme.auth_mon_id 
_pdbx_nonpoly_scheme.pdb_strand_id 
_pdbx_nonpoly_scheme.pdb_ins_code 
B 2 HOH 1   2001 2001 HOH HOH A . 
B 2 HOH 2   2002 2002 HOH HOH A . 
B 2 HOH 3   2003 2003 HOH HOH A . 
B 2 HOH 4   2004 2004 HOH HOH A . 
B 2 HOH 5   2005 2005 HOH HOH A . 
B 2 HOH 6   2006 2006 HOH HOH A . 
B 2 HOH 7   2007 2007 HOH HOH A . 
B 2 HOH 8   2008 2008 HOH HOH A . 
B 2 HOH 9   2009 2009 HOH HOH A . 
B 2 HOH 10  2010 2010 HOH HOH A . 
B 2 HOH 11  2011 2011 HOH HOH A . 
B 2 HOH 12  2012 2012 HOH HOH A . 
B 2 HOH 13  2013 2013 HOH HOH A . 
B 2 HOH 14  2014 2014 HOH HOH A . 
B 2 HOH 15  2015 2015 HOH HOH A . 
B 2 HOH 16  2016 2016 HOH HOH A . 
B 2 HOH 17  2017 2017 HOH HOH A . 
B 2 HOH 18  2018 2018 HOH HOH A . 
B 2 HOH 19  2019 2019 HOH HOH A . 
B 2 HOH 20  2020 2020 HOH HOH A . 
B 2 HOH 21  2021 2021 HOH HOH A . 
B 2 HOH 22  2022 2022 HOH HOH A . 
B 2 HOH 23  2023 2023 HOH HOH A . 
B 2 HOH 24  2024 2024 HOH HOH A . 
B 2 HOH 25  2025 2025 HOH HOH A . 
B 2 HOH 26  2026 2026 HOH HOH A . 
B 2 HOH 27  2027 2027 HOH HOH A . 
B 2 HOH 28  2028 2028 HOH HOH A . 
B 2 HOH 29  2029 2029 HOH HOH A . 
B 2 HOH 30  2030 2030 HOH HOH A . 
B 2 HOH 31  2031 2031 HOH HOH A . 
B 2 HOH 32  2032 2032 HOH HOH A . 
B 2 HOH 33  2033 2033 HOH HOH A . 
B 2 HOH 34  2034 2034 HOH HOH A . 
B 2 HOH 35  2035 2035 HOH HOH A . 
B 2 HOH 36  2036 2036 HOH HOH A . 
B 2 HOH 37  2037 2037 HOH HOH A . 
B 2 HOH 38  2038 2038 HOH HOH A . 
B 2 HOH 39  2039 2039 HOH HOH A . 
B 2 HOH 40  2040 2040 HOH HOH A . 
B 2 HOH 41  2041 2041 HOH HOH A . 
B 2 HOH 42  2042 2042 HOH HOH A . 
B 2 HOH 43  2043 2043 HOH HOH A . 
B 2 HOH 44  2044 2044 HOH HOH A . 
B 2 HOH 45  2045 2045 HOH HOH A . 
B 2 HOH 46  2046 2046 HOH HOH A . 
B 2 HOH 47  2047 2047 HOH HOH A . 
B 2 HOH 48  2048 2048 HOH HOH A . 
B 2 HOH 49  2049 2049 HOH HOH A . 
B 2 HOH 50  2050 2050 HOH HOH A . 
B 2 HOH 51  2051 2051 HOH HOH A . 
B 2 HOH 52  2052 2052 HOH HOH A . 
B 2 HOH 53  2053 2053 HOH HOH A . 
B 2 HOH 54  2054 2054 HOH HOH A . 
B 2 HOH 55  2055 2055 HOH HOH A . 
B 2 HOH 56  2056 2056 HOH HOH A . 
B 2 HOH 57  2057 2057 HOH HOH A . 
B 2 HOH 58  2058 2058 HOH HOH A . 
B 2 HOH 59  2059 2059 HOH HOH A . 
B 2 HOH 60  2060 2060 HOH HOH A . 
B 2 HOH 61  2061 2061 HOH HOH A . 
B 2 HOH 62  2062 2062 HOH HOH A . 
B 2 HOH 63  2063 2063 HOH HOH A . 
B 2 HOH 64  2064 2064 HOH HOH A . 
B 2 HOH 65  2065 2065 HOH HOH A . 
B 2 HOH 66  2066 2066 HOH HOH A . 
B 2 HOH 67  2067 2067 HOH HOH A . 
B 2 HOH 68  2068 2068 HOH HOH A . 
B 2 HOH 69  2069 2069 HOH HOH A . 
B 2 HOH 70  2070 2070 HOH HOH A . 
B 2 HOH 71  2071 2071 HOH HOH A . 
B 2 HOH 72  2072 2072 HOH HOH A . 
B 2 HOH 73  2073 2073 HOH HOH A . 
B 2 HOH 74  2074 2074 HOH HOH A . 
B 2 HOH 75  2075 2075 HOH HOH A . 
B 2 HOH 76  2076 2076 HOH HOH A . 
B 2 HOH 77  2077 2077 HOH HOH A . 
B 2 HOH 78  2078 2078 HOH HOH A . 
B 2 HOH 79  2079 2079 HOH HOH A . 
B 2 HOH 80  2080 2080 HOH HOH A . 
B 2 HOH 81  2081 2081 HOH HOH A . 
B 2 HOH 82  2082 2082 HOH HOH A . 
B 2 HOH 83  2083 2083 HOH HOH A . 
B 2 HOH 84  2084 2084 HOH HOH A . 
B 2 HOH 85  2085 2085 HOH HOH A . 
B 2 HOH 86  2086 2086 HOH HOH A . 
B 2 HOH 87  2087 2087 HOH HOH A . 
B 2 HOH 88  2088 2088 HOH HOH A . 
B 2 HOH 89  2089 2089 HOH HOH A . 
B 2 HOH 90  2090 2090 HOH HOH A . 
B 2 HOH 91  2091 2091 HOH HOH A . 
B 2 HOH 92  2092 2092 HOH HOH A . 
B 2 HOH 93  2093 2093 HOH HOH A . 
B 2 HOH 94  2094 2094 HOH HOH A . 
B 2 HOH 95  2095 2095 HOH HOH A . 
B 2 HOH 96  2096 2096 HOH HOH A . 
B 2 HOH 97  2097 2097 HOH HOH A . 
B 2 HOH 98  2098 2098 HOH HOH A . 
B 2 HOH 99  2099 2099 HOH HOH A . 
B 2 HOH 100 2100 2100 HOH HOH A . 
B 2 HOH 101 2101 2101 HOH HOH A . 
B 2 HOH 102 2102 2102 HOH HOH A . 
B 2 HOH 103 2103 2103 HOH HOH A . 
B 2 HOH 104 2104 2104 HOH HOH A . 
B 2 HOH 105 2105 2105 HOH HOH A . 
B 2 HOH 106 2106 2106 HOH HOH A . 
B 2 HOH 107 2107 2107 HOH HOH A . 
B 2 HOH 108 2108 2108 HOH HOH A . 
B 2 HOH 109 2109 2109 HOH HOH A . 
B 2 HOH 110 2110 2110 HOH HOH A . 
B 2 HOH 111 2111 2111 HOH HOH A . 
B 2 HOH 112 2112 2112 HOH HOH A . 
B 2 HOH 113 2113 2113 HOH HOH A . 
B 2 HOH 114 2114 2114 HOH HOH A . 
B 2 HOH 115 2115 2115 HOH HOH A . 
B 2 HOH 116 2116 2116 HOH HOH A . 
B 2 HOH 117 2117 2117 HOH HOH A . 
B 2 HOH 118 2118 2118 HOH HOH A . 
B 2 HOH 119 2119 2119 HOH HOH A . 
B 2 HOH 120 2120 2120 HOH HOH A . 
B 2 HOH 121 2121 2121 HOH HOH A . 
B 2 HOH 122 2122 2122 HOH HOH A . 
# 
_pdbx_struct_assembly.id                   1 
_pdbx_struct_assembly.details              author_and_software_defined_assembly 
_pdbx_struct_assembly.method_details       PQS 
_pdbx_struct_assembly.oligomeric_details   monomeric 
_pdbx_struct_assembly.oligomeric_count     1 
# 
_pdbx_struct_assembly_gen.assembly_id       1 
_pdbx_struct_assembly_gen.oper_expression   1 
_pdbx_struct_assembly_gen.asym_id_list      A,B 
# 
_pdbx_struct_oper_list.id                   1 
_pdbx_struct_oper_list.type                 'identity operation' 
_pdbx_struct_oper_list.name                 1_555 
_pdbx_struct_oper_list.symmetry_operation   x,y,z 
_pdbx_struct_oper_list.matrix[1][1]         1.0000000000 
_pdbx_struct_oper_list.matrix[1][2]         0.0000000000 
_pdbx_struct_oper_list.matrix[1][3]         0.0000000000 
_pdbx_struct_oper_list.vector[1]            0.0000000000 
_pdbx_struct_oper_list.matrix[2][1]         0.0000000000 
_pdbx_struct_oper_list.matrix[2][2]         1.0000000000 
_pdbx_struct_oper_list.matrix[2][3]         0.0000000000 
_pdbx_struct_oper_list.vector[2]            0.0000000000 
_pdbx_struct_oper_list.matrix[3][1]         0.0000000000 
_pdbx_struct_oper_list.matrix[3][2]         0.0000000000 
_pdbx_struct_oper_list.matrix[3][3]         1.0000000000 
_pdbx_struct_oper_list.vector[3]            0.0000000000 
# 
loop_
_pdbx_audit_revision_history.ordinal 
_pdbx_audit_revision_history.data_content_type 
_pdbx_audit_revision_history.major_revision 
_pdbx_audit_revision_history.minor_revision 
_pdbx_audit_revision_history.revision_date 
1 'Structure model' 1 0 2005-04-12 
2 'Structure model' 1 1 2011-07-13 
3 'Structure model' 1 2 2018-04-04 
4 'Structure model' 1 3 2023-12-13 
# 
_pdbx_audit_revision_details.ordinal             1 
_pdbx_audit_revision_details.revision_ordinal    1 
_pdbx_audit_revision_details.data_content_type   'Structure model' 
_pdbx_audit_revision_details.provider            repository 
_pdbx_audit_revision_details.type                'Initial release' 
_pdbx_audit_revision_details.description         ? 
_pdbx_audit_revision_details.details             ? 
# 
loop_
_pdbx_audit_revision_group.ordinal 
_pdbx_audit_revision_group.revision_ordinal 
_pdbx_audit_revision_group.data_content_type 
_pdbx_audit_revision_group.group 
1 2 'Structure model' Advisory                    
2 2 'Structure model' 'Version format compliance' 
3 3 'Structure model' 'Data collection'           
4 4 'Structure model' 'Data collection'           
5 4 'Structure model' 'Database references'       
6 4 'Structure model' Other                       
7 4 'Structure model' 'Refinement description'    
# 
loop_
_pdbx_audit_revision_category.ordinal 
_pdbx_audit_revision_category.revision_ordinal 
_pdbx_audit_revision_category.data_content_type 
_pdbx_audit_revision_category.category 
1 3 'Structure model' diffrn_source                 
2 4 'Structure model' chem_comp_atom                
3 4 'Structure model' chem_comp_bond                
4 4 'Structure model' database_2                    
5 4 'Structure model' pdbx_database_status          
6 4 'Structure model' pdbx_initial_refinement_model 
# 
loop_
_pdbx_audit_revision_item.ordinal 
_pdbx_audit_revision_item.revision_ordinal 
_pdbx_audit_revision_item.data_content_type 
_pdbx_audit_revision_item.item 
1 3 'Structure model' '_diffrn_source.type'                  
2 4 'Structure model' '_database_2.pdbx_DOI'                 
3 4 'Structure model' '_database_2.pdbx_database_accession'  
4 4 'Structure model' '_pdbx_database_status.status_code_sf' 
# 
_pdbx_refine_tls.pdbx_refine_id   'X-RAY DIFFRACTION' 
_pdbx_refine_tls.id               1 
_pdbx_refine_tls.details          ? 
_pdbx_refine_tls.method           refined 
_pdbx_refine_tls.origin_x         0.3980 
_pdbx_refine_tls.origin_y         0.4977 
_pdbx_refine_tls.origin_z         -0.1803 
_pdbx_refine_tls.T[1][1]          -0.1494 
_pdbx_refine_tls.T[2][2]          -0.1875 
_pdbx_refine_tls.T[3][3]          -0.1000 
_pdbx_refine_tls.T[1][2]          -0.0278 
_pdbx_refine_tls.T[1][3]          0.0306 
_pdbx_refine_tls.T[2][3]          -0.0107 
_pdbx_refine_tls.L[1][1]          2.5052 
_pdbx_refine_tls.L[2][2]          1.7209 
_pdbx_refine_tls.L[3][3]          1.3358 
_pdbx_refine_tls.L[1][2]          -0.0257 
_pdbx_refine_tls.L[1][3]          -1.0287 
_pdbx_refine_tls.L[2][3]          0.2150 
_pdbx_refine_tls.S[1][1]          -0.0508 
_pdbx_refine_tls.S[1][2]          0.0114 
_pdbx_refine_tls.S[1][3]          -0.0949 
_pdbx_refine_tls.S[2][1]          -0.1395 
_pdbx_refine_tls.S[2][2]          0.0228 
_pdbx_refine_tls.S[2][3]          -0.0828 
_pdbx_refine_tls.S[3][1]          -0.0338 
_pdbx_refine_tls.S[3][2]          0.0475 
_pdbx_refine_tls.S[3][3]          0.0281 
# 
_pdbx_refine_tls_group.pdbx_refine_id      'X-RAY DIFFRACTION' 
_pdbx_refine_tls_group.id                  1 
_pdbx_refine_tls_group.refine_tls_id       1 
_pdbx_refine_tls_group.beg_auth_asym_id    A 
_pdbx_refine_tls_group.beg_auth_seq_id     65 
_pdbx_refine_tls_group.beg_label_asym_id   ? 
_pdbx_refine_tls_group.beg_label_seq_id    ? 
_pdbx_refine_tls_group.end_auth_asym_id    A 
_pdbx_refine_tls_group.end_auth_seq_id     240 
_pdbx_refine_tls_group.end_label_asym_id   ? 
_pdbx_refine_tls_group.end_label_seq_id    ? 
_pdbx_refine_tls_group.selection           ? 
_pdbx_refine_tls_group.selection_details   ? 
# 
loop_
_software.name 
_software.classification 
_software.version 
_software.citation_id 
_software.pdbx_ordinal 
REFMAC refinement       5.2.0005 ? 1 
MOSFLM 'data reduction' .        ? 2 
SCALE  'data scaling'   .        ? 3 
PHASER phasing          .        ? 4 
# 
_pdbx_entry_details.entry_id                 2BMJ 
_pdbx_entry_details.compound_details         ? 
_pdbx_entry_details.source_details           ? 
_pdbx_entry_details.nonpolymer_details       ? 
_pdbx_entry_details.sequence_details         'RESIDUES SER A64 AND MET A65 ARE CLONING ARTEFACTS' 
_pdbx_entry_details.has_ligand_of_interest   ? 
# 
_pdbx_validate_close_contact.id               1 
_pdbx_validate_close_contact.PDB_model_num    1 
_pdbx_validate_close_contact.auth_atom_id_1   N 
_pdbx_validate_close_contact.auth_asym_id_1   A 
_pdbx_validate_close_contact.auth_comp_id_1   MET 
_pdbx_validate_close_contact.auth_seq_id_1    65 
_pdbx_validate_close_contact.PDB_ins_code_1   ? 
_pdbx_validate_close_contact.label_alt_id_1   ? 
_pdbx_validate_close_contact.auth_atom_id_2   O 
_pdbx_validate_close_contact.auth_asym_id_2   A 
_pdbx_validate_close_contact.auth_comp_id_2   HOH 
_pdbx_validate_close_contact.auth_seq_id_2    2001 
_pdbx_validate_close_contact.PDB_ins_code_2   ? 
_pdbx_validate_close_contact.label_alt_id_2   ? 
_pdbx_validate_close_contact.dist             1.88 
# 
_pdbx_validate_rmsd_angle.id                         1 
_pdbx_validate_rmsd_angle.PDB_model_num              1 
_pdbx_validate_rmsd_angle.auth_atom_id_1             NE 
_pdbx_validate_rmsd_angle.auth_asym_id_1             A 
_pdbx_validate_rmsd_angle.auth_comp_id_1             ARG 
_pdbx_validate_rmsd_angle.auth_seq_id_1              195 
_pdbx_validate_rmsd_angle.PDB_ins_code_1             ? 
_pdbx_validate_rmsd_angle.label_alt_id_1             ? 
_pdbx_validate_rmsd_angle.auth_atom_id_2             CZ 
_pdbx_validate_rmsd_angle.auth_asym_id_2             A 
_pdbx_validate_rmsd_angle.auth_comp_id_2             ARG 
_pdbx_validate_rmsd_angle.auth_seq_id_2              195 
_pdbx_validate_rmsd_angle.PDB_ins_code_2             ? 
_pdbx_validate_rmsd_angle.label_alt_id_2             ? 
_pdbx_validate_rmsd_angle.auth_atom_id_3             NH2 
_pdbx_validate_rmsd_angle.auth_asym_id_3             A 
_pdbx_validate_rmsd_angle.auth_comp_id_3             ARG 
_pdbx_validate_rmsd_angle.auth_seq_id_3              195 
_pdbx_validate_rmsd_angle.PDB_ins_code_3             ? 
_pdbx_validate_rmsd_angle.label_alt_id_3             ? 
_pdbx_validate_rmsd_angle.angle_value                117.17 
_pdbx_validate_rmsd_angle.angle_target_value         120.30 
_pdbx_validate_rmsd_angle.angle_deviation            -3.13 
_pdbx_validate_rmsd_angle.angle_standard_deviation   0.50 
_pdbx_validate_rmsd_angle.linker_flag                N 
# 
loop_
_pdbx_validate_torsion.id 
_pdbx_validate_torsion.PDB_model_num 
_pdbx_validate_torsion.auth_comp_id 
_pdbx_validate_torsion.auth_asym_id 
_pdbx_validate_torsion.auth_seq_id 
_pdbx_validate_torsion.PDB_ins_code 
_pdbx_validate_torsion.label_alt_id 
_pdbx_validate_torsion.phi 
_pdbx_validate_torsion.psi 
1 1 SER A 187 ? ? -119.04 76.71 
2 1 ASN A 218 ? ? 56.20   14.82 
# 
loop_
_pdbx_unobs_or_zero_occ_atoms.id 
_pdbx_unobs_or_zero_occ_atoms.PDB_model_num 
_pdbx_unobs_or_zero_occ_atoms.polymer_flag 
_pdbx_unobs_or_zero_occ_atoms.occupancy_flag 
_pdbx_unobs_or_zero_occ_atoms.auth_asym_id 
_pdbx_unobs_or_zero_occ_atoms.auth_comp_id 
_pdbx_unobs_or_zero_occ_atoms.auth_seq_id 
_pdbx_unobs_or_zero_occ_atoms.PDB_ins_code 
_pdbx_unobs_or_zero_occ_atoms.auth_atom_id 
_pdbx_unobs_or_zero_occ_atoms.label_alt_id 
_pdbx_unobs_or_zero_occ_atoms.label_asym_id 
_pdbx_unobs_or_zero_occ_atoms.label_comp_id 
_pdbx_unobs_or_zero_occ_atoms.label_seq_id 
_pdbx_unobs_or_zero_occ_atoms.label_atom_id 
1  1 Y 1 A ARG 80  ? CG  ? A ARG 17  CG  
2  1 Y 1 A ARG 80  ? CD  ? A ARG 17  CD  
3  1 Y 1 A ARG 80  ? NE  ? A ARG 17  NE  
4  1 Y 1 A ARG 80  ? CZ  ? A ARG 17  CZ  
5  1 Y 1 A ARG 80  ? NH1 ? A ARG 17  NH1 
6  1 Y 1 A ARG 80  ? NH2 ? A ARG 17  NH2 
7  1 Y 1 A GLU 99  ? CG  ? A GLU 36  CG  
8  1 Y 1 A GLU 99  ? CD  ? A GLU 36  CD  
9  1 Y 1 A GLU 99  ? OE1 ? A GLU 36  OE1 
10 1 Y 1 A GLU 99  ? OE2 ? A GLU 36  OE2 
11 1 Y 1 A LYS 204 ? CG  ? A LYS 141 CG  
12 1 Y 1 A LYS 204 ? CD  ? A LYS 141 CD  
13 1 Y 1 A LYS 204 ? CE  ? A LYS 141 CE  
14 1 Y 1 A LYS 204 ? NZ  ? A LYS 141 NZ  
15 1 Y 1 A ARG 205 ? NE  ? A ARG 142 NE  
16 1 Y 1 A ARG 205 ? CZ  ? A ARG 142 CZ  
17 1 Y 1 A ARG 205 ? NH1 ? A ARG 142 NH1 
18 1 Y 1 A ARG 205 ? NH2 ? A ARG 142 NH2 
19 1 Y 1 A ARG 221 ? CZ  ? A ARG 158 CZ  
20 1 Y 1 A ARG 221 ? NH1 ? A ARG 158 NH1 
21 1 Y 1 A ARG 221 ? NH2 ? A ARG 158 NH2 
# 
loop_
_pdbx_unobs_or_zero_occ_residues.id 
_pdbx_unobs_or_zero_occ_residues.PDB_model_num 
_pdbx_unobs_or_zero_occ_residues.polymer_flag 
_pdbx_unobs_or_zero_occ_residues.occupancy_flag 
_pdbx_unobs_or_zero_occ_residues.auth_asym_id 
_pdbx_unobs_or_zero_occ_residues.auth_comp_id 
_pdbx_unobs_or_zero_occ_residues.auth_seq_id 
_pdbx_unobs_or_zero_occ_residues.PDB_ins_code 
_pdbx_unobs_or_zero_occ_residues.label_asym_id 
_pdbx_unobs_or_zero_occ_residues.label_comp_id 
_pdbx_unobs_or_zero_occ_residues.label_seq_id 
1 1 Y 1 A SER 64  ? A SER 1   
2 1 Y 1 A GLU 167 ? A GLU 104 
3 1 Y 1 A GLY 168 ? A GLY 105 
4 1 Y 1 A ALA 241 ? A ALA 178 
# 
loop_
_chem_comp_atom.comp_id 
_chem_comp_atom.atom_id 
_chem_comp_atom.type_symbol 
_chem_comp_atom.pdbx_aromatic_flag 
_chem_comp_atom.pdbx_stereo_config 
_chem_comp_atom.pdbx_ordinal 
ALA N    N N N 1   
ALA CA   C N S 2   
ALA C    C N N 3   
ALA O    O N N 4   
ALA CB   C N N 5   
ALA OXT  O N N 6   
ALA H    H N N 7   
ALA H2   H N N 8   
ALA HA   H N N 9   
ALA HB1  H N N 10  
ALA HB2  H N N 11  
ALA HB3  H N N 12  
ALA HXT  H N N 13  
ARG N    N N N 14  
ARG CA   C N S 15  
ARG C    C N N 16  
ARG O    O N N 17  
ARG CB   C N N 18  
ARG CG   C N N 19  
ARG CD   C N N 20  
ARG NE   N N N 21  
ARG CZ   C N N 22  
ARG NH1  N N N 23  
ARG NH2  N N N 24  
ARG OXT  O N N 25  
ARG H    H N N 26  
ARG H2   H N N 27  
ARG HA   H N N 28  
ARG HB2  H N N 29  
ARG HB3  H N N 30  
ARG HG2  H N N 31  
ARG HG3  H N N 32  
ARG HD2  H N N 33  
ARG HD3  H N N 34  
ARG HE   H N N 35  
ARG HH11 H N N 36  
ARG HH12 H N N 37  
ARG HH21 H N N 38  
ARG HH22 H N N 39  
ARG HXT  H N N 40  
ASN N    N N N 41  
ASN CA   C N S 42  
ASN C    C N N 43  
ASN O    O N N 44  
ASN CB   C N N 45  
ASN CG   C N N 46  
ASN OD1  O N N 47  
ASN ND2  N N N 48  
ASN OXT  O N N 49  
ASN H    H N N 50  
ASN H2   H N N 51  
ASN HA   H N N 52  
ASN HB2  H N N 53  
ASN HB3  H N N 54  
ASN HD21 H N N 55  
ASN HD22 H N N 56  
ASN HXT  H N N 57  
ASP N    N N N 58  
ASP CA   C N S 59  
ASP C    C N N 60  
ASP O    O N N 61  
ASP CB   C N N 62  
ASP CG   C N N 63  
ASP OD1  O N N 64  
ASP OD2  O N N 65  
ASP OXT  O N N 66  
ASP H    H N N 67  
ASP H2   H N N 68  
ASP HA   H N N 69  
ASP HB2  H N N 70  
ASP HB3  H N N 71  
ASP HD2  H N N 72  
ASP HXT  H N N 73  
CYS N    N N N 74  
CYS CA   C N R 75  
CYS C    C N N 76  
CYS O    O N N 77  
CYS CB   C N N 78  
CYS SG   S N N 79  
CYS OXT  O N N 80  
CYS H    H N N 81  
CYS H2   H N N 82  
CYS HA   H N N 83  
CYS HB2  H N N 84  
CYS HB3  H N N 85  
CYS HG   H N N 86  
CYS HXT  H N N 87  
GLN N    N N N 88  
GLN CA   C N S 89  
GLN C    C N N 90  
GLN O    O N N 91  
GLN CB   C N N 92  
GLN CG   C N N 93  
GLN CD   C N N 94  
GLN OE1  O N N 95  
GLN NE2  N N N 96  
GLN OXT  O N N 97  
GLN H    H N N 98  
GLN H2   H N N 99  
GLN HA   H N N 100 
GLN HB2  H N N 101 
GLN HB3  H N N 102 
GLN HG2  H N N 103 
GLN HG3  H N N 104 
GLN HE21 H N N 105 
GLN HE22 H N N 106 
GLN HXT  H N N 107 
GLU N    N N N 108 
GLU CA   C N S 109 
GLU C    C N N 110 
GLU O    O N N 111 
GLU CB   C N N 112 
GLU CG   C N N 113 
GLU CD   C N N 114 
GLU OE1  O N N 115 
GLU OE2  O N N 116 
GLU OXT  O N N 117 
GLU H    H N N 118 
GLU H2   H N N 119 
GLU HA   H N N 120 
GLU HB2  H N N 121 
GLU HB3  H N N 122 
GLU HG2  H N N 123 
GLU HG3  H N N 124 
GLU HE2  H N N 125 
GLU HXT  H N N 126 
GLY N    N N N 127 
GLY CA   C N N 128 
GLY C    C N N 129 
GLY O    O N N 130 
GLY OXT  O N N 131 
GLY H    H N N 132 
GLY H2   H N N 133 
GLY HA2  H N N 134 
GLY HA3  H N N 135 
GLY HXT  H N N 136 
HIS N    N N N 137 
HIS CA   C N S 138 
HIS C    C N N 139 
HIS O    O N N 140 
HIS CB   C N N 141 
HIS CG   C Y N 142 
HIS ND1  N Y N 143 
HIS CD2  C Y N 144 
HIS CE1  C Y N 145 
HIS NE2  N Y N 146 
HIS OXT  O N N 147 
HIS H    H N N 148 
HIS H2   H N N 149 
HIS HA   H N N 150 
HIS HB2  H N N 151 
HIS HB3  H N N 152 
HIS HD1  H N N 153 
HIS HD2  H N N 154 
HIS HE1  H N N 155 
HIS HE2  H N N 156 
HIS HXT  H N N 157 
HOH O    O N N 158 
HOH H1   H N N 159 
HOH H2   H N N 160 
ILE N    N N N 161 
ILE CA   C N S 162 
ILE C    C N N 163 
ILE O    O N N 164 
ILE CB   C N S 165 
ILE CG1  C N N 166 
ILE CG2  C N N 167 
ILE CD1  C N N 168 
ILE OXT  O N N 169 
ILE H    H N N 170 
ILE H2   H N N 171 
ILE HA   H N N 172 
ILE HB   H N N 173 
ILE HG12 H N N 174 
ILE HG13 H N N 175 
ILE HG21 H N N 176 
ILE HG22 H N N 177 
ILE HG23 H N N 178 
ILE HD11 H N N 179 
ILE HD12 H N N 180 
ILE HD13 H N N 181 
ILE HXT  H N N 182 
LEU N    N N N 183 
LEU CA   C N S 184 
LEU C    C N N 185 
LEU O    O N N 186 
LEU CB   C N N 187 
LEU CG   C N N 188 
LEU CD1  C N N 189 
LEU CD2  C N N 190 
LEU OXT  O N N 191 
LEU H    H N N 192 
LEU H2   H N N 193 
LEU HA   H N N 194 
LEU HB2  H N N 195 
LEU HB3  H N N 196 
LEU HG   H N N 197 
LEU HD11 H N N 198 
LEU HD12 H N N 199 
LEU HD13 H N N 200 
LEU HD21 H N N 201 
LEU HD22 H N N 202 
LEU HD23 H N N 203 
LEU HXT  H N N 204 
LYS N    N N N 205 
LYS CA   C N S 206 
LYS C    C N N 207 
LYS O    O N N 208 
LYS CB   C N N 209 
LYS CG   C N N 210 
LYS CD   C N N 211 
LYS CE   C N N 212 
LYS NZ   N N N 213 
LYS OXT  O N N 214 
LYS H    H N N 215 
LYS H2   H N N 216 
LYS HA   H N N 217 
LYS HB2  H N N 218 
LYS HB3  H N N 219 
LYS HG2  H N N 220 
LYS HG3  H N N 221 
LYS HD2  H N N 222 
LYS HD3  H N N 223 
LYS HE2  H N N 224 
LYS HE3  H N N 225 
LYS HZ1  H N N 226 
LYS HZ2  H N N 227 
LYS HZ3  H N N 228 
LYS HXT  H N N 229 
MET N    N N N 230 
MET CA   C N S 231 
MET C    C N N 232 
MET O    O N N 233 
MET CB   C N N 234 
MET CG   C N N 235 
MET SD   S N N 236 
MET CE   C N N 237 
MET OXT  O N N 238 
MET H    H N N 239 
MET H2   H N N 240 
MET HA   H N N 241 
MET HB2  H N N 242 
MET HB3  H N N 243 
MET HG2  H N N 244 
MET HG3  H N N 245 
MET HE1  H N N 246 
MET HE2  H N N 247 
MET HE3  H N N 248 
MET HXT  H N N 249 
PHE N    N N N 250 
PHE CA   C N S 251 
PHE C    C N N 252 
PHE O    O N N 253 
PHE CB   C N N 254 
PHE CG   C Y N 255 
PHE CD1  C Y N 256 
PHE CD2  C Y N 257 
PHE CE1  C Y N 258 
PHE CE2  C Y N 259 
PHE CZ   C Y N 260 
PHE OXT  O N N 261 
PHE H    H N N 262 
PHE H2   H N N 263 
PHE HA   H N N 264 
PHE HB2  H N N 265 
PHE HB3  H N N 266 
PHE HD1  H N N 267 
PHE HD2  H N N 268 
PHE HE1  H N N 269 
PHE HE2  H N N 270 
PHE HZ   H N N 271 
PHE HXT  H N N 272 
PRO N    N N N 273 
PRO CA   C N S 274 
PRO C    C N N 275 
PRO O    O N N 276 
PRO CB   C N N 277 
PRO CG   C N N 278 
PRO CD   C N N 279 
PRO OXT  O N N 280 
PRO H    H N N 281 
PRO HA   H N N 282 
PRO HB2  H N N 283 
PRO HB3  H N N 284 
PRO HG2  H N N 285 
PRO HG3  H N N 286 
PRO HD2  H N N 287 
PRO HD3  H N N 288 
PRO HXT  H N N 289 
SER N    N N N 290 
SER CA   C N S 291 
SER C    C N N 292 
SER O    O N N 293 
SER CB   C N N 294 
SER OG   O N N 295 
SER OXT  O N N 296 
SER H    H N N 297 
SER H2   H N N 298 
SER HA   H N N 299 
SER HB2  H N N 300 
SER HB3  H N N 301 
SER HG   H N N 302 
SER HXT  H N N 303 
THR N    N N N 304 
THR CA   C N S 305 
THR C    C N N 306 
THR O    O N N 307 
THR CB   C N R 308 
THR OG1  O N N 309 
THR CG2  C N N 310 
THR OXT  O N N 311 
THR H    H N N 312 
THR H2   H N N 313 
THR HA   H N N 314 
THR HB   H N N 315 
THR HG1  H N N 316 
THR HG21 H N N 317 
THR HG22 H N N 318 
THR HG23 H N N 319 
THR HXT  H N N 320 
TRP N    N N N 321 
TRP CA   C N S 322 
TRP C    C N N 323 
TRP O    O N N 324 
TRP CB   C N N 325 
TRP CG   C Y N 326 
TRP CD1  C Y N 327 
TRP CD2  C Y N 328 
TRP NE1  N Y N 329 
TRP CE2  C Y N 330 
TRP CE3  C Y N 331 
TRP CZ2  C Y N 332 
TRP CZ3  C Y N 333 
TRP CH2  C Y N 334 
TRP OXT  O N N 335 
TRP H    H N N 336 
TRP H2   H N N 337 
TRP HA   H N N 338 
TRP HB2  H N N 339 
TRP HB3  H N N 340 
TRP HD1  H N N 341 
TRP HE1  H N N 342 
TRP HE3  H N N 343 
TRP HZ2  H N N 344 
TRP HZ3  H N N 345 
TRP HH2  H N N 346 
TRP HXT  H N N 347 
TYR N    N N N 348 
TYR CA   C N S 349 
TYR C    C N N 350 
TYR O    O N N 351 
TYR CB   C N N 352 
TYR CG   C Y N 353 
TYR CD1  C Y N 354 
TYR CD2  C Y N 355 
TYR CE1  C Y N 356 
TYR CE2  C Y N 357 
TYR CZ   C Y N 358 
TYR OH   O N N 359 
TYR OXT  O N N 360 
TYR H    H N N 361 
TYR H2   H N N 362 
TYR HA   H N N 363 
TYR HB2  H N N 364 
TYR HB3  H N N 365 
TYR HD1  H N N 366 
TYR HD2  H N N 367 
TYR HE1  H N N 368 
TYR HE2  H N N 369 
TYR HH   H N N 370 
TYR HXT  H N N 371 
VAL N    N N N 372 
VAL CA   C N S 373 
VAL C    C N N 374 
VAL O    O N N 375 
VAL CB   C N N 376 
VAL CG1  C N N 377 
VAL CG2  C N N 378 
VAL OXT  O N N 379 
VAL H    H N N 380 
VAL H2   H N N 381 
VAL HA   H N N 382 
VAL HB   H N N 383 
VAL HG11 H N N 384 
VAL HG12 H N N 385 
VAL HG13 H N N 386 
VAL HG21 H N N 387 
VAL HG22 H N N 388 
VAL HG23 H N N 389 
VAL HXT  H N N 390 
# 
loop_
_chem_comp_bond.comp_id 
_chem_comp_bond.atom_id_1 
_chem_comp_bond.atom_id_2 
_chem_comp_bond.value_order 
_chem_comp_bond.pdbx_aromatic_flag 
_chem_comp_bond.pdbx_stereo_config 
_chem_comp_bond.pdbx_ordinal 
ALA N   CA   sing N N 1   
ALA N   H    sing N N 2   
ALA N   H2   sing N N 3   
ALA CA  C    sing N N 4   
ALA CA  CB   sing N N 5   
ALA CA  HA   sing N N 6   
ALA C   O    doub N N 7   
ALA C   OXT  sing N N 8   
ALA CB  HB1  sing N N 9   
ALA CB  HB2  sing N N 10  
ALA CB  HB3  sing N N 11  
ALA OXT HXT  sing N N 12  
ARG N   CA   sing N N 13  
ARG N   H    sing N N 14  
ARG N   H2   sing N N 15  
ARG CA  C    sing N N 16  
ARG CA  CB   sing N N 17  
ARG CA  HA   sing N N 18  
ARG C   O    doub N N 19  
ARG C   OXT  sing N N 20  
ARG CB  CG   sing N N 21  
ARG CB  HB2  sing N N 22  
ARG CB  HB3  sing N N 23  
ARG CG  CD   sing N N 24  
ARG CG  HG2  sing N N 25  
ARG CG  HG3  sing N N 26  
ARG CD  NE   sing N N 27  
ARG CD  HD2  sing N N 28  
ARG CD  HD3  sing N N 29  
ARG NE  CZ   sing N N 30  
ARG NE  HE   sing N N 31  
ARG CZ  NH1  sing N N 32  
ARG CZ  NH2  doub N N 33  
ARG NH1 HH11 sing N N 34  
ARG NH1 HH12 sing N N 35  
ARG NH2 HH21 sing N N 36  
ARG NH2 HH22 sing N N 37  
ARG OXT HXT  sing N N 38  
ASN N   CA   sing N N 39  
ASN N   H    sing N N 40  
ASN N   H2   sing N N 41  
ASN CA  C    sing N N 42  
ASN CA  CB   sing N N 43  
ASN CA  HA   sing N N 44  
ASN C   O    doub N N 45  
ASN C   OXT  sing N N 46  
ASN CB  CG   sing N N 47  
ASN CB  HB2  sing N N 48  
ASN CB  HB3  sing N N 49  
ASN CG  OD1  doub N N 50  
ASN CG  ND2  sing N N 51  
ASN ND2 HD21 sing N N 52  
ASN ND2 HD22 sing N N 53  
ASN OXT HXT  sing N N 54  
ASP N   CA   sing N N 55  
ASP N   H    sing N N 56  
ASP N   H2   sing N N 57  
ASP CA  C    sing N N 58  
ASP CA  CB   sing N N 59  
ASP CA  HA   sing N N 60  
ASP C   O    doub N N 61  
ASP C   OXT  sing N N 62  
ASP CB  CG   sing N N 63  
ASP CB  HB2  sing N N 64  
ASP CB  HB3  sing N N 65  
ASP CG  OD1  doub N N 66  
ASP CG  OD2  sing N N 67  
ASP OD2 HD2  sing N N 68  
ASP OXT HXT  sing N N 69  
CYS N   CA   sing N N 70  
CYS N   H    sing N N 71  
CYS N   H2   sing N N 72  
CYS CA  C    sing N N 73  
CYS CA  CB   sing N N 74  
CYS CA  HA   sing N N 75  
CYS C   O    doub N N 76  
CYS C   OXT  sing N N 77  
CYS CB  SG   sing N N 78  
CYS CB  HB2  sing N N 79  
CYS CB  HB3  sing N N 80  
CYS SG  HG   sing N N 81  
CYS OXT HXT  sing N N 82  
GLN N   CA   sing N N 83  
GLN N   H    sing N N 84  
GLN N   H2   sing N N 85  
GLN CA  C    sing N N 86  
GLN CA  CB   sing N N 87  
GLN CA  HA   sing N N 88  
GLN C   O    doub N N 89  
GLN C   OXT  sing N N 90  
GLN CB  CG   sing N N 91  
GLN CB  HB2  sing N N 92  
GLN CB  HB3  sing N N 93  
GLN CG  CD   sing N N 94  
GLN CG  HG2  sing N N 95  
GLN CG  HG3  sing N N 96  
GLN CD  OE1  doub N N 97  
GLN CD  NE2  sing N N 98  
GLN NE2 HE21 sing N N 99  
GLN NE2 HE22 sing N N 100 
GLN OXT HXT  sing N N 101 
GLU N   CA   sing N N 102 
GLU N   H    sing N N 103 
GLU N   H2   sing N N 104 
GLU CA  C    sing N N 105 
GLU CA  CB   sing N N 106 
GLU CA  HA   sing N N 107 
GLU C   O    doub N N 108 
GLU C   OXT  sing N N 109 
GLU CB  CG   sing N N 110 
GLU CB  HB2  sing N N 111 
GLU CB  HB3  sing N N 112 
GLU CG  CD   sing N N 113 
GLU CG  HG2  sing N N 114 
GLU CG  HG3  sing N N 115 
GLU CD  OE1  doub N N 116 
GLU CD  OE2  sing N N 117 
GLU OE2 HE2  sing N N 118 
GLU OXT HXT  sing N N 119 
GLY N   CA   sing N N 120 
GLY N   H    sing N N 121 
GLY N   H2   sing N N 122 
GLY CA  C    sing N N 123 
GLY CA  HA2  sing N N 124 
GLY CA  HA3  sing N N 125 
GLY C   O    doub N N 126 
GLY C   OXT  sing N N 127 
GLY OXT HXT  sing N N 128 
HIS N   CA   sing N N 129 
HIS N   H    sing N N 130 
HIS N   H2   sing N N 131 
HIS CA  C    sing N N 132 
HIS CA  CB   sing N N 133 
HIS CA  HA   sing N N 134 
HIS C   O    doub N N 135 
HIS C   OXT  sing N N 136 
HIS CB  CG   sing N N 137 
HIS CB  HB2  sing N N 138 
HIS CB  HB3  sing N N 139 
HIS CG  ND1  sing Y N 140 
HIS CG  CD2  doub Y N 141 
HIS ND1 CE1  doub Y N 142 
HIS ND1 HD1  sing N N 143 
HIS CD2 NE2  sing Y N 144 
HIS CD2 HD2  sing N N 145 
HIS CE1 NE2  sing Y N 146 
HIS CE1 HE1  sing N N 147 
HIS NE2 HE2  sing N N 148 
HIS OXT HXT  sing N N 149 
HOH O   H1   sing N N 150 
HOH O   H2   sing N N 151 
ILE N   CA   sing N N 152 
ILE N   H    sing N N 153 
ILE N   H2   sing N N 154 
ILE CA  C    sing N N 155 
ILE CA  CB   sing N N 156 
ILE CA  HA   sing N N 157 
ILE C   O    doub N N 158 
ILE C   OXT  sing N N 159 
ILE CB  CG1  sing N N 160 
ILE CB  CG2  sing N N 161 
ILE CB  HB   sing N N 162 
ILE CG1 CD1  sing N N 163 
ILE CG1 HG12 sing N N 164 
ILE CG1 HG13 sing N N 165 
ILE CG2 HG21 sing N N 166 
ILE CG2 HG22 sing N N 167 
ILE CG2 HG23 sing N N 168 
ILE CD1 HD11 sing N N 169 
ILE CD1 HD12 sing N N 170 
ILE CD1 HD13 sing N N 171 
ILE OXT HXT  sing N N 172 
LEU N   CA   sing N N 173 
LEU N   H    sing N N 174 
LEU N   H2   sing N N 175 
LEU CA  C    sing N N 176 
LEU CA  CB   sing N N 177 
LEU CA  HA   sing N N 178 
LEU C   O    doub N N 179 
LEU C   OXT  sing N N 180 
LEU CB  CG   sing N N 181 
LEU CB  HB2  sing N N 182 
LEU CB  HB3  sing N N 183 
LEU CG  CD1  sing N N 184 
LEU CG  CD2  sing N N 185 
LEU CG  HG   sing N N 186 
LEU CD1 HD11 sing N N 187 
LEU CD1 HD12 sing N N 188 
LEU CD1 HD13 sing N N 189 
LEU CD2 HD21 sing N N 190 
LEU CD2 HD22 sing N N 191 
LEU CD2 HD23 sing N N 192 
LEU OXT HXT  sing N N 193 
LYS N   CA   sing N N 194 
LYS N   H    sing N N 195 
LYS N   H2   sing N N 196 
LYS CA  C    sing N N 197 
LYS CA  CB   sing N N 198 
LYS CA  HA   sing N N 199 
LYS C   O    doub N N 200 
LYS C   OXT  sing N N 201 
LYS CB  CG   sing N N 202 
LYS CB  HB2  sing N N 203 
LYS CB  HB3  sing N N 204 
LYS CG  CD   sing N N 205 
LYS CG  HG2  sing N N 206 
LYS CG  HG3  sing N N 207 
LYS CD  CE   sing N N 208 
LYS CD  HD2  sing N N 209 
LYS CD  HD3  sing N N 210 
LYS CE  NZ   sing N N 211 
LYS CE  HE2  sing N N 212 
LYS CE  HE3  sing N N 213 
LYS NZ  HZ1  sing N N 214 
LYS NZ  HZ2  sing N N 215 
LYS NZ  HZ3  sing N N 216 
LYS OXT HXT  sing N N 217 
MET N   CA   sing N N 218 
MET N   H    sing N N 219 
MET N   H2   sing N N 220 
MET CA  C    sing N N 221 
MET CA  CB   sing N N 222 
MET CA  HA   sing N N 223 
MET C   O    doub N N 224 
MET C   OXT  sing N N 225 
MET CB  CG   sing N N 226 
MET CB  HB2  sing N N 227 
MET CB  HB3  sing N N 228 
MET CG  SD   sing N N 229 
MET CG  HG2  sing N N 230 
MET CG  HG3  sing N N 231 
MET SD  CE   sing N N 232 
MET CE  HE1  sing N N 233 
MET CE  HE2  sing N N 234 
MET CE  HE3  sing N N 235 
MET OXT HXT  sing N N 236 
PHE N   CA   sing N N 237 
PHE N   H    sing N N 238 
PHE N   H2   sing N N 239 
PHE CA  C    sing N N 240 
PHE CA  CB   sing N N 241 
PHE CA  HA   sing N N 242 
PHE C   O    doub N N 243 
PHE C   OXT  sing N N 244 
PHE CB  CG   sing N N 245 
PHE CB  HB2  sing N N 246 
PHE CB  HB3  sing N N 247 
PHE CG  CD1  doub Y N 248 
PHE CG  CD2  sing Y N 249 
PHE CD1 CE1  sing Y N 250 
PHE CD1 HD1  sing N N 251 
PHE CD2 CE2  doub Y N 252 
PHE CD2 HD2  sing N N 253 
PHE CE1 CZ   doub Y N 254 
PHE CE1 HE1  sing N N 255 
PHE CE2 CZ   sing Y N 256 
PHE CE2 HE2  sing N N 257 
PHE CZ  HZ   sing N N 258 
PHE OXT HXT  sing N N 259 
PRO N   CA   sing N N 260 
PRO N   CD   sing N N 261 
PRO N   H    sing N N 262 
PRO CA  C    sing N N 263 
PRO CA  CB   sing N N 264 
PRO CA  HA   sing N N 265 
PRO C   O    doub N N 266 
PRO C   OXT  sing N N 267 
PRO CB  CG   sing N N 268 
PRO CB  HB2  sing N N 269 
PRO CB  HB3  sing N N 270 
PRO CG  CD   sing N N 271 
PRO CG  HG2  sing N N 272 
PRO CG  HG3  sing N N 273 
PRO CD  HD2  sing N N 274 
PRO CD  HD3  sing N N 275 
PRO OXT HXT  sing N N 276 
SER N   CA   sing N N 277 
SER N   H    sing N N 278 
SER N   H2   sing N N 279 
SER CA  C    sing N N 280 
SER CA  CB   sing N N 281 
SER CA  HA   sing N N 282 
SER C   O    doub N N 283 
SER C   OXT  sing N N 284 
SER CB  OG   sing N N 285 
SER CB  HB2  sing N N 286 
SER CB  HB3  sing N N 287 
SER OG  HG   sing N N 288 
SER OXT HXT  sing N N 289 
THR N   CA   sing N N 290 
THR N   H    sing N N 291 
THR N   H2   sing N N 292 
THR CA  C    sing N N 293 
THR CA  CB   sing N N 294 
THR CA  HA   sing N N 295 
THR C   O    doub N N 296 
THR C   OXT  sing N N 297 
THR CB  OG1  sing N N 298 
THR CB  CG2  sing N N 299 
THR CB  HB   sing N N 300 
THR OG1 HG1  sing N N 301 
THR CG2 HG21 sing N N 302 
THR CG2 HG22 sing N N 303 
THR CG2 HG23 sing N N 304 
THR OXT HXT  sing N N 305 
TRP N   CA   sing N N 306 
TRP N   H    sing N N 307 
TRP N   H2   sing N N 308 
TRP CA  C    sing N N 309 
TRP CA  CB   sing N N 310 
TRP CA  HA   sing N N 311 
TRP C   O    doub N N 312 
TRP C   OXT  sing N N 313 
TRP CB  CG   sing N N 314 
TRP CB  HB2  sing N N 315 
TRP CB  HB3  sing N N 316 
TRP CG  CD1  doub Y N 317 
TRP CG  CD2  sing Y N 318 
TRP CD1 NE1  sing Y N 319 
TRP CD1 HD1  sing N N 320 
TRP CD2 CE2  doub Y N 321 
TRP CD2 CE3  sing Y N 322 
TRP NE1 CE2  sing Y N 323 
TRP NE1 HE1  sing N N 324 
TRP CE2 CZ2  sing Y N 325 
TRP CE3 CZ3  doub Y N 326 
TRP CE3 HE3  sing N N 327 
TRP CZ2 CH2  doub Y N 328 
TRP CZ2 HZ2  sing N N 329 
TRP CZ3 CH2  sing Y N 330 
TRP CZ3 HZ3  sing N N 331 
TRP CH2 HH2  sing N N 332 
TRP OXT HXT  sing N N 333 
TYR N   CA   sing N N 334 
TYR N   H    sing N N 335 
TYR N   H2   sing N N 336 
TYR CA  C    sing N N 337 
TYR CA  CB   sing N N 338 
TYR CA  HA   sing N N 339 
TYR C   O    doub N N 340 
TYR C   OXT  sing N N 341 
TYR CB  CG   sing N N 342 
TYR CB  HB2  sing N N 343 
TYR CB  HB3  sing N N 344 
TYR CG  CD1  doub Y N 345 
TYR CG  CD2  sing Y N 346 
TYR CD1 CE1  sing Y N 347 
TYR CD1 HD1  sing N N 348 
TYR CD2 CE2  doub Y N 349 
TYR CD2 HD2  sing N N 350 
TYR CE1 CZ   doub Y N 351 
TYR CE1 HE1  sing N N 352 
TYR CE2 CZ   sing Y N 353 
TYR CE2 HE2  sing N N 354 
TYR CZ  OH   sing N N 355 
TYR OH  HH   sing N N 356 
TYR OXT HXT  sing N N 357 
VAL N   CA   sing N N 358 
VAL N   H    sing N N 359 
VAL N   H2   sing N N 360 
VAL CA  C    sing N N 361 
VAL CA  CB   sing N N 362 
VAL CA  HA   sing N N 363 
VAL C   O    doub N N 364 
VAL C   OXT  sing N N 365 
VAL CB  CG1  sing N N 366 
VAL CB  CG2  sing N N 367 
VAL CB  HB   sing N N 368 
VAL CG1 HG11 sing N N 369 
VAL CG1 HG12 sing N N 370 
VAL CG1 HG13 sing N N 371 
VAL CG2 HG21 sing N N 372 
VAL CG2 HG22 sing N N 373 
VAL CG2 HG23 sing N N 374 
VAL OXT HXT  sing N N 375 
# 
_pdbx_entity_nonpoly.entity_id   2 
_pdbx_entity_nonpoly.name        water 
_pdbx_entity_nonpoly.comp_id     HOH 
# 
_pdbx_initial_refinement_model.id               1 
_pdbx_initial_refinement_model.entity_id_list   ? 
_pdbx_initial_refinement_model.type             'experimental model' 
_pdbx_initial_refinement_model.source_name      PDB 
_pdbx_initial_refinement_model.accession_code   2RAP 
_pdbx_initial_refinement_model.details          'PDB ENTRY 2RAP' 
# 
